data_8CQY
# 
_entry.id   8CQY 
# 
_audit_conform.dict_name       mmcif_pdbx.dic 
_audit_conform.dict_version    5.394 
_audit_conform.dict_location   http://mmcif.pdb.org/dictionaries/ascii/mmcif_pdbx.dic 
# 
loop_
_database_2.database_id 
_database_2.database_code 
_database_2.pdbx_database_accession 
_database_2.pdbx_DOI 
PDB   8CQY         pdb_00008cqy 10.2210/pdb8cqy/pdb 
WWPDB D_1292129040 ?            ?                   
# 
loop_
_pdbx_audit_revision_history.ordinal 
_pdbx_audit_revision_history.data_content_type 
_pdbx_audit_revision_history.major_revision 
_pdbx_audit_revision_history.minor_revision 
_pdbx_audit_revision_history.revision_date 
1 'Structure model' 1 0 2023-05-10 
2 'Structure model' 1 1 2023-05-31 
3 'Structure model' 1 2 2024-06-19 
# 
_pdbx_audit_revision_details.ordinal             1 
_pdbx_audit_revision_details.revision_ordinal    1 
_pdbx_audit_revision_details.data_content_type   'Structure model' 
_pdbx_audit_revision_details.provider            repository 
_pdbx_audit_revision_details.type                'Initial release' 
_pdbx_audit_revision_details.description         ? 
_pdbx_audit_revision_details.details             ? 
# 
loop_
_pdbx_audit_revision_group.ordinal 
_pdbx_audit_revision_group.revision_ordinal 
_pdbx_audit_revision_group.data_content_type 
_pdbx_audit_revision_group.group 
1 2 'Structure model' 'Database references' 
2 3 'Structure model' 'Data collection'     
# 
loop_
_pdbx_audit_revision_category.ordinal 
_pdbx_audit_revision_category.revision_ordinal 
_pdbx_audit_revision_category.data_content_type 
_pdbx_audit_revision_category.category 
1 2 'Structure model' citation       
2 3 'Structure model' chem_comp_atom 
3 3 'Structure model' chem_comp_bond 
# 
loop_
_pdbx_audit_revision_item.ordinal 
_pdbx_audit_revision_item.revision_ordinal 
_pdbx_audit_revision_item.data_content_type 
_pdbx_audit_revision_item.item 
1 2 'Structure model' '_citation.page_first'              
2 2 'Structure model' '_citation.page_last'               
3 2 'Structure model' '_citation.pdbx_database_id_DOI'    
4 2 'Structure model' '_citation.pdbx_database_id_PubMed' 
5 2 'Structure model' '_citation.title'                   
# 
_pdbx_database_status.status_code                     REL 
_pdbx_database_status.status_code_sf                  REL 
_pdbx_database_status.status_code_mr                  ? 
_pdbx_database_status.entry_id                        8CQY 
_pdbx_database_status.recvd_initial_deposition_date   2023-03-07 
_pdbx_database_status.SG_entry                        N 
_pdbx_database_status.deposit_site                    PDBE 
_pdbx_database_status.process_site                    PDBE 
_pdbx_database_status.status_code_cs                  ? 
_pdbx_database_status.status_code_nmr_data            ? 
_pdbx_database_status.methods_development_category    ? 
_pdbx_database_status.pdb_format_compatible           Y 
# 
loop_
_pdbx_contact_author.id 
_pdbx_contact_author.email 
_pdbx_contact_author.name_first 
_pdbx_contact_author.name_last 
_pdbx_contact_author.name_mi 
_pdbx_contact_author.role 
_pdbx_contact_author.identifier_ORCID 
2 celia.caillet-saguy@pasteur.fr Celia   Caillet-Saguy ? 'principal investigator/group leader' 0000-0001-5066-0435 
3 nicolas.wolff@pasteur.fr       Nicolas Wolff         ? 'principal investigator/group leader' 0000-0002-4950-706X 
# 
loop_
_audit_author.name 
_audit_author.pdbx_ordinal 
_audit_author.identifier_ORCID 
'Genera, M.'             1 0000-0002-0999-4182 
'Colcombet-Cazenave, B.' 2 0000-0002-1594-8350 
'Croitoru, A.'           3 0000-0003-1335-3940 
'Raynal, B.'             4 0000-0001-5634-0408 
'Mechaly, A.'            5 0000-0002-5305-7495 
'Caillet, J.'            6 0000-0001-6510-3033 
'Haouz, A.'              7 0000-0003-1196-1635 
'Wolff, N.'              8 0000-0002-4950-706X 
'Caillet-Saguy, C.'      9 0000-0001-5066-0435 
# 
_citation.abstract                  ? 
_citation.abstract_id_CAS           ? 
_citation.book_id_ISBN              ? 
_citation.book_publisher            ? 
_citation.book_publisher_city       ? 
_citation.book_title                ? 
_citation.coordinate_linkage        ? 
_citation.country                   CH 
_citation.database_id_Medline       ? 
_citation.details                   ? 
_citation.id                        primary 
_citation.journal_abbrev            'Front Mol Biosci' 
_citation.journal_id_ASTM           ? 
_citation.journal_id_CSD            ? 
_citation.journal_id_ISSN           2296-889X 
_citation.journal_full              ? 
_citation.journal_issue             ? 
_citation.journal_volume            10 
_citation.language                  ? 
_citation.page_first                1192621 
_citation.page_last                 1192621 
_citation.title                     
;Interactions of the protein tyrosine phosphatase PTPN3 with viral and cellular partners through its PDZ domain: insights into structural determinants and phosphatase activity.
;
_citation.year                      2023 
_citation.database_id_CSD           ? 
_citation.pdbx_database_id_DOI      10.3389/fmolb.2023.1192621 
_citation.pdbx_database_id_PubMed   37200868 
_citation.pdbx_database_id_patent   ? 
_citation.unpublished_flag          ? 
# 
loop_
_citation_author.citation_id 
_citation_author.name 
_citation_author.ordinal 
_citation_author.identifier_ORCID 
primary 'Genera, M.'             1 ? 
primary 'Colcombet-Cazenave, B.' 2 ? 
primary 'Croitoru, A.'           3 ? 
primary 'Raynal, B.'             4 ? 
primary 'Mechaly, A.'            5 ? 
primary 'Caillet, J.'            6 ? 
primary 'Haouz, A.'              7 ? 
primary 'Wolff, N.'              8 ? 
primary 'Caillet-Saguy, C.'      9 ? 
# 
loop_
_entity.id 
_entity.type 
_entity.src_method 
_entity.pdbx_description 
_entity.formula_weight 
_entity.pdbx_number_of_molecules 
_entity.pdbx_ec 
_entity.pdbx_mutation 
_entity.pdbx_fragment 
_entity.details 
1 polymer     man 'Tyrosine-protein phosphatase non-receptor type 3'               12709.242 1  3.1.3.48  ? ? ? 
2 polymer     syn 'Disintegrin and metalloproteinase domain-containing protein 17' 1467.585  1  3.4.24.86 ? ? ? 
3 non-polymer syn 'SODIUM ION'                                                     22.990    2  ?         ? ? ? 
4 water       nat water                                                            18.015    22 ?         ? ? ? 
# 
loop_
_entity_name_com.entity_id 
_entity_name_com.name 
1 'Protein-tyrosine phosphatase H1,PTP-H1'                                             
2 'ADAM 17,Snake venom-like protease,TNF-alpha convertase,TNF-alpha-converting enzyme' 
# 
loop_
_entity_poly.entity_id 
_entity_poly.type 
_entity_poly.nstd_linkage 
_entity_poly.nstd_monomer 
_entity_poly.pdbx_seq_one_letter_code 
_entity_poly.pdbx_seq_one_letter_code_can 
_entity_poly.pdbx_strand_id 
_entity_poly.pdbx_target_identifier 
1 'polypeptide(L)' no no 
;GAMGSSTEDASQYYCDKNDNGDSYLVLIRITPDEDGKFGFNLKGGVDQKMPLVVSRINPESPADTCIPKLNEGDQIVLIN
GRDISEHTHDQVVMFIKASRESHSRELALVIRRR
;
;GAMGSSTEDASQYYCDKNDNGDSYLVLIRITPDEDGKFGFNLKGGVDQKMPLVVSRINPESPADTCIPKLNEGDQIVLIN
GRDISEHTHDQVVMFIKASRESHSRELALVIRRR
;
A ? 
2 'polypeptide(L)' no no RQNRVDSKETEC RQNRVDSKETEC B ? 
# 
loop_
_pdbx_entity_nonpoly.entity_id 
_pdbx_entity_nonpoly.name 
_pdbx_entity_nonpoly.comp_id 
3 'SODIUM ION' NA  
4 water        HOH 
# 
loop_
_entity_poly_seq.entity_id 
_entity_poly_seq.num 
_entity_poly_seq.mon_id 
_entity_poly_seq.hetero 
1 1   GLY n 
1 2   ALA n 
1 3   MET n 
1 4   GLY n 
1 5   SER n 
1 6   SER n 
1 7   THR n 
1 8   GLU n 
1 9   ASP n 
1 10  ALA n 
1 11  SER n 
1 12  GLN n 
1 13  TYR n 
1 14  TYR n 
1 15  CYS n 
1 16  ASP n 
1 17  LYS n 
1 18  ASN n 
1 19  ASP n 
1 20  ASN n 
1 21  GLY n 
1 22  ASP n 
1 23  SER n 
1 24  TYR n 
1 25  LEU n 
1 26  VAL n 
1 27  LEU n 
1 28  ILE n 
1 29  ARG n 
1 30  ILE n 
1 31  THR n 
1 32  PRO n 
1 33  ASP n 
1 34  GLU n 
1 35  ASP n 
1 36  GLY n 
1 37  LYS n 
1 38  PHE n 
1 39  GLY n 
1 40  PHE n 
1 41  ASN n 
1 42  LEU n 
1 43  LYS n 
1 44  GLY n 
1 45  GLY n 
1 46  VAL n 
1 47  ASP n 
1 48  GLN n 
1 49  LYS n 
1 50  MET n 
1 51  PRO n 
1 52  LEU n 
1 53  VAL n 
1 54  VAL n 
1 55  SER n 
1 56  ARG n 
1 57  ILE n 
1 58  ASN n 
1 59  PRO n 
1 60  GLU n 
1 61  SER n 
1 62  PRO n 
1 63  ALA n 
1 64  ASP n 
1 65  THR n 
1 66  CYS n 
1 67  ILE n 
1 68  PRO n 
1 69  LYS n 
1 70  LEU n 
1 71  ASN n 
1 72  GLU n 
1 73  GLY n 
1 74  ASP n 
1 75  GLN n 
1 76  ILE n 
1 77  VAL n 
1 78  LEU n 
1 79  ILE n 
1 80  ASN n 
1 81  GLY n 
1 82  ARG n 
1 83  ASP n 
1 84  ILE n 
1 85  SER n 
1 86  GLU n 
1 87  HIS n 
1 88  THR n 
1 89  HIS n 
1 90  ASP n 
1 91  GLN n 
1 92  VAL n 
1 93  VAL n 
1 94  MET n 
1 95  PHE n 
1 96  ILE n 
1 97  LYS n 
1 98  ALA n 
1 99  SER n 
1 100 ARG n 
1 101 GLU n 
1 102 SER n 
1 103 HIS n 
1 104 SER n 
1 105 ARG n 
1 106 GLU n 
1 107 LEU n 
1 108 ALA n 
1 109 LEU n 
1 110 VAL n 
1 111 ILE n 
1 112 ARG n 
1 113 ARG n 
1 114 ARG n 
2 1   ARG n 
2 2   GLN n 
2 3   ASN n 
2 4   ARG n 
2 5   VAL n 
2 6   ASP n 
2 7   SER n 
2 8   LYS n 
2 9   GLU n 
2 10  THR n 
2 11  GLU n 
2 12  CYS n 
# 
_entity_src_gen.entity_id                          1 
_entity_src_gen.pdbx_src_id                        1 
_entity_src_gen.pdbx_alt_source_flag               sample 
_entity_src_gen.pdbx_seq_type                      'Biological sequence' 
_entity_src_gen.pdbx_beg_seq_num                   1 
_entity_src_gen.pdbx_end_seq_num                   114 
_entity_src_gen.gene_src_common_name               human 
_entity_src_gen.gene_src_genus                     ? 
_entity_src_gen.pdbx_gene_src_gene                 'PTPN3, PTPH1' 
_entity_src_gen.gene_src_species                   ? 
_entity_src_gen.gene_src_strain                    ? 
_entity_src_gen.gene_src_tissue                    ? 
_entity_src_gen.gene_src_tissue_fraction           ? 
_entity_src_gen.gene_src_details                   ? 
_entity_src_gen.pdbx_gene_src_fragment             ? 
_entity_src_gen.pdbx_gene_src_scientific_name      'Homo sapiens' 
_entity_src_gen.pdbx_gene_src_ncbi_taxonomy_id     9606 
_entity_src_gen.pdbx_gene_src_variant              ? 
_entity_src_gen.pdbx_gene_src_cell_line            ? 
_entity_src_gen.pdbx_gene_src_atcc                 ? 
_entity_src_gen.pdbx_gene_src_organ                ? 
_entity_src_gen.pdbx_gene_src_organelle            ? 
_entity_src_gen.pdbx_gene_src_cell                 ? 
_entity_src_gen.pdbx_gene_src_cellular_location    ? 
_entity_src_gen.host_org_common_name               ? 
_entity_src_gen.pdbx_host_org_scientific_name      'Escherichia coli BL21(DE3)' 
_entity_src_gen.pdbx_host_org_ncbi_taxonomy_id     469008 
_entity_src_gen.host_org_genus                     ? 
_entity_src_gen.pdbx_host_org_gene                 ? 
_entity_src_gen.pdbx_host_org_organ                ? 
_entity_src_gen.host_org_species                   ? 
_entity_src_gen.pdbx_host_org_tissue               ? 
_entity_src_gen.pdbx_host_org_tissue_fraction      ? 
_entity_src_gen.pdbx_host_org_strain               ? 
_entity_src_gen.pdbx_host_org_variant              ? 
_entity_src_gen.pdbx_host_org_cell_line            ? 
_entity_src_gen.pdbx_host_org_atcc                 ? 
_entity_src_gen.pdbx_host_org_culture_collection   ? 
_entity_src_gen.pdbx_host_org_cell                 ? 
_entity_src_gen.pdbx_host_org_organelle            ? 
_entity_src_gen.pdbx_host_org_cellular_location    ? 
_entity_src_gen.pdbx_host_org_vector_type          ? 
_entity_src_gen.pdbx_host_org_vector               ? 
_entity_src_gen.host_org_details                   ? 
_entity_src_gen.expression_system_id               ? 
_entity_src_gen.plasmid_name                       ? 
_entity_src_gen.plasmid_details                    ? 
_entity_src_gen.pdbx_description                   ? 
# 
_pdbx_entity_src_syn.entity_id              2 
_pdbx_entity_src_syn.pdbx_src_id            1 
_pdbx_entity_src_syn.pdbx_alt_source_flag   sample 
_pdbx_entity_src_syn.pdbx_beg_seq_num       1 
_pdbx_entity_src_syn.pdbx_end_seq_num       12 
_pdbx_entity_src_syn.organism_scientific    'Homo sapiens' 
_pdbx_entity_src_syn.organism_common_name   human 
_pdbx_entity_src_syn.ncbi_taxonomy_id       9606 
_pdbx_entity_src_syn.details                ? 
# 
loop_
_chem_comp.id 
_chem_comp.type 
_chem_comp.mon_nstd_flag 
_chem_comp.name 
_chem_comp.pdbx_synonyms 
_chem_comp.formula 
_chem_comp.formula_weight 
ALA 'L-peptide linking' y ALANINE         ? 'C3 H7 N O2'     89.093  
ARG 'L-peptide linking' y ARGININE        ? 'C6 H15 N4 O2 1' 175.209 
ASN 'L-peptide linking' y ASPARAGINE      ? 'C4 H8 N2 O3'    132.118 
ASP 'L-peptide linking' y 'ASPARTIC ACID' ? 'C4 H7 N O4'     133.103 
CYS 'L-peptide linking' y CYSTEINE        ? 'C3 H7 N O2 S'   121.158 
GLN 'L-peptide linking' y GLUTAMINE       ? 'C5 H10 N2 O3'   146.144 
GLU 'L-peptide linking' y 'GLUTAMIC ACID' ? 'C5 H9 N O4'     147.129 
GLY 'peptide linking'   y GLYCINE         ? 'C2 H5 N O2'     75.067  
HIS 'L-peptide linking' y HISTIDINE       ? 'C6 H10 N3 O2 1' 156.162 
HOH non-polymer         . WATER           ? 'H2 O'           18.015  
ILE 'L-peptide linking' y ISOLEUCINE      ? 'C6 H13 N O2'    131.173 
LEU 'L-peptide linking' y LEUCINE         ? 'C6 H13 N O2'    131.173 
LYS 'L-peptide linking' y LYSINE          ? 'C6 H15 N2 O2 1' 147.195 
MET 'L-peptide linking' y METHIONINE      ? 'C5 H11 N O2 S'  149.211 
NA  non-polymer         . 'SODIUM ION'    ? 'Na 1'           22.990  
PHE 'L-peptide linking' y PHENYLALANINE   ? 'C9 H11 N O2'    165.189 
PRO 'L-peptide linking' y PROLINE         ? 'C5 H9 N O2'     115.130 
SER 'L-peptide linking' y SERINE          ? 'C3 H7 N O3'     105.093 
THR 'L-peptide linking' y THREONINE       ? 'C4 H9 N O3'     119.119 
TYR 'L-peptide linking' y TYROSINE        ? 'C9 H11 N O3'    181.189 
VAL 'L-peptide linking' y VALINE          ? 'C5 H11 N O2'    117.146 
# 
loop_
_pdbx_poly_seq_scheme.asym_id 
_pdbx_poly_seq_scheme.entity_id 
_pdbx_poly_seq_scheme.seq_id 
_pdbx_poly_seq_scheme.mon_id 
_pdbx_poly_seq_scheme.ndb_seq_num 
_pdbx_poly_seq_scheme.pdb_seq_num 
_pdbx_poly_seq_scheme.auth_seq_num 
_pdbx_poly_seq_scheme.pdb_mon_id 
_pdbx_poly_seq_scheme.auth_mon_id 
_pdbx_poly_seq_scheme.pdb_strand_id 
_pdbx_poly_seq_scheme.pdb_ins_code 
_pdbx_poly_seq_scheme.hetero 
A 1 1   GLY 1   -16 ?  ?   ?   A . n 
A 1 2   ALA 2   -15 ?  ?   ?   A . n 
A 1 3   MET 3   -14 ?  ?   ?   A . n 
A 1 4   GLY 4   -13 ?  ?   ?   A . n 
A 1 5   SER 5   -12 ?  ?   ?   A . n 
A 1 6   SER 6   -11 ?  ?   ?   A . n 
A 1 7   THR 7   -10 ?  ?   ?   A . n 
A 1 8   GLU 8   -9  ?  ?   ?   A . n 
A 1 9   ASP 9   -8  ?  ?   ?   A . n 
A 1 10  ALA 10  -7  ?  ?   ?   A . n 
A 1 11  SER 11  -6  ?  ?   ?   A . n 
A 1 12  GLN 12  -5  ?  ?   ?   A . n 
A 1 13  TYR 13  -4  ?  ?   ?   A . n 
A 1 14  TYR 14  -3  ?  ?   ?   A . n 
A 1 15  CYS 15  -2  ?  ?   ?   A . n 
A 1 16  ASP 16  -1  ?  ?   ?   A . n 
A 1 17  LYS 17  0   ?  ?   ?   A . n 
A 1 18  ASN 18  1   ?  ?   ?   A . n 
A 1 19  ASP 19  2   ?  ?   ?   A . n 
A 1 20  ASN 20  3   ?  ?   ?   A . n 
A 1 21  GLY 21  4   ?  ?   ?   A . n 
A 1 22  ASP 22  5   5  ASP ASP A . n 
A 1 23  SER 23  6   6  SER SER A . n 
A 1 24  TYR 24  7   7  TYR TYR A . n 
A 1 25  LEU 25  8   8  LEU LEU A . n 
A 1 26  VAL 26  9   9  VAL VAL A . n 
A 1 27  LEU 27  10  10 LEU LEU A . n 
A 1 28  ILE 28  11  11 ILE ILE A . n 
A 1 29  ARG 29  12  12 ARG ARG A . n 
A 1 30  ILE 30  13  13 ILE ILE A . n 
A 1 31  THR 31  14  14 THR THR A . n 
A 1 32  PRO 32  15  15 PRO PRO A . n 
A 1 33  ASP 33  16  16 ASP ASP A . n 
A 1 34  GLU 34  17  17 GLU GLU A . n 
A 1 35  ASP 35  18  18 ASP ASP A . n 
A 1 36  GLY 36  19  19 GLY GLY A . n 
A 1 37  LYS 37  20  20 LYS LYS A . n 
A 1 38  PHE 38  21  21 PHE PHE A . n 
A 1 39  GLY 39  22  22 GLY GLY A . n 
A 1 40  PHE 40  23  23 PHE PHE A . n 
A 1 41  ASN 41  24  24 ASN ASN A . n 
A 1 42  LEU 42  25  25 LEU LEU A . n 
A 1 43  LYS 43  26  26 LYS LYS A . n 
A 1 44  GLY 44  27  27 GLY GLY A . n 
A 1 45  GLY 45  28  28 GLY GLY A . n 
A 1 46  VAL 46  29  29 VAL VAL A . n 
A 1 47  ASP 47  30  30 ASP ASP A . n 
A 1 48  GLN 48  31  31 GLN GLN A . n 
A 1 49  LYS 49  32  32 LYS LYS A . n 
A 1 50  MET 50  33  33 MET MET A . n 
A 1 51  PRO 51  34  34 PRO PRO A . n 
A 1 52  LEU 52  35  35 LEU LEU A . n 
A 1 53  VAL 53  36  36 VAL VAL A . n 
A 1 54  VAL 54  37  37 VAL VAL A . n 
A 1 55  SER 55  38  38 SER SER A . n 
A 1 56  ARG 56  39  39 ARG ARG A . n 
A 1 57  ILE 57  40  40 ILE ILE A . n 
A 1 58  ASN 58  41  41 ASN ASN A . n 
A 1 59  PRO 59  42  42 PRO PRO A . n 
A 1 60  GLU 60  43  43 GLU GLU A . n 
A 1 61  SER 61  44  44 SER SER A . n 
A 1 62  PRO 62  45  45 PRO PRO A . n 
A 1 63  ALA 63  46  46 ALA ALA A . n 
A 1 64  ASP 64  47  47 ASP ASP A . n 
A 1 65  THR 65  48  48 THR THR A . n 
A 1 66  CYS 66  49  49 CYS CYS A . n 
A 1 67  ILE 67  50  50 ILE ILE A . n 
A 1 68  PRO 68  51  51 PRO PRO A . n 
A 1 69  LYS 69  52  52 LYS LYS A . n 
A 1 70  LEU 70  53  53 LEU LEU A . n 
A 1 71  ASN 71  54  54 ASN ASN A . n 
A 1 72  GLU 72  55  55 GLU GLU A . n 
A 1 73  GLY 73  56  56 GLY GLY A . n 
A 1 74  ASP 74  57  57 ASP ASP A . n 
A 1 75  GLN 75  58  58 GLN GLN A . n 
A 1 76  ILE 76  59  59 ILE ILE A . n 
A 1 77  VAL 77  60  60 VAL VAL A . n 
A 1 78  LEU 78  61  61 LEU LEU A . n 
A 1 79  ILE 79  62  62 ILE ILE A . n 
A 1 80  ASN 80  63  63 ASN ASN A . n 
A 1 81  GLY 81  64  64 GLY GLY A . n 
A 1 82  ARG 82  65  65 ARG ARG A . n 
A 1 83  ASP 83  66  66 ASP ASP A . n 
A 1 84  ILE 84  67  67 ILE ILE A . n 
A 1 85  SER 85  68  68 SER SER A . n 
A 1 86  GLU 86  69  69 GLU GLU A . n 
A 1 87  HIS 87  70  70 HIS HIS A . n 
A 1 88  THR 88  71  71 THR THR A . n 
A 1 89  HIS 89  72  72 HIS HIS A . n 
A 1 90  ASP 90  73  73 ASP ASP A . n 
A 1 91  GLN 91  74  74 GLN GLN A . n 
A 1 92  VAL 92  75  75 VAL VAL A . n 
A 1 93  VAL 93  76  76 VAL VAL A . n 
A 1 94  MET 94  77  77 MET MET A . n 
A 1 95  PHE 95  78  78 PHE PHE A . n 
A 1 96  ILE 96  79  79 ILE ILE A . n 
A 1 97  LYS 97  80  80 LYS LYS A . n 
A 1 98  ALA 98  81  81 ALA ALA A . n 
A 1 99  SER 99  82  82 SER SER A . n 
A 1 100 ARG 100 83  83 ARG ARG A . n 
A 1 101 GLU 101 84  84 GLU GLU A . n 
A 1 102 SER 102 85  85 SER SER A . n 
A 1 103 HIS 103 86  86 HIS HIS A . n 
A 1 104 SER 104 87  87 SER SER A . n 
A 1 105 ARG 105 88  88 ARG ARG A . n 
A 1 106 GLU 106 89  89 GLU GLU A . n 
A 1 107 LEU 107 90  90 LEU LEU A . n 
A 1 108 ALA 108 91  91 ALA ALA A . n 
A 1 109 LEU 109 92  92 LEU LEU A . n 
A 1 110 VAL 110 93  93 VAL VAL A . n 
A 1 111 ILE 111 94  94 ILE ILE A . n 
A 1 112 ARG 112 95  95 ARG ARG A . n 
A 1 113 ARG 113 96  96 ARG ARG A . n 
A 1 114 ARG 114 97  97 ARG ARG A . n 
B 2 1   ARG 1   -5  ?  ?   ?   B . n 
B 2 2   GLN 2   -4  ?  ?   ?   B . n 
B 2 3   ASN 3   -3  ?  ?   ?   B . n 
B 2 4   ARG 4   -2  ?  ?   ?   B . n 
B 2 5   VAL 5   -1  ?  ?   ?   B . n 
B 2 6   ASP 6   0   ?  ?   ?   B . n 
B 2 7   SER 7   1   1  SER SER B . n 
B 2 8   LYS 8   2   2  LYS LYS B . n 
B 2 9   GLU 9   3   3  GLU GLU B . n 
B 2 10  THR 10  4   4  THR THR B . n 
B 2 11  GLU 11  5   5  GLU GLU B . n 
B 2 12  CYS 12  6   6  CYS CYS B . n 
# 
loop_
_pdbx_nonpoly_scheme.asym_id 
_pdbx_nonpoly_scheme.entity_id 
_pdbx_nonpoly_scheme.mon_id 
_pdbx_nonpoly_scheme.ndb_seq_num 
_pdbx_nonpoly_scheme.pdb_seq_num 
_pdbx_nonpoly_scheme.auth_seq_num 
_pdbx_nonpoly_scheme.pdb_mon_id 
_pdbx_nonpoly_scheme.auth_mon_id 
_pdbx_nonpoly_scheme.pdb_strand_id 
_pdbx_nonpoly_scheme.pdb_ins_code 
C 3 NA  1  101 1  NA  NA  A . 
D 3 NA  1  102 2  NA  NA  A . 
E 4 HOH 1  201 14 HOH HOH A . 
E 4 HOH 2  202 9  HOH HOH A . 
E 4 HOH 3  203 11 HOH HOH A . 
E 4 HOH 4  204 17 HOH HOH A . 
E 4 HOH 5  205 10 HOH HOH A . 
E 4 HOH 6  206 6  HOH HOH A . 
E 4 HOH 7  207 15 HOH HOH A . 
E 4 HOH 8  208 3  HOH HOH A . 
E 4 HOH 9  209 2  HOH HOH A . 
E 4 HOH 10 210 1  HOH HOH A . 
E 4 HOH 11 211 13 HOH HOH A . 
E 4 HOH 12 212 16 HOH HOH A . 
E 4 HOH 13 213 5  HOH HOH A . 
E 4 HOH 14 214 20 HOH HOH A . 
E 4 HOH 15 215 12 HOH HOH A . 
E 4 HOH 16 216 19 HOH HOH A . 
E 4 HOH 17 217 18 HOH HOH A . 
E 4 HOH 18 218 21 HOH HOH A . 
E 4 HOH 19 219 22 HOH HOH A . 
F 4 HOH 1  101 4  HOH HOH B . 
F 4 HOH 2  102 8  HOH HOH B . 
F 4 HOH 3  103 7  HOH HOH B . 
# 
loop_
_software.citation_id 
_software.classification 
_software.compiler_name 
_software.compiler_version 
_software.contact_author 
_software.contact_author_email 
_software.date 
_software.description 
_software.dependencies 
_software.hardware 
_software.language 
_software.location 
_software.mods 
_software.name 
_software.os 
_software.os_version 
_software.type 
_software.version 
_software.pdbx_ordinal 
? refinement       ? ? ? ? ? ? ? ? ? ? ? REFMAC  ? ? ? 5.8.0230 1 
? 'data reduction' ? ? ? ? ? ? ? ? ? ? ? XDS     ? ? ? .        2 
? 'data scaling'   ? ? ? ? ? ? ? ? ? ? ? Aimless ? ? ? .        3 
? phasing          ? ? ? ? ? ? ? ? ? ? ? PHASER  ? ? ? .        4 
# 
_cell.angle_alpha                  90.00 
_cell.angle_alpha_esd              ? 
_cell.angle_beta                   90.00 
_cell.angle_beta_esd               ? 
_cell.angle_gamma                  120.00 
_cell.angle_gamma_esd              ? 
_cell.entry_id                     8CQY 
_cell.details                      ? 
_cell.formula_units_Z              ? 
_cell.length_a                     76.878 
_cell.length_a_esd                 ? 
_cell.length_b                     76.878 
_cell.length_b_esd                 ? 
_cell.length_c                     46.253 
_cell.length_c_esd                 ? 
_cell.volume                       ? 
_cell.volume_esd                   ? 
_cell.Z_PDB                        6 
_cell.reciprocal_angle_alpha       ? 
_cell.reciprocal_angle_beta        ? 
_cell.reciprocal_angle_gamma       ? 
_cell.reciprocal_angle_alpha_esd   ? 
_cell.reciprocal_angle_beta_esd    ? 
_cell.reciprocal_angle_gamma_esd   ? 
_cell.reciprocal_length_a          ? 
_cell.reciprocal_length_b          ? 
_cell.reciprocal_length_c          ? 
_cell.reciprocal_length_a_esd      ? 
_cell.reciprocal_length_b_esd      ? 
_cell.reciprocal_length_c_esd      ? 
_cell.pdbx_unique_axis             ? 
_cell.pdbx_esd_method              ? 
# 
_symmetry.entry_id                         8CQY 
_symmetry.cell_setting                     ? 
_symmetry.Int_Tables_number                154 
_symmetry.space_group_name_Hall            ? 
_symmetry.space_group_name_H-M             'P 32 2 1' 
_symmetry.pdbx_full_space_group_name_H-M   ? 
# 
_exptl.absorpt_coefficient_mu     ? 
_exptl.absorpt_correction_T_max   ? 
_exptl.absorpt_correction_T_min   ? 
_exptl.absorpt_correction_type    ? 
_exptl.absorpt_process_details    ? 
_exptl.entry_id                   8CQY 
_exptl.crystals_number            1 
_exptl.details                    ? 
_exptl.method                     'X-RAY DIFFRACTION' 
_exptl.method_details             ? 
# 
_exptl_crystal.colour                       ? 
_exptl_crystal.density_diffrn               ? 
_exptl_crystal.density_Matthews             2.78 
_exptl_crystal.density_method               ? 
_exptl_crystal.density_percent_sol          55.81 
_exptl_crystal.description                  ? 
_exptl_crystal.F_000                        ? 
_exptl_crystal.id                           1 
_exptl_crystal.preparation                  ? 
_exptl_crystal.size_max                     ? 
_exptl_crystal.size_mid                     ? 
_exptl_crystal.size_min                     ? 
_exptl_crystal.size_rad                     ? 
_exptl_crystal.colour_lustre                ? 
_exptl_crystal.colour_modifier              ? 
_exptl_crystal.colour_primary               ? 
_exptl_crystal.density_meas                 ? 
_exptl_crystal.density_meas_esd             ? 
_exptl_crystal.density_meas_gt              ? 
_exptl_crystal.density_meas_lt              ? 
_exptl_crystal.density_meas_temp            ? 
_exptl_crystal.density_meas_temp_esd        ? 
_exptl_crystal.density_meas_temp_gt         ? 
_exptl_crystal.density_meas_temp_lt         ? 
_exptl_crystal.pdbx_crystal_image_url       ? 
_exptl_crystal.pdbx_crystal_image_format    ? 
_exptl_crystal.pdbx_mosaicity               ? 
_exptl_crystal.pdbx_mosaicity_esd           ? 
_exptl_crystal.pdbx_mosaic_method           ? 
_exptl_crystal.pdbx_mosaic_block_size       ? 
_exptl_crystal.pdbx_mosaic_block_size_esd   ? 
# 
_exptl_crystal_grow.apparatus       ? 
_exptl_crystal_grow.atmosphere      ? 
_exptl_crystal_grow.crystal_id      1 
_exptl_crystal_grow.details         ? 
_exptl_crystal_grow.method          'VAPOR DIFFUSION, SITTING DROP' 
_exptl_crystal_grow.method_ref      ? 
_exptl_crystal_grow.pH              ? 
_exptl_crystal_grow.pressure        ? 
_exptl_crystal_grow.pressure_esd    ? 
_exptl_crystal_grow.seeding         ? 
_exptl_crystal_grow.seeding_ref     ? 
_exptl_crystal_grow.temp_details    ? 
_exptl_crystal_grow.temp_esd        ? 
_exptl_crystal_grow.time            ? 
_exptl_crystal_grow.pdbx_details    '20% w/v PEG 3350, 0.2 M NaSCN at pH 7' 
_exptl_crystal_grow.pdbx_pH_range   ? 
_exptl_crystal_grow.temp            277.15 
# 
_diffrn.ambient_environment              ? 
_diffrn.ambient_temp                     100 
_diffrn.ambient_temp_details             ? 
_diffrn.ambient_temp_esd                 ? 
_diffrn.crystal_id                       1 
_diffrn.crystal_support                  ? 
_diffrn.crystal_treatment                ? 
_diffrn.details                          ? 
_diffrn.id                               1 
_diffrn.ambient_pressure                 ? 
_diffrn.ambient_pressure_esd             ? 
_diffrn.ambient_pressure_gt              ? 
_diffrn.ambient_pressure_lt              ? 
_diffrn.ambient_temp_gt                  ? 
_diffrn.ambient_temp_lt                  ? 
_diffrn.pdbx_serial_crystal_experiment   N 
# 
_diffrn_detector.details                      ? 
_diffrn_detector.detector                     PIXEL 
_diffrn_detector.diffrn_id                    1 
_diffrn_detector.type                         'DECTRIS EIGER X 16M' 
_diffrn_detector.area_resol_mean              ? 
_diffrn_detector.dtime                        ? 
_diffrn_detector.pdbx_frames_total            ? 
_diffrn_detector.pdbx_collection_time_total   ? 
_diffrn_detector.pdbx_collection_date         2018-04-13 
_diffrn_detector.pdbx_frequency               ? 
_diffrn_detector.id                           ? 
_diffrn_detector.number_of_axes               ? 
# 
_diffrn_radiation.collimation                      ? 
_diffrn_radiation.diffrn_id                        1 
_diffrn_radiation.filter_edge                      ? 
_diffrn_radiation.inhomogeneity                    ? 
_diffrn_radiation.monochromator                    ? 
_diffrn_radiation.polarisn_norm                    ? 
_diffrn_radiation.polarisn_ratio                   ? 
_diffrn_radiation.probe                            ? 
_diffrn_radiation.type                             ? 
_diffrn_radiation.xray_symbol                      ? 
_diffrn_radiation.wavelength_id                    1 
_diffrn_radiation.pdbx_monochromatic_or_laue_m_l   M 
_diffrn_radiation.pdbx_wavelength_list             ? 
_diffrn_radiation.pdbx_wavelength                  ? 
_diffrn_radiation.pdbx_diffrn_protocol             'SINGLE WAVELENGTH' 
_diffrn_radiation.pdbx_analyzer                    ? 
_diffrn_radiation.pdbx_scattering_type             x-ray 
# 
_diffrn_radiation_wavelength.id           1 
_diffrn_radiation_wavelength.wavelength   0.98 
_diffrn_radiation_wavelength.wt           1.0 
# 
_diffrn_source.current                     ? 
_diffrn_source.details                     ? 
_diffrn_source.diffrn_id                   1 
_diffrn_source.power                       ? 
_diffrn_source.size                        ? 
_diffrn_source.source                      SYNCHROTRON 
_diffrn_source.target                      ? 
_diffrn_source.type                        'SOLEIL BEAMLINE PROXIMA 1' 
_diffrn_source.voltage                     ? 
_diffrn_source.take-off_angle              ? 
_diffrn_source.pdbx_wavelength_list        0.98 
_diffrn_source.pdbx_wavelength             ? 
_diffrn_source.pdbx_synchrotron_beamline   'PROXIMA 1' 
_diffrn_source.pdbx_synchrotron_site       SOLEIL 
# 
_reflns.B_iso_Wilson_estimate                          ? 
_reflns.entry_id                                       8CQY 
_reflns.data_reduction_details                         ? 
_reflns.data_reduction_method                          ? 
_reflns.d_resolution_high                              1.7 
_reflns.d_resolution_low                               66.58 
_reflns.details                                        ? 
_reflns.limit_h_max                                    ? 
_reflns.limit_h_min                                    ? 
_reflns.limit_k_max                                    ? 
_reflns.limit_k_min                                    ? 
_reflns.limit_l_max                                    ? 
_reflns.limit_l_min                                    ? 
_reflns.number_all                                     ? 
_reflns.number_obs                                     17566 
_reflns.observed_criterion                             ? 
_reflns.observed_criterion_F_max                       ? 
_reflns.observed_criterion_F_min                       ? 
_reflns.observed_criterion_I_max                       ? 
_reflns.observed_criterion_I_min                       ? 
_reflns.observed_criterion_sigma_F                     ? 
_reflns.observed_criterion_sigma_I                     ? 
_reflns.percent_possible_obs                           99.50 
_reflns.R_free_details                                 ? 
_reflns.Rmerge_F_all                                   ? 
_reflns.Rmerge_F_obs                                   ? 
_reflns.Friedel_coverage                               ? 
_reflns.number_gt                                      ? 
_reflns.threshold_expression                           ? 
_reflns.pdbx_redundancy                                13.9 
_reflns.pdbx_netI_over_av_sigmaI                       ? 
_reflns.pdbx_netI_over_sigmaI                          12.51 
_reflns.pdbx_res_netI_over_av_sigmaI_2                 ? 
_reflns.pdbx_res_netI_over_sigmaI_2                    ? 
_reflns.pdbx_chi_squared                               ? 
_reflns.pdbx_scaling_rejects                           ? 
_reflns.pdbx_d_res_high_opt                            ? 
_reflns.pdbx_d_res_low_opt                             ? 
_reflns.pdbx_d_res_opt_method                          ? 
_reflns.phase_calculation_details                      ? 
_reflns.pdbx_Rrim_I_all                                ? 
_reflns.pdbx_Rpim_I_all                                ? 
_reflns.pdbx_d_opt                                     ? 
_reflns.pdbx_number_measured_all                       ? 
_reflns.pdbx_diffrn_id                                 1 
_reflns.pdbx_ordinal                                   1 
_reflns.pdbx_CC_half                                   0.997 
_reflns.pdbx_CC_star                                   ? 
_reflns.pdbx_R_split                                   ? 
_reflns.pdbx_Rmerge_I_obs                              ? 
_reflns.pdbx_Rmerge_I_all                              ? 
_reflns.pdbx_Rsym_value                                ? 
_reflns.pdbx_CC_split_method                           ? 
_reflns.pdbx_aniso_diffraction_limit_axis_1_ortho[1]   ? 
_reflns.pdbx_aniso_diffraction_limit_axis_1_ortho[2]   ? 
_reflns.pdbx_aniso_diffraction_limit_axis_1_ortho[3]   ? 
_reflns.pdbx_aniso_diffraction_limit_axis_2_ortho[1]   ? 
_reflns.pdbx_aniso_diffraction_limit_axis_2_ortho[2]   ? 
_reflns.pdbx_aniso_diffraction_limit_axis_2_ortho[3]   ? 
_reflns.pdbx_aniso_diffraction_limit_axis_3_ortho[1]   ? 
_reflns.pdbx_aniso_diffraction_limit_axis_3_ortho[2]   ? 
_reflns.pdbx_aniso_diffraction_limit_axis_3_ortho[3]   ? 
_reflns.pdbx_aniso_diffraction_limit_1                 ? 
_reflns.pdbx_aniso_diffraction_limit_2                 ? 
_reflns.pdbx_aniso_diffraction_limit_3                 ? 
_reflns.pdbx_aniso_B_tensor_eigenvector_1_ortho[1]     ? 
_reflns.pdbx_aniso_B_tensor_eigenvector_1_ortho[2]     ? 
_reflns.pdbx_aniso_B_tensor_eigenvector_1_ortho[3]     ? 
_reflns.pdbx_aniso_B_tensor_eigenvector_2_ortho[1]     ? 
_reflns.pdbx_aniso_B_tensor_eigenvector_2_ortho[2]     ? 
_reflns.pdbx_aniso_B_tensor_eigenvector_2_ortho[3]     ? 
_reflns.pdbx_aniso_B_tensor_eigenvector_3_ortho[1]     ? 
_reflns.pdbx_aniso_B_tensor_eigenvector_3_ortho[2]     ? 
_reflns.pdbx_aniso_B_tensor_eigenvector_3_ortho[3]     ? 
_reflns.pdbx_aniso_B_tensor_eigenvalue_1               ? 
_reflns.pdbx_aniso_B_tensor_eigenvalue_2               ? 
_reflns.pdbx_aniso_B_tensor_eigenvalue_3               ? 
_reflns.pdbx_orthogonalization_convention              ? 
_reflns.pdbx_percent_possible_ellipsoidal              ? 
_reflns.pdbx_percent_possible_spherical                ? 
_reflns.pdbx_percent_possible_ellipsoidal_anomalous    ? 
_reflns.pdbx_percent_possible_spherical_anomalous      ? 
_reflns.pdbx_redundancy_anomalous                      ? 
_reflns.pdbx_CC_half_anomalous                         ? 
_reflns.pdbx_absDiff_over_sigma_anomalous              ? 
_reflns.pdbx_percent_possible_anomalous                ? 
_reflns.pdbx_observed_signal_threshold                 ? 
_reflns.pdbx_signal_type                               ? 
_reflns.pdbx_signal_details                            ? 
_reflns.pdbx_signal_software_id                        ? 
# 
_reflns_shell.d_res_high                                    1.7 
_reflns_shell.d_res_low                                     1.761 
_reflns_shell.meanI_over_sigI_all                           ? 
_reflns_shell.meanI_over_sigI_obs                           ? 
_reflns_shell.number_measured_all                           ? 
_reflns_shell.number_measured_obs                           ? 
_reflns_shell.number_possible                               ? 
_reflns_shell.number_unique_all                             ? 
_reflns_shell.number_unique_obs                             1726 
_reflns_shell.percent_possible_obs                          ? 
_reflns_shell.Rmerge_F_all                                  ? 
_reflns_shell.Rmerge_F_obs                                  ? 
_reflns_shell.meanI_over_sigI_gt                            ? 
_reflns_shell.meanI_over_uI_all                             ? 
_reflns_shell.meanI_over_uI_gt                              ? 
_reflns_shell.number_measured_gt                            ? 
_reflns_shell.number_unique_gt                              ? 
_reflns_shell.percent_possible_gt                           ? 
_reflns_shell.Rmerge_F_gt                                   ? 
_reflns_shell.Rmerge_I_gt                                   ? 
_reflns_shell.pdbx_redundancy                               ? 
_reflns_shell.pdbx_chi_squared                              ? 
_reflns_shell.pdbx_netI_over_sigmaI_all                     ? 
_reflns_shell.pdbx_netI_over_sigmaI_obs                     ? 
_reflns_shell.pdbx_Rrim_I_all                               ? 
_reflns_shell.pdbx_Rpim_I_all                               ? 
_reflns_shell.pdbx_rejects                                  ? 
_reflns_shell.pdbx_ordinal                                  1 
_reflns_shell.pdbx_diffrn_id                                1 
_reflns_shell.pdbx_CC_half                                  0.887 
_reflns_shell.pdbx_CC_star                                  ? 
_reflns_shell.pdbx_R_split                                  ? 
_reflns_shell.percent_possible_all                          ? 
_reflns_shell.Rmerge_I_all                                  ? 
_reflns_shell.Rmerge_I_obs                                  ? 
_reflns_shell.pdbx_Rsym_value                               ? 
_reflns_shell.pdbx_percent_possible_ellipsoidal             ? 
_reflns_shell.pdbx_percent_possible_spherical               ? 
_reflns_shell.pdbx_percent_possible_ellipsoidal_anomalous   ? 
_reflns_shell.pdbx_percent_possible_spherical_anomalous     ? 
_reflns_shell.pdbx_redundancy_anomalous                     ? 
_reflns_shell.pdbx_CC_half_anomalous                        ? 
_reflns_shell.pdbx_absDiff_over_sigma_anomalous             ? 
_reflns_shell.pdbx_percent_possible_anomalous               ? 
# 
_refine.aniso_B[1][1]                            15.09 
_refine.aniso_B[1][2]                            0.00 
_refine.aniso_B[1][3]                            0.00 
_refine.aniso_B[2][2]                            15.09 
_refine.aniso_B[2][3]                            0.00 
_refine.aniso_B[3][3]                            -30.18 
_refine.B_iso_max                                ? 
_refine.B_iso_mean                               42.010 
_refine.B_iso_min                                ? 
_refine.correlation_coeff_Fo_to_Fc               0.977 
_refine.correlation_coeff_Fo_to_Fc_free          0.955 
_refine.details                                  'HYDROGENS HAVE BEEN ADDED IN THE RIDING POSITIONS' 
_refine.diff_density_max                         ? 
_refine.diff_density_max_esd                     ? 
_refine.diff_density_min                         ? 
_refine.diff_density_min_esd                     ? 
_refine.diff_density_rms                         ? 
_refine.diff_density_rms_esd                     ? 
_refine.entry_id                                 8CQY 
_refine.pdbx_refine_id                           'X-RAY DIFFRACTION' 
_refine.ls_abs_structure_details                 ? 
_refine.ls_abs_structure_Flack                   ? 
_refine.ls_abs_structure_Flack_esd               ? 
_refine.ls_abs_structure_Rogers                  ? 
_refine.ls_abs_structure_Rogers_esd              ? 
_refine.ls_d_res_high                            1.70 
_refine.ls_d_res_low                             66.58 
_refine.ls_extinction_coef                       ? 
_refine.ls_extinction_coef_esd                   ? 
_refine.ls_extinction_expression                 ? 
_refine.ls_extinction_method                     ? 
_refine.ls_goodness_of_fit_all                   ? 
_refine.ls_goodness_of_fit_all_esd               ? 
_refine.ls_goodness_of_fit_obs                   ? 
_refine.ls_goodness_of_fit_obs_esd               ? 
_refine.ls_hydrogen_treatment                    ? 
_refine.ls_matrix_type                           ? 
_refine.ls_number_constraints                    ? 
_refine.ls_number_parameters                     ? 
_refine.ls_number_reflns_all                     ? 
_refine.ls_number_reflns_obs                     16687 
_refine.ls_number_reflns_R_free                  903 
_refine.ls_number_reflns_R_work                  ? 
_refine.ls_number_restraints                     ? 
_refine.ls_percent_reflns_obs                    99.56 
_refine.ls_percent_reflns_R_free                 5.1 
_refine.ls_R_factor_all                          ? 
_refine.ls_R_factor_obs                          0.16940 
_refine.ls_R_factor_R_free                       0.20258 
_refine.ls_R_factor_R_free_error                 ? 
_refine.ls_R_factor_R_free_error_details         ? 
_refine.ls_R_factor_R_work                       0.16756 
_refine.ls_R_Fsqd_factor_obs                     ? 
_refine.ls_R_I_factor_obs                        ? 
_refine.ls_redundancy_reflns_all                 ? 
_refine.ls_redundancy_reflns_obs                 ? 
_refine.ls_restrained_S_all                      ? 
_refine.ls_restrained_S_obs                      ? 
_refine.ls_shift_over_esd_max                    ? 
_refine.ls_shift_over_esd_mean                   ? 
_refine.ls_structure_factor_coef                 ? 
_refine.ls_weighting_details                     ? 
_refine.ls_weighting_scheme                      ? 
_refine.ls_wR_factor_all                         ? 
_refine.ls_wR_factor_obs                         ? 
_refine.ls_wR_factor_R_free                      ? 
_refine.ls_wR_factor_R_work                      ? 
_refine.occupancy_max                            ? 
_refine.occupancy_min                            ? 
_refine.solvent_model_details                    MASK 
_refine.solvent_model_param_bsol                 ? 
_refine.solvent_model_param_ksol                 ? 
_refine.pdbx_R_complete                          ? 
_refine.ls_R_factor_gt                           ? 
_refine.ls_goodness_of_fit_gt                    ? 
_refine.ls_goodness_of_fit_ref                   ? 
_refine.ls_shift_over_su_max                     ? 
_refine.ls_shift_over_su_max_lt                  ? 
_refine.ls_shift_over_su_mean                    ? 
_refine.ls_shift_over_su_mean_lt                 ? 
_refine.pdbx_ls_sigma_I                          ? 
_refine.pdbx_ls_sigma_F                          ? 
_refine.pdbx_ls_sigma_Fsqd                       ? 
_refine.pdbx_data_cutoff_high_absF               ? 
_refine.pdbx_data_cutoff_high_rms_absF           ? 
_refine.pdbx_data_cutoff_low_absF                ? 
_refine.pdbx_isotropic_thermal_model             ? 
_refine.pdbx_ls_cross_valid_method               THROUGHOUT 
_refine.pdbx_method_to_determine_struct          'MOLECULAR REPLACEMENT' 
_refine.pdbx_starting_model                      ? 
_refine.pdbx_stereochemistry_target_values       'MAXIMUM LIKELIHOOD' 
_refine.pdbx_R_Free_selection_details            RANDOM 
_refine.pdbx_stereochem_target_val_spec_case     ? 
_refine.pdbx_overall_ESU_R                       0.015 
_refine.pdbx_overall_ESU_R_Free                  0.016 
_refine.pdbx_solvent_vdw_probe_radii             1.20 
_refine.pdbx_solvent_ion_probe_radii             0.80 
_refine.pdbx_solvent_shrinkage_radii             0.80 
_refine.pdbx_real_space_R                        ? 
_refine.pdbx_density_correlation                 ? 
_refine.pdbx_pd_number_of_powder_patterns        ? 
_refine.pdbx_pd_number_of_points                 ? 
_refine.pdbx_pd_meas_number_of_points            ? 
_refine.pdbx_pd_proc_ls_prof_R_factor            ? 
_refine.pdbx_pd_proc_ls_prof_wR_factor           ? 
_refine.pdbx_pd_Marquardt_correlation_coeff      ? 
_refine.pdbx_pd_Fsqrd_R_factor                   ? 
_refine.pdbx_pd_ls_matrix_band_width             ? 
_refine.pdbx_overall_phase_error                 ? 
_refine.pdbx_overall_SU_R_free_Cruickshank_DPI   ? 
_refine.pdbx_overall_SU_R_free_Blow_DPI          ? 
_refine.pdbx_overall_SU_R_Blow_DPI               ? 
_refine.pdbx_TLS_residual_ADP_flag               ? 
_refine.pdbx_diffrn_id                           1 
_refine.overall_SU_B                             2.258 
_refine.overall_SU_ML                            0.039 
_refine.overall_SU_R_Cruickshank_DPI             ? 
_refine.overall_SU_R_free                        ? 
_refine.overall_FOM_free_R_set                   ? 
_refine.overall_FOM_work_R_set                   ? 
_refine.pdbx_average_fsc_overall                 ? 
_refine.pdbx_average_fsc_work                    ? 
_refine.pdbx_average_fsc_free                    ? 
# 
_refine_hist.pdbx_refine_id                   'X-RAY DIFFRACTION' 
_refine_hist.cycle_id                         1 
_refine_hist.details                          ? 
_refine_hist.d_res_high                       1.70 
_refine_hist.d_res_low                        66.58 
_refine_hist.number_atoms_solvent             22 
_refine_hist.number_atoms_total               808 
_refine_hist.number_reflns_all                ? 
_refine_hist.number_reflns_obs                ? 
_refine_hist.number_reflns_R_free             ? 
_refine_hist.number_reflns_R_work             ? 
_refine_hist.R_factor_all                     ? 
_refine_hist.R_factor_obs                     ? 
_refine_hist.R_factor_R_free                  ? 
_refine_hist.R_factor_R_work                  ? 
_refine_hist.pdbx_number_residues_total       ? 
_refine_hist.pdbx_B_iso_mean_ligand           ? 
_refine_hist.pdbx_B_iso_mean_solvent          ? 
_refine_hist.pdbx_number_atoms_protein        784 
_refine_hist.pdbx_number_atoms_nucleic_acid   0 
_refine_hist.pdbx_number_atoms_ligand         2 
_refine_hist.pdbx_number_atoms_lipid          ? 
_refine_hist.pdbx_number_atoms_carb           ? 
_refine_hist.pdbx_pseudo_atom_details         ? 
# 
loop_
_refine_ls_restr.pdbx_refine_id 
_refine_ls_restr.criterion 
_refine_ls_restr.dev_ideal 
_refine_ls_restr.dev_ideal_target 
_refine_ls_restr.number 
_refine_ls_restr.rejects 
_refine_ls_restr.type 
_refine_ls_restr.weight 
_refine_ls_restr.pdbx_restraint_function 
'X-RAY DIFFRACTION' ? 0.029  0.014  793  ? r_bond_refined_d             ? ? 
'X-RAY DIFFRACTION' ? 0.001  0.017  730  ? r_bond_other_d               ? ? 
'X-RAY DIFFRACTION' ? 2.648  1.665  1066 ? r_angle_refined_deg          ? ? 
'X-RAY DIFFRACTION' ? 1.157  1.642  1722 ? r_angle_other_deg            ? ? 
'X-RAY DIFFRACTION' ? 7.964  5.000  96   ? r_dihedral_angle_1_deg       ? ? 
'X-RAY DIFFRACTION' ? 31.601 21.522 46   ? r_dihedral_angle_2_deg       ? ? 
'X-RAY DIFFRACTION' ? 16.563 15.000 151  ? r_dihedral_angle_3_deg       ? ? 
'X-RAY DIFFRACTION' ? 17.199 15.000 8    ? r_dihedral_angle_4_deg       ? ? 
'X-RAY DIFFRACTION' ? 0.158  0.200  106  ? r_chiral_restr               ? ? 
'X-RAY DIFFRACTION' ? 0.017  0.020  880  ? r_gen_planes_refined         ? ? 
'X-RAY DIFFRACTION' ? 0.002  0.020  124  ? r_gen_planes_other           ? ? 
'X-RAY DIFFRACTION' ? ?      ?      ?    ? r_nbd_refined                ? ? 
'X-RAY DIFFRACTION' ? ?      ?      ?    ? r_nbd_other                  ? ? 
'X-RAY DIFFRACTION' ? ?      ?      ?    ? r_nbtor_refined              ? ? 
'X-RAY DIFFRACTION' ? ?      ?      ?    ? r_nbtor_other                ? ? 
'X-RAY DIFFRACTION' ? ?      ?      ?    ? r_xyhbond_nbd_refined        ? ? 
'X-RAY DIFFRACTION' ? ?      ?      ?    ? r_xyhbond_nbd_other          ? ? 
'X-RAY DIFFRACTION' ? ?      ?      ?    ? r_metal_ion_refined          ? ? 
'X-RAY DIFFRACTION' ? ?      ?      ?    ? r_metal_ion_other            ? ? 
'X-RAY DIFFRACTION' ? ?      ?      ?    ? r_symmetry_vdw_refined       ? ? 
'X-RAY DIFFRACTION' ? ?      ?      ?    ? r_symmetry_vdw_other         ? ? 
'X-RAY DIFFRACTION' ? ?      ?      ?    ? r_symmetry_hbond_refined     ? ? 
'X-RAY DIFFRACTION' ? ?      ?      ?    ? r_symmetry_hbond_other       ? ? 
'X-RAY DIFFRACTION' ? ?      ?      ?    ? r_symmetry_metal_ion_refined ? ? 
'X-RAY DIFFRACTION' ? ?      ?      ?    ? r_symmetry_metal_ion_other   ? ? 
'X-RAY DIFFRACTION' ? 4.007  3.455  393  ? r_mcbond_it                  ? ? 
'X-RAY DIFFRACTION' ? 4.003  3.457  392  ? r_mcbond_other               ? ? 
'X-RAY DIFFRACTION' ? 5.562  5.142  486  ? r_mcangle_it                 ? ? 
'X-RAY DIFFRACTION' ? 5.557  5.140  487  ? r_mcangle_other              ? ? 
'X-RAY DIFFRACTION' ? 5.273  4.077  400  ? r_scbond_it                  ? ? 
'X-RAY DIFFRACTION' ? 5.255  4.079  399  ? r_scbond_other               ? ? 
'X-RAY DIFFRACTION' ? ?      ?      ?    ? r_scangle_it                 ? ? 
'X-RAY DIFFRACTION' ? 7.408  5.863  580  ? r_scangle_other              ? ? 
'X-RAY DIFFRACTION' ? 9.957  42.296 808  ? r_long_range_B_refined       ? ? 
'X-RAY DIFFRACTION' ? 9.961  42.298 806  ? r_long_range_B_other         ? ? 
'X-RAY DIFFRACTION' ? ?      ?      ?    ? r_rigid_bond_restr           ? ? 
'X-RAY DIFFRACTION' ? ?      ?      ?    ? r_sphericity_free            ? ? 
'X-RAY DIFFRACTION' ? ?      ?      ?    ? r_sphericity_bonded          ? ? 
# 
_refine_ls_shell.pdbx_refine_id                   'X-RAY DIFFRACTION' 
_refine_ls_shell.d_res_high                       1.700 
_refine_ls_shell.d_res_low                        1.744 
_refine_ls_shell.number_reflns_all                ? 
_refine_ls_shell.number_reflns_obs                ? 
_refine_ls_shell.number_reflns_R_free             61 
_refine_ls_shell.number_reflns_R_work             1209 
_refine_ls_shell.percent_reflns_obs               98.22 
_refine_ls_shell.percent_reflns_R_free            ? 
_refine_ls_shell.R_factor_all                     ? 
_refine_ls_shell.R_factor_obs                     ? 
_refine_ls_shell.R_factor_R_free_error            ? 
_refine_ls_shell.R_factor_R_work                  0.831 
_refine_ls_shell.redundancy_reflns_all            ? 
_refine_ls_shell.redundancy_reflns_obs            ? 
_refine_ls_shell.wR_factor_all                    ? 
_refine_ls_shell.wR_factor_obs                    ? 
_refine_ls_shell.wR_factor_R_free                 ? 
_refine_ls_shell.wR_factor_R_work                 ? 
_refine_ls_shell.pdbx_R_complete                  ? 
_refine_ls_shell.pdbx_total_number_of_bins_used   20 
_refine_ls_shell.pdbx_phase_error                 ? 
_refine_ls_shell.pdbx_fsc_work                    ? 
_refine_ls_shell.pdbx_fsc_free                    ? 
_refine_ls_shell.R_factor_R_free                  0.599 
# 
_struct.entry_id                     8CQY 
_struct.title                        'Crystal structure of the PTPN3 PDZ domain bound to the PBM TACE C-terminal peptide' 
_struct.pdbx_model_details           ? 
_struct.pdbx_formula_weight          ? 
_struct.pdbx_formula_weight_method   ? 
_struct.pdbx_model_type_details      ? 
_struct.pdbx_CASP_flag               N 
# 
_struct_keywords.entry_id        8CQY 
_struct_keywords.text            'protein tyrosine phosphatase PTPN3, PDZ domains, PDZ-binding motif, HYDROLASE' 
_struct_keywords.pdbx_keywords   HYDROLASE 
# 
loop_
_struct_asym.id 
_struct_asym.pdbx_blank_PDB_chainid_flag 
_struct_asym.pdbx_modified 
_struct_asym.entity_id 
_struct_asym.details 
A N N 1 ? 
B N N 2 ? 
C N N 3 ? 
D N N 3 ? 
E N N 4 ? 
F N N 4 ? 
# 
loop_
_struct_ref.id 
_struct_ref.db_name 
_struct_ref.db_code 
_struct_ref.pdbx_db_accession 
_struct_ref.pdbx_db_isoform 
_struct_ref.entity_id 
_struct_ref.pdbx_seq_one_letter_code 
_struct_ref.pdbx_align_begin 
1 UNP PTN3_HUMAN  P26045 ? 1 
;STEDASQYYCDKNDNGDSYLVLIRITPDEDGKFGFNLKGGVDQKMPLVVSRINPESPADTCIPKLNEGDQIVLINGRDIS
EHTHDQVVMFIKASRESHSRELALVIRRR
;
489 
2 UNP ADA17_HUMAN P78536 ? 2 RQNRVDSKETEC 813 
# 
loop_
_struct_ref_seq.align_id 
_struct_ref_seq.ref_id 
_struct_ref_seq.pdbx_PDB_id_code 
_struct_ref_seq.pdbx_strand_id 
_struct_ref_seq.seq_align_beg 
_struct_ref_seq.pdbx_seq_align_beg_ins_code 
_struct_ref_seq.seq_align_end 
_struct_ref_seq.pdbx_seq_align_end_ins_code 
_struct_ref_seq.pdbx_db_accession 
_struct_ref_seq.db_align_beg 
_struct_ref_seq.pdbx_db_align_beg_ins_code 
_struct_ref_seq.db_align_end 
_struct_ref_seq.pdbx_db_align_end_ins_code 
_struct_ref_seq.pdbx_auth_seq_align_beg 
_struct_ref_seq.pdbx_auth_seq_align_end 
1 1 8CQY A 6 ? 114 ? P26045 489 ? 597 ? -11 97 
2 2 8CQY B 1 ? 12  ? P78536 813 ? 824 ? -5  6  
# 
loop_
_struct_ref_seq_dif.align_id 
_struct_ref_seq_dif.pdbx_pdb_id_code 
_struct_ref_seq_dif.mon_id 
_struct_ref_seq_dif.pdbx_pdb_strand_id 
_struct_ref_seq_dif.seq_num 
_struct_ref_seq_dif.pdbx_pdb_ins_code 
_struct_ref_seq_dif.pdbx_seq_db_name 
_struct_ref_seq_dif.pdbx_seq_db_accession_code 
_struct_ref_seq_dif.db_mon_id 
_struct_ref_seq_dif.pdbx_seq_db_seq_num 
_struct_ref_seq_dif.details 
_struct_ref_seq_dif.pdbx_auth_seq_num 
_struct_ref_seq_dif.pdbx_ordinal 
1 8CQY GLY A 1 ? UNP P26045 ? ? 'expression tag' -16 1 
1 8CQY ALA A 2 ? UNP P26045 ? ? 'expression tag' -15 2 
1 8CQY MET A 3 ? UNP P26045 ? ? 'expression tag' -14 3 
1 8CQY GLY A 4 ? UNP P26045 ? ? 'expression tag' -13 4 
1 8CQY SER A 5 ? UNP P26045 ? ? 'expression tag' -12 5 
# 
_pdbx_struct_assembly.id                   1 
_pdbx_struct_assembly.details              author_defined_assembly 
_pdbx_struct_assembly.method_details       ? 
_pdbx_struct_assembly.oligomeric_details   dimeric 
_pdbx_struct_assembly.oligomeric_count     2 
# 
loop_
_pdbx_struct_assembly_prop.biol_id 
_pdbx_struct_assembly_prop.type 
_pdbx_struct_assembly_prop.value 
_pdbx_struct_assembly_prop.details 
1 'ABSA (A^2)' 1130 ? 
1 MORE         -16  ? 
1 'SSA (A^2)'  5890 ? 
# 
_pdbx_struct_assembly_gen.assembly_id       1 
_pdbx_struct_assembly_gen.oper_expression   1 
_pdbx_struct_assembly_gen.asym_id_list      A,B,C,D,E,F 
# 
_pdbx_struct_assembly_auth_evidence.id                     1 
_pdbx_struct_assembly_auth_evidence.assembly_id            1 
_pdbx_struct_assembly_auth_evidence.experimental_support   none 
_pdbx_struct_assembly_auth_evidence.details                ? 
# 
_pdbx_struct_oper_list.id                   1 
_pdbx_struct_oper_list.type                 'identity operation' 
_pdbx_struct_oper_list.name                 1_555 
_pdbx_struct_oper_list.symmetry_operation   x,y,z 
_pdbx_struct_oper_list.matrix[1][1]         1.0000000000 
_pdbx_struct_oper_list.matrix[1][2]         0.0000000000 
_pdbx_struct_oper_list.matrix[1][3]         0.0000000000 
_pdbx_struct_oper_list.vector[1]            0.0000000000 
_pdbx_struct_oper_list.matrix[2][1]         0.0000000000 
_pdbx_struct_oper_list.matrix[2][2]         1.0000000000 
_pdbx_struct_oper_list.matrix[2][3]         0.0000000000 
_pdbx_struct_oper_list.vector[2]            0.0000000000 
_pdbx_struct_oper_list.matrix[3][1]         0.0000000000 
_pdbx_struct_oper_list.matrix[3][2]         0.0000000000 
_pdbx_struct_oper_list.matrix[3][3]         1.0000000000 
_pdbx_struct_oper_list.vector[3]            0.0000000000 
# 
loop_
_struct_conf.conf_type_id 
_struct_conf.id 
_struct_conf.pdbx_PDB_helix_id 
_struct_conf.beg_label_comp_id 
_struct_conf.beg_label_asym_id 
_struct_conf.beg_label_seq_id 
_struct_conf.pdbx_beg_PDB_ins_code 
_struct_conf.end_label_comp_id 
_struct_conf.end_label_asym_id 
_struct_conf.end_label_seq_id 
_struct_conf.pdbx_end_PDB_ins_code 
_struct_conf.beg_auth_comp_id 
_struct_conf.beg_auth_asym_id 
_struct_conf.beg_auth_seq_id 
_struct_conf.end_auth_comp_id 
_struct_conf.end_auth_asym_id 
_struct_conf.end_auth_seq_id 
_struct_conf.pdbx_PDB_helix_class 
_struct_conf.details 
_struct_conf.pdbx_PDB_helix_length 
HELX_P HELX_P1 AA1 VAL A 46 ? LYS A 49 ? VAL A 29 LYS A 32 5 ? 4  
HELX_P HELX_P2 AA2 SER A 61 ? CYS A 66 ? SER A 44 CYS A 49 1 ? 6  
HELX_P HELX_P3 AA3 THR A 88 ? SER A 99 ? THR A 71 SER A 82 1 ? 12 
# 
_struct_conf_type.id          HELX_P 
_struct_conf_type.criteria    ? 
_struct_conf_type.reference   ? 
# 
_struct_conn.id                            metalc1 
_struct_conn.conn_type_id                  metalc 
_struct_conn.pdbx_leaving_atom_flag        ? 
_struct_conn.pdbx_PDB_id                   ? 
_struct_conn.ptnr1_label_asym_id           A 
_struct_conn.ptnr1_label_comp_id           ALA 
_struct_conn.ptnr1_label_seq_id            108 
_struct_conn.ptnr1_label_atom_id           O 
_struct_conn.pdbx_ptnr1_label_alt_id       ? 
_struct_conn.pdbx_ptnr1_PDB_ins_code       ? 
_struct_conn.pdbx_ptnr1_standard_comp_id   ? 
_struct_conn.ptnr1_symmetry                1_555 
_struct_conn.ptnr2_label_asym_id           D 
_struct_conn.ptnr2_label_comp_id           NA 
_struct_conn.ptnr2_label_seq_id            . 
_struct_conn.ptnr2_label_atom_id           NA 
_struct_conn.pdbx_ptnr2_label_alt_id       ? 
_struct_conn.pdbx_ptnr2_PDB_ins_code       ? 
_struct_conn.ptnr1_auth_asym_id            A 
_struct_conn.ptnr1_auth_comp_id            ALA 
_struct_conn.ptnr1_auth_seq_id             91 
_struct_conn.ptnr2_auth_asym_id            A 
_struct_conn.ptnr2_auth_comp_id            NA 
_struct_conn.ptnr2_auth_seq_id             102 
_struct_conn.ptnr2_symmetry                1_555 
_struct_conn.pdbx_ptnr3_label_atom_id      ? 
_struct_conn.pdbx_ptnr3_label_seq_id       ? 
_struct_conn.pdbx_ptnr3_label_comp_id      ? 
_struct_conn.pdbx_ptnr3_label_asym_id      ? 
_struct_conn.pdbx_ptnr3_label_alt_id       ? 
_struct_conn.pdbx_ptnr3_PDB_ins_code       ? 
_struct_conn.details                       ? 
_struct_conn.pdbx_dist_value               3.128 
_struct_conn.pdbx_value_order              ? 
_struct_conn.pdbx_role                     ? 
# 
_struct_conn_type.id          metalc 
_struct_conn_type.criteria    ? 
_struct_conn_type.reference   ? 
# 
_struct_mon_prot_cis.pdbx_id                1 
_struct_mon_prot_cis.label_comp_id          ILE 
_struct_mon_prot_cis.label_seq_id           67 
_struct_mon_prot_cis.label_asym_id          A 
_struct_mon_prot_cis.label_alt_id           . 
_struct_mon_prot_cis.pdbx_PDB_ins_code      ? 
_struct_mon_prot_cis.auth_comp_id           ILE 
_struct_mon_prot_cis.auth_seq_id            50 
_struct_mon_prot_cis.auth_asym_id           A 
_struct_mon_prot_cis.pdbx_label_comp_id_2   PRO 
_struct_mon_prot_cis.pdbx_label_seq_id_2    68 
_struct_mon_prot_cis.pdbx_label_asym_id_2   A 
_struct_mon_prot_cis.pdbx_PDB_ins_code_2    ? 
_struct_mon_prot_cis.pdbx_auth_comp_id_2    PRO 
_struct_mon_prot_cis.pdbx_auth_seq_id_2     51 
_struct_mon_prot_cis.pdbx_auth_asym_id_2    A 
_struct_mon_prot_cis.pdbx_PDB_model_num     1 
_struct_mon_prot_cis.pdbx_omega_angle       5.98 
# 
loop_
_struct_sheet.id 
_struct_sheet.type 
_struct_sheet.number_strands 
_struct_sheet.details 
AA1 ? 4 ? 
AA2 ? 3 ? 
# 
loop_
_struct_sheet_order.sheet_id 
_struct_sheet_order.range_id_1 
_struct_sheet_order.range_id_2 
_struct_sheet_order.offset 
_struct_sheet_order.sense 
AA1 1 2 ? anti-parallel 
AA1 2 3 ? anti-parallel 
AA1 3 4 ? anti-parallel 
AA2 1 2 ? anti-parallel 
AA2 2 3 ? anti-parallel 
# 
loop_
_struct_sheet_range.sheet_id 
_struct_sheet_range.id 
_struct_sheet_range.beg_label_comp_id 
_struct_sheet_range.beg_label_asym_id 
_struct_sheet_range.beg_label_seq_id 
_struct_sheet_range.pdbx_beg_PDB_ins_code 
_struct_sheet_range.end_label_comp_id 
_struct_sheet_range.end_label_asym_id 
_struct_sheet_range.end_label_seq_id 
_struct_sheet_range.pdbx_end_PDB_ins_code 
_struct_sheet_range.beg_auth_comp_id 
_struct_sheet_range.beg_auth_asym_id 
_struct_sheet_range.beg_auth_seq_id 
_struct_sheet_range.end_auth_comp_id 
_struct_sheet_range.end_auth_asym_id 
_struct_sheet_range.end_auth_seq_id 
AA1 1 TYR A 24  ? ILE A 30  ? TYR A 7  ILE A 13 
AA1 2 LEU A 107 ? ARG A 113 ? LEU A 90 ARG A 96 
AA1 3 GLN A 75  ? ILE A 79  ? GLN A 58 ILE A 62 
AA1 4 ARG A 82  ? ASP A 83  ? ARG A 65 ASP A 66 
AA2 1 MET A 50  ? ILE A 57  ? MET A 33 ILE A 40 
AA2 2 PHE A 40  ? GLY A 45  ? PHE A 23 GLY A 28 
AA2 3 GLU B 9   ? CYS B 12  ? GLU B 3  CYS B 6  
# 
loop_
_pdbx_struct_sheet_hbond.sheet_id 
_pdbx_struct_sheet_hbond.range_id_1 
_pdbx_struct_sheet_hbond.range_id_2 
_pdbx_struct_sheet_hbond.range_1_label_atom_id 
_pdbx_struct_sheet_hbond.range_1_label_comp_id 
_pdbx_struct_sheet_hbond.range_1_label_asym_id 
_pdbx_struct_sheet_hbond.range_1_label_seq_id 
_pdbx_struct_sheet_hbond.range_1_PDB_ins_code 
_pdbx_struct_sheet_hbond.range_1_auth_atom_id 
_pdbx_struct_sheet_hbond.range_1_auth_comp_id 
_pdbx_struct_sheet_hbond.range_1_auth_asym_id 
_pdbx_struct_sheet_hbond.range_1_auth_seq_id 
_pdbx_struct_sheet_hbond.range_2_label_atom_id 
_pdbx_struct_sheet_hbond.range_2_label_comp_id 
_pdbx_struct_sheet_hbond.range_2_label_asym_id 
_pdbx_struct_sheet_hbond.range_2_label_seq_id 
_pdbx_struct_sheet_hbond.range_2_PDB_ins_code 
_pdbx_struct_sheet_hbond.range_2_auth_atom_id 
_pdbx_struct_sheet_hbond.range_2_auth_comp_id 
_pdbx_struct_sheet_hbond.range_2_auth_asym_id 
_pdbx_struct_sheet_hbond.range_2_auth_seq_id 
AA1 1 2 N ILE A 28  ? N ILE A 11 O LEU A 109 ? O LEU A 92 
AA1 2 3 O VAL A 110 ? O VAL A 93 N VAL A 77  ? N VAL A 60 
AA1 3 4 N ILE A 79  ? N ILE A 62 O ARG A 82  ? O ARG A 65 
AA2 1 2 O MET A 50  ? O MET A 33 N GLY A 45  ? N GLY A 28 
AA2 2 3 N PHE A 40  ? N PHE A 23 O CYS B 12  ? O CYS B 6  
# 
loop_
_pdbx_validate_rmsd_bond.id 
_pdbx_validate_rmsd_bond.PDB_model_num 
_pdbx_validate_rmsd_bond.auth_atom_id_1 
_pdbx_validate_rmsd_bond.auth_asym_id_1 
_pdbx_validate_rmsd_bond.auth_comp_id_1 
_pdbx_validate_rmsd_bond.auth_seq_id_1 
_pdbx_validate_rmsd_bond.PDB_ins_code_1 
_pdbx_validate_rmsd_bond.label_alt_id_1 
_pdbx_validate_rmsd_bond.auth_atom_id_2 
_pdbx_validate_rmsd_bond.auth_asym_id_2 
_pdbx_validate_rmsd_bond.auth_comp_id_2 
_pdbx_validate_rmsd_bond.auth_seq_id_2 
_pdbx_validate_rmsd_bond.PDB_ins_code_2 
_pdbx_validate_rmsd_bond.label_alt_id_2 
_pdbx_validate_rmsd_bond.bond_value 
_pdbx_validate_rmsd_bond.bond_target_value 
_pdbx_validate_rmsd_bond.bond_deviation 
_pdbx_validate_rmsd_bond.bond_standard_deviation 
_pdbx_validate_rmsd_bond.linker_flag 
1 1 C  A PRO 34 ? ? N   A LEU 35 ? ? 1.010 1.336 -0.326 0.023 Y 
2 1 CD A GLU 55 ? ? OE1 A GLU 55 ? ? 1.350 1.252 0.098  0.011 N 
3 1 C  A VAL 60 ? ? O   A VAL 60 ? ? 1.354 1.229 0.125  0.019 N 
4 1 CD B GLU 3  ? ? OE2 B GLU 3  ? ? 1.318 1.252 0.066  0.011 N 
5 1 C  B CYS 6  ? ? O   B CYS 6  ? ? 1.349 1.229 0.120  0.019 N 
# 
loop_
_pdbx_validate_rmsd_angle.id 
_pdbx_validate_rmsd_angle.PDB_model_num 
_pdbx_validate_rmsd_angle.auth_atom_id_1 
_pdbx_validate_rmsd_angle.auth_asym_id_1 
_pdbx_validate_rmsd_angle.auth_comp_id_1 
_pdbx_validate_rmsd_angle.auth_seq_id_1 
_pdbx_validate_rmsd_angle.PDB_ins_code_1 
_pdbx_validate_rmsd_angle.label_alt_id_1 
_pdbx_validate_rmsd_angle.auth_atom_id_2 
_pdbx_validate_rmsd_angle.auth_asym_id_2 
_pdbx_validate_rmsd_angle.auth_comp_id_2 
_pdbx_validate_rmsd_angle.auth_seq_id_2 
_pdbx_validate_rmsd_angle.PDB_ins_code_2 
_pdbx_validate_rmsd_angle.label_alt_id_2 
_pdbx_validate_rmsd_angle.auth_atom_id_3 
_pdbx_validate_rmsd_angle.auth_asym_id_3 
_pdbx_validate_rmsd_angle.auth_comp_id_3 
_pdbx_validate_rmsd_angle.auth_seq_id_3 
_pdbx_validate_rmsd_angle.PDB_ins_code_3 
_pdbx_validate_rmsd_angle.label_alt_id_3 
_pdbx_validate_rmsd_angle.angle_value 
_pdbx_validate_rmsd_angle.angle_target_value 
_pdbx_validate_rmsd_angle.angle_deviation 
_pdbx_validate_rmsd_angle.angle_standard_deviation 
_pdbx_validate_rmsd_angle.linker_flag 
1 1 NE A ARG 12 ? ? CZ A ARG 12 ? ? NH2 A ARG 12 ? ? 114.75 120.30 -5.55  0.50 N 
2 1 NE A ARG 39 ? ? CZ A ARG 39 ? ? NH1 A ARG 39 ? ? 115.73 120.30 -4.57  0.50 N 
3 1 CB A ASP 47 ? ? CG A ASP 47 ? ? OD2 A ASP 47 ? ? 112.63 118.30 -5.67  0.90 N 
4 1 NE A ARG 65 ? ? CZ A ARG 65 ? ? NH2 A ARG 65 ? ? 115.09 120.30 -5.21  0.50 N 
5 1 NE A ARG 95 ? ? CZ A ARG 95 ? ? NH1 A ARG 95 ? ? 124.55 120.30 4.25   0.50 N 
6 1 N  A ARG 96 ? ? CA A ARG 96 ? ? CB  A ARG 96 ? ? 99.59  110.60 -11.01 1.80 N 
# 
loop_
_pdbx_validate_torsion.id 
_pdbx_validate_torsion.PDB_model_num 
_pdbx_validate_torsion.auth_comp_id 
_pdbx_validate_torsion.auth_asym_id 
_pdbx_validate_torsion.auth_seq_id 
_pdbx_validate_torsion.PDB_ins_code 
_pdbx_validate_torsion.label_alt_id 
_pdbx_validate_torsion.phi 
_pdbx_validate_torsion.psi 
1 1 PRO A 34 ? ? -59.60 170.26  
2 1 SER A 85 ? ? -69.56 -177.56 
3 1 ARG A 88 ? ? 55.53  9.34    
# 
_pdbx_validate_polymer_linkage.id               1 
_pdbx_validate_polymer_linkage.PDB_model_num    1 
_pdbx_validate_polymer_linkage.auth_atom_id_1   C 
_pdbx_validate_polymer_linkage.auth_asym_id_1   A 
_pdbx_validate_polymer_linkage.auth_comp_id_1   PRO 
_pdbx_validate_polymer_linkage.auth_seq_id_1    34 
_pdbx_validate_polymer_linkage.PDB_ins_code_1   ? 
_pdbx_validate_polymer_linkage.label_alt_id_1   ? 
_pdbx_validate_polymer_linkage.auth_atom_id_2   N 
_pdbx_validate_polymer_linkage.auth_asym_id_2   A 
_pdbx_validate_polymer_linkage.auth_comp_id_2   LEU 
_pdbx_validate_polymer_linkage.auth_seq_id_2    35 
_pdbx_validate_polymer_linkage.PDB_ins_code_2   ? 
_pdbx_validate_polymer_linkage.label_alt_id_2   ? 
_pdbx_validate_polymer_linkage.dist             1.01 
# 
_pdbx_struct_special_symmetry.id              1 
_pdbx_struct_special_symmetry.PDB_model_num   1 
_pdbx_struct_special_symmetry.auth_asym_id    B 
_pdbx_struct_special_symmetry.auth_comp_id    HOH 
_pdbx_struct_special_symmetry.auth_seq_id     102 
_pdbx_struct_special_symmetry.PDB_ins_code    ? 
_pdbx_struct_special_symmetry.label_asym_id   F 
_pdbx_struct_special_symmetry.label_comp_id   HOH 
_pdbx_struct_special_symmetry.label_seq_id    . 
# 
loop_
_pdbx_refine_tls.id 
_pdbx_refine_tls.pdbx_refine_id 
_pdbx_refine_tls.details 
_pdbx_refine_tls.method 
_pdbx_refine_tls.origin_x 
_pdbx_refine_tls.origin_y 
_pdbx_refine_tls.origin_z 
_pdbx_refine_tls.T[1][1] 
_pdbx_refine_tls.T[1][1]_esd 
_pdbx_refine_tls.T[1][2] 
_pdbx_refine_tls.T[1][2]_esd 
_pdbx_refine_tls.T[1][3] 
_pdbx_refine_tls.T[1][3]_esd 
_pdbx_refine_tls.T[2][2] 
_pdbx_refine_tls.T[2][2]_esd 
_pdbx_refine_tls.T[2][3] 
_pdbx_refine_tls.T[2][3]_esd 
_pdbx_refine_tls.T[3][3] 
_pdbx_refine_tls.T[3][3]_esd 
_pdbx_refine_tls.L[1][1] 
_pdbx_refine_tls.L[1][1]_esd 
_pdbx_refine_tls.L[1][2] 
_pdbx_refine_tls.L[1][2]_esd 
_pdbx_refine_tls.L[1][3] 
_pdbx_refine_tls.L[1][3]_esd 
_pdbx_refine_tls.L[2][2] 
_pdbx_refine_tls.L[2][2]_esd 
_pdbx_refine_tls.L[2][3] 
_pdbx_refine_tls.L[2][3]_esd 
_pdbx_refine_tls.L[3][3] 
_pdbx_refine_tls.L[3][3]_esd 
_pdbx_refine_tls.S[1][1] 
_pdbx_refine_tls.S[1][1]_esd 
_pdbx_refine_tls.S[1][2] 
_pdbx_refine_tls.S[1][2]_esd 
_pdbx_refine_tls.S[1][3] 
_pdbx_refine_tls.S[1][3]_esd 
_pdbx_refine_tls.S[2][1] 
_pdbx_refine_tls.S[2][1]_esd 
_pdbx_refine_tls.S[2][2] 
_pdbx_refine_tls.S[2][2]_esd 
_pdbx_refine_tls.S[2][3] 
_pdbx_refine_tls.S[2][3]_esd 
_pdbx_refine_tls.S[3][1] 
_pdbx_refine_tls.S[3][1]_esd 
_pdbx_refine_tls.S[3][2] 
_pdbx_refine_tls.S[3][2]_esd 
_pdbx_refine_tls.S[3][3] 
_pdbx_refine_tls.S[3][3]_esd 
1 'X-RAY DIFFRACTION' ? refined -0.0094 -0.6008 -0.2822 0.0125 ? 0.0237 ? -0.0167 ? 0.0621 ? -0.0224 ? 0.0803 ? 1.1750 ? -0.1289 ? 0.5328  ? 0.1770 ? 0.1662 ? 0.5803 ? 0.0068  ? 0.0670  ? 0.0130 ? 0.0069 ? 0.0087 ? 0.0003  ? 0.0060  ? 0.0403  ? -0.0155 ? 
2 'X-RAY DIFFRACTION' ? refined 1.0051  7.6682  8.5198  0.0146 ? 0.0243 ? -0.0214 ? 0.0761 ? -0.0492 ? 0.1040 ? 3.3938 ? -0.4092 ? -0.1496 ? 0.0645 ? 0.1851 ? 2.0162 ? -0.1087 ? -0.1440 ? 0.0226 ? 0.0061 ? 0.0250 ? -0.0045 ? -0.1120 ? -0.0579 ? 0.0837  ? 
# 
loop_
_pdbx_refine_tls_group.id 
_pdbx_refine_tls_group.pdbx_refine_id 
_pdbx_refine_tls_group.refine_tls_id 
_pdbx_refine_tls_group.beg_label_asym_id 
_pdbx_refine_tls_group.beg_label_seq_id 
_pdbx_refine_tls_group.beg_auth_asym_id 
_pdbx_refine_tls_group.beg_auth_seq_id 
_pdbx_refine_tls_group.beg_PDB_ins_code 
_pdbx_refine_tls_group.end_label_asym_id 
_pdbx_refine_tls_group.end_label_seq_id 
_pdbx_refine_tls_group.end_auth_asym_id 
_pdbx_refine_tls_group.end_auth_seq_id 
_pdbx_refine_tls_group.end_PDB_ins_code 
_pdbx_refine_tls_group.selection 
_pdbx_refine_tls_group.selection_details 
1 'X-RAY DIFFRACTION' 1 ? ? A 5 ? ? ? A 97 ? ? ? 
2 'X-RAY DIFFRACTION' 2 ? ? B 1 ? ? ? B 6  ? ? ? 
# 
_pdbx_entry_details.entry_id                 8CQY 
_pdbx_entry_details.has_ligand_of_interest   N 
_pdbx_entry_details.compound_details         ? 
_pdbx_entry_details.source_details           ? 
_pdbx_entry_details.nonpolymer_details       ? 
_pdbx_entry_details.sequence_details         ? 
# 
loop_
_pdbx_unobs_or_zero_occ_residues.id 
_pdbx_unobs_or_zero_occ_residues.PDB_model_num 
_pdbx_unobs_or_zero_occ_residues.polymer_flag 
_pdbx_unobs_or_zero_occ_residues.occupancy_flag 
_pdbx_unobs_or_zero_occ_residues.auth_asym_id 
_pdbx_unobs_or_zero_occ_residues.auth_comp_id 
_pdbx_unobs_or_zero_occ_residues.auth_seq_id 
_pdbx_unobs_or_zero_occ_residues.PDB_ins_code 
_pdbx_unobs_or_zero_occ_residues.label_asym_id 
_pdbx_unobs_or_zero_occ_residues.label_comp_id 
_pdbx_unobs_or_zero_occ_residues.label_seq_id 
1  1 Y 1 A GLY -16 ? A GLY 1  
2  1 Y 1 A ALA -15 ? A ALA 2  
3  1 Y 1 A MET -14 ? A MET 3  
4  1 Y 1 A GLY -13 ? A GLY 4  
5  1 Y 1 A SER -12 ? A SER 5  
6  1 Y 1 A SER -11 ? A SER 6  
7  1 Y 1 A THR -10 ? A THR 7  
8  1 Y 1 A GLU -9  ? A GLU 8  
9  1 Y 1 A ASP -8  ? A ASP 9  
10 1 Y 1 A ALA -7  ? A ALA 10 
11 1 Y 1 A SER -6  ? A SER 11 
12 1 Y 1 A GLN -5  ? A GLN 12 
13 1 Y 1 A TYR -4  ? A TYR 13 
14 1 Y 1 A TYR -3  ? A TYR 14 
15 1 Y 1 A CYS -2  ? A CYS 15 
16 1 Y 1 A ASP -1  ? A ASP 16 
17 1 Y 1 A LYS 0   ? A LYS 17 
18 1 Y 1 A ASN 1   ? A ASN 18 
19 1 Y 1 A ASP 2   ? A ASP 19 
20 1 Y 1 A ASN 3   ? A ASN 20 
21 1 Y 1 A GLY 4   ? A GLY 21 
22 1 Y 1 B ARG -5  ? B ARG 1  
23 1 Y 1 B GLN -4  ? B GLN 2  
24 1 Y 1 B ASN -3  ? B ASN 3  
25 1 Y 1 B ARG -2  ? B ARG 4  
26 1 Y 1 B VAL -1  ? B VAL 5  
27 1 Y 1 B ASP 0   ? B ASP 6  
# 
loop_
_chem_comp_atom.comp_id 
_chem_comp_atom.atom_id 
_chem_comp_atom.type_symbol 
_chem_comp_atom.pdbx_aromatic_flag 
_chem_comp_atom.pdbx_stereo_config 
_chem_comp_atom.pdbx_ordinal 
ALA N    N  N N 1   
ALA CA   C  N S 2   
ALA C    C  N N 3   
ALA O    O  N N 4   
ALA CB   C  N N 5   
ALA OXT  O  N N 6   
ALA H    H  N N 7   
ALA H2   H  N N 8   
ALA HA   H  N N 9   
ALA HB1  H  N N 10  
ALA HB2  H  N N 11  
ALA HB3  H  N N 12  
ALA HXT  H  N N 13  
ARG N    N  N N 14  
ARG CA   C  N S 15  
ARG C    C  N N 16  
ARG O    O  N N 17  
ARG CB   C  N N 18  
ARG CG   C  N N 19  
ARG CD   C  N N 20  
ARG NE   N  N N 21  
ARG CZ   C  N N 22  
ARG NH1  N  N N 23  
ARG NH2  N  N N 24  
ARG OXT  O  N N 25  
ARG H    H  N N 26  
ARG H2   H  N N 27  
ARG HA   H  N N 28  
ARG HB2  H  N N 29  
ARG HB3  H  N N 30  
ARG HG2  H  N N 31  
ARG HG3  H  N N 32  
ARG HD2  H  N N 33  
ARG HD3  H  N N 34  
ARG HE   H  N N 35  
ARG HH11 H  N N 36  
ARG HH12 H  N N 37  
ARG HH21 H  N N 38  
ARG HH22 H  N N 39  
ARG HXT  H  N N 40  
ASN N    N  N N 41  
ASN CA   C  N S 42  
ASN C    C  N N 43  
ASN O    O  N N 44  
ASN CB   C  N N 45  
ASN CG   C  N N 46  
ASN OD1  O  N N 47  
ASN ND2  N  N N 48  
ASN OXT  O  N N 49  
ASN H    H  N N 50  
ASN H2   H  N N 51  
ASN HA   H  N N 52  
ASN HB2  H  N N 53  
ASN HB3  H  N N 54  
ASN HD21 H  N N 55  
ASN HD22 H  N N 56  
ASN HXT  H  N N 57  
ASP N    N  N N 58  
ASP CA   C  N S 59  
ASP C    C  N N 60  
ASP O    O  N N 61  
ASP CB   C  N N 62  
ASP CG   C  N N 63  
ASP OD1  O  N N 64  
ASP OD2  O  N N 65  
ASP OXT  O  N N 66  
ASP H    H  N N 67  
ASP H2   H  N N 68  
ASP HA   H  N N 69  
ASP HB2  H  N N 70  
ASP HB3  H  N N 71  
ASP HD2  H  N N 72  
ASP HXT  H  N N 73  
CYS N    N  N N 74  
CYS CA   C  N R 75  
CYS C    C  N N 76  
CYS O    O  N N 77  
CYS CB   C  N N 78  
CYS SG   S  N N 79  
CYS OXT  O  N N 80  
CYS H    H  N N 81  
CYS H2   H  N N 82  
CYS HA   H  N N 83  
CYS HB2  H  N N 84  
CYS HB3  H  N N 85  
CYS HG   H  N N 86  
CYS HXT  H  N N 87  
GLN N    N  N N 88  
GLN CA   C  N S 89  
GLN C    C  N N 90  
GLN O    O  N N 91  
GLN CB   C  N N 92  
GLN CG   C  N N 93  
GLN CD   C  N N 94  
GLN OE1  O  N N 95  
GLN NE2  N  N N 96  
GLN OXT  O  N N 97  
GLN H    H  N N 98  
GLN H2   H  N N 99  
GLN HA   H  N N 100 
GLN HB2  H  N N 101 
GLN HB3  H  N N 102 
GLN HG2  H  N N 103 
GLN HG3  H  N N 104 
GLN HE21 H  N N 105 
GLN HE22 H  N N 106 
GLN HXT  H  N N 107 
GLU N    N  N N 108 
GLU CA   C  N S 109 
GLU C    C  N N 110 
GLU O    O  N N 111 
GLU CB   C  N N 112 
GLU CG   C  N N 113 
GLU CD   C  N N 114 
GLU OE1  O  N N 115 
GLU OE2  O  N N 116 
GLU OXT  O  N N 117 
GLU H    H  N N 118 
GLU H2   H  N N 119 
GLU HA   H  N N 120 
GLU HB2  H  N N 121 
GLU HB3  H  N N 122 
GLU HG2  H  N N 123 
GLU HG3  H  N N 124 
GLU HE2  H  N N 125 
GLU HXT  H  N N 126 
GLY N    N  N N 127 
GLY CA   C  N N 128 
GLY C    C  N N 129 
GLY O    O  N N 130 
GLY OXT  O  N N 131 
GLY H    H  N N 132 
GLY H2   H  N N 133 
GLY HA2  H  N N 134 
GLY HA3  H  N N 135 
GLY HXT  H  N N 136 
HIS N    N  N N 137 
HIS CA   C  N S 138 
HIS C    C  N N 139 
HIS O    O  N N 140 
HIS CB   C  N N 141 
HIS CG   C  Y N 142 
HIS ND1  N  Y N 143 
HIS CD2  C  Y N 144 
HIS CE1  C  Y N 145 
HIS NE2  N  Y N 146 
HIS OXT  O  N N 147 
HIS H    H  N N 148 
HIS H2   H  N N 149 
HIS HA   H  N N 150 
HIS HB2  H  N N 151 
HIS HB3  H  N N 152 
HIS HD1  H  N N 153 
HIS HD2  H  N N 154 
HIS HE1  H  N N 155 
HIS HE2  H  N N 156 
HIS HXT  H  N N 157 
HOH O    O  N N 158 
HOH H1   H  N N 159 
HOH H2   H  N N 160 
ILE N    N  N N 161 
ILE CA   C  N S 162 
ILE C    C  N N 163 
ILE O    O  N N 164 
ILE CB   C  N S 165 
ILE CG1  C  N N 166 
ILE CG2  C  N N 167 
ILE CD1  C  N N 168 
ILE OXT  O  N N 169 
ILE H    H  N N 170 
ILE H2   H  N N 171 
ILE HA   H  N N 172 
ILE HB   H  N N 173 
ILE HG12 H  N N 174 
ILE HG13 H  N N 175 
ILE HG21 H  N N 176 
ILE HG22 H  N N 177 
ILE HG23 H  N N 178 
ILE HD11 H  N N 179 
ILE HD12 H  N N 180 
ILE HD13 H  N N 181 
ILE HXT  H  N N 182 
LEU N    N  N N 183 
LEU CA   C  N S 184 
LEU C    C  N N 185 
LEU O    O  N N 186 
LEU CB   C  N N 187 
LEU CG   C  N N 188 
LEU CD1  C  N N 189 
LEU CD2  C  N N 190 
LEU OXT  O  N N 191 
LEU H    H  N N 192 
LEU H2   H  N N 193 
LEU HA   H  N N 194 
LEU HB2  H  N N 195 
LEU HB3  H  N N 196 
LEU HG   H  N N 197 
LEU HD11 H  N N 198 
LEU HD12 H  N N 199 
LEU HD13 H  N N 200 
LEU HD21 H  N N 201 
LEU HD22 H  N N 202 
LEU HD23 H  N N 203 
LEU HXT  H  N N 204 
LYS N    N  N N 205 
LYS CA   C  N S 206 
LYS C    C  N N 207 
LYS O    O  N N 208 
LYS CB   C  N N 209 
LYS CG   C  N N 210 
LYS CD   C  N N 211 
LYS CE   C  N N 212 
LYS NZ   N  N N 213 
LYS OXT  O  N N 214 
LYS H    H  N N 215 
LYS H2   H  N N 216 
LYS HA   H  N N 217 
LYS HB2  H  N N 218 
LYS HB3  H  N N 219 
LYS HG2  H  N N 220 
LYS HG3  H  N N 221 
LYS HD2  H  N N 222 
LYS HD3  H  N N 223 
LYS HE2  H  N N 224 
LYS HE3  H  N N 225 
LYS HZ1  H  N N 226 
LYS HZ2  H  N N 227 
LYS HZ3  H  N N 228 
LYS HXT  H  N N 229 
MET N    N  N N 230 
MET CA   C  N S 231 
MET C    C  N N 232 
MET O    O  N N 233 
MET CB   C  N N 234 
MET CG   C  N N 235 
MET SD   S  N N 236 
MET CE   C  N N 237 
MET OXT  O  N N 238 
MET H    H  N N 239 
MET H2   H  N N 240 
MET HA   H  N N 241 
MET HB2  H  N N 242 
MET HB3  H  N N 243 
MET HG2  H  N N 244 
MET HG3  H  N N 245 
MET HE1  H  N N 246 
MET HE2  H  N N 247 
MET HE3  H  N N 248 
MET HXT  H  N N 249 
NA  NA   NA N N 250 
PHE N    N  N N 251 
PHE CA   C  N S 252 
PHE C    C  N N 253 
PHE O    O  N N 254 
PHE CB   C  N N 255 
PHE CG   C  Y N 256 
PHE CD1  C  Y N 257 
PHE CD2  C  Y N 258 
PHE CE1  C  Y N 259 
PHE CE2  C  Y N 260 
PHE CZ   C  Y N 261 
PHE OXT  O  N N 262 
PHE H    H  N N 263 
PHE H2   H  N N 264 
PHE HA   H  N N 265 
PHE HB2  H  N N 266 
PHE HB3  H  N N 267 
PHE HD1  H  N N 268 
PHE HD2  H  N N 269 
PHE HE1  H  N N 270 
PHE HE2  H  N N 271 
PHE HZ   H  N N 272 
PHE HXT  H  N N 273 
PRO N    N  N N 274 
PRO CA   C  N S 275 
PRO C    C  N N 276 
PRO O    O  N N 277 
PRO CB   C  N N 278 
PRO CG   C  N N 279 
PRO CD   C  N N 280 
PRO OXT  O  N N 281 
PRO H    H  N N 282 
PRO HA   H  N N 283 
PRO HB2  H  N N 284 
PRO HB3  H  N N 285 
PRO HG2  H  N N 286 
PRO HG3  H  N N 287 
PRO HD2  H  N N 288 
PRO HD3  H  N N 289 
PRO HXT  H  N N 290 
SER N    N  N N 291 
SER CA   C  N S 292 
SER C    C  N N 293 
SER O    O  N N 294 
SER CB   C  N N 295 
SER OG   O  N N 296 
SER OXT  O  N N 297 
SER H    H  N N 298 
SER H2   H  N N 299 
SER HA   H  N N 300 
SER HB2  H  N N 301 
SER HB3  H  N N 302 
SER HG   H  N N 303 
SER HXT  H  N N 304 
THR N    N  N N 305 
THR CA   C  N S 306 
THR C    C  N N 307 
THR O    O  N N 308 
THR CB   C  N R 309 
THR OG1  O  N N 310 
THR CG2  C  N N 311 
THR OXT  O  N N 312 
THR H    H  N N 313 
THR H2   H  N N 314 
THR HA   H  N N 315 
THR HB   H  N N 316 
THR HG1  H  N N 317 
THR HG21 H  N N 318 
THR HG22 H  N N 319 
THR HG23 H  N N 320 
THR HXT  H  N N 321 
TYR N    N  N N 322 
TYR CA   C  N S 323 
TYR C    C  N N 324 
TYR O    O  N N 325 
TYR CB   C  N N 326 
TYR CG   C  Y N 327 
TYR CD1  C  Y N 328 
TYR CD2  C  Y N 329 
TYR CE1  C  Y N 330 
TYR CE2  C  Y N 331 
TYR CZ   C  Y N 332 
TYR OH   O  N N 333 
TYR OXT  O  N N 334 
TYR H    H  N N 335 
TYR H2   H  N N 336 
TYR HA   H  N N 337 
TYR HB2  H  N N 338 
TYR HB3  H  N N 339 
TYR HD1  H  N N 340 
TYR HD2  H  N N 341 
TYR HE1  H  N N 342 
TYR HE2  H  N N 343 
TYR HH   H  N N 344 
TYR HXT  H  N N 345 
VAL N    N  N N 346 
VAL CA   C  N S 347 
VAL C    C  N N 348 
VAL O    O  N N 349 
VAL CB   C  N N 350 
VAL CG1  C  N N 351 
VAL CG2  C  N N 352 
VAL OXT  O  N N 353 
VAL H    H  N N 354 
VAL H2   H  N N 355 
VAL HA   H  N N 356 
VAL HB   H  N N 357 
VAL HG11 H  N N 358 
VAL HG12 H  N N 359 
VAL HG13 H  N N 360 
VAL HG21 H  N N 361 
VAL HG22 H  N N 362 
VAL HG23 H  N N 363 
VAL HXT  H  N N 364 
# 
loop_
_chem_comp_bond.comp_id 
_chem_comp_bond.atom_id_1 
_chem_comp_bond.atom_id_2 
_chem_comp_bond.value_order 
_chem_comp_bond.pdbx_aromatic_flag 
_chem_comp_bond.pdbx_stereo_config 
_chem_comp_bond.pdbx_ordinal 
ALA N   CA   sing N N 1   
ALA N   H    sing N N 2   
ALA N   H2   sing N N 3   
ALA CA  C    sing N N 4   
ALA CA  CB   sing N N 5   
ALA CA  HA   sing N N 6   
ALA C   O    doub N N 7   
ALA C   OXT  sing N N 8   
ALA CB  HB1  sing N N 9   
ALA CB  HB2  sing N N 10  
ALA CB  HB3  sing N N 11  
ALA OXT HXT  sing N N 12  
ARG N   CA   sing N N 13  
ARG N   H    sing N N 14  
ARG N   H2   sing N N 15  
ARG CA  C    sing N N 16  
ARG CA  CB   sing N N 17  
ARG CA  HA   sing N N 18  
ARG C   O    doub N N 19  
ARG C   OXT  sing N N 20  
ARG CB  CG   sing N N 21  
ARG CB  HB2  sing N N 22  
ARG CB  HB3  sing N N 23  
ARG CG  CD   sing N N 24  
ARG CG  HG2  sing N N 25  
ARG CG  HG3  sing N N 26  
ARG CD  NE   sing N N 27  
ARG CD  HD2  sing N N 28  
ARG CD  HD3  sing N N 29  
ARG NE  CZ   sing N N 30  
ARG NE  HE   sing N N 31  
ARG CZ  NH1  sing N N 32  
ARG CZ  NH2  doub N N 33  
ARG NH1 HH11 sing N N 34  
ARG NH1 HH12 sing N N 35  
ARG NH2 HH21 sing N N 36  
ARG NH2 HH22 sing N N 37  
ARG OXT HXT  sing N N 38  
ASN N   CA   sing N N 39  
ASN N   H    sing N N 40  
ASN N   H2   sing N N 41  
ASN CA  C    sing N N 42  
ASN CA  CB   sing N N 43  
ASN CA  HA   sing N N 44  
ASN C   O    doub N N 45  
ASN C   OXT  sing N N 46  
ASN CB  CG   sing N N 47  
ASN CB  HB2  sing N N 48  
ASN CB  HB3  sing N N 49  
ASN CG  OD1  doub N N 50  
ASN CG  ND2  sing N N 51  
ASN ND2 HD21 sing N N 52  
ASN ND2 HD22 sing N N 53  
ASN OXT HXT  sing N N 54  
ASP N   CA   sing N N 55  
ASP N   H    sing N N 56  
ASP N   H2   sing N N 57  
ASP CA  C    sing N N 58  
ASP CA  CB   sing N N 59  
ASP CA  HA   sing N N 60  
ASP C   O    doub N N 61  
ASP C   OXT  sing N N 62  
ASP CB  CG   sing N N 63  
ASP CB  HB2  sing N N 64  
ASP CB  HB3  sing N N 65  
ASP CG  OD1  doub N N 66  
ASP CG  OD2  sing N N 67  
ASP OD2 HD2  sing N N 68  
ASP OXT HXT  sing N N 69  
CYS N   CA   sing N N 70  
CYS N   H    sing N N 71  
CYS N   H2   sing N N 72  
CYS CA  C    sing N N 73  
CYS CA  CB   sing N N 74  
CYS CA  HA   sing N N 75  
CYS C   O    doub N N 76  
CYS C   OXT  sing N N 77  
CYS CB  SG   sing N N 78  
CYS CB  HB2  sing N N 79  
CYS CB  HB3  sing N N 80  
CYS SG  HG   sing N N 81  
CYS OXT HXT  sing N N 82  
GLN N   CA   sing N N 83  
GLN N   H    sing N N 84  
GLN N   H2   sing N N 85  
GLN CA  C    sing N N 86  
GLN CA  CB   sing N N 87  
GLN CA  HA   sing N N 88  
GLN C   O    doub N N 89  
GLN C   OXT  sing N N 90  
GLN CB  CG   sing N N 91  
GLN CB  HB2  sing N N 92  
GLN CB  HB3  sing N N 93  
GLN CG  CD   sing N N 94  
GLN CG  HG2  sing N N 95  
GLN CG  HG3  sing N N 96  
GLN CD  OE1  doub N N 97  
GLN CD  NE2  sing N N 98  
GLN NE2 HE21 sing N N 99  
GLN NE2 HE22 sing N N 100 
GLN OXT HXT  sing N N 101 
GLU N   CA   sing N N 102 
GLU N   H    sing N N 103 
GLU N   H2   sing N N 104 
GLU CA  C    sing N N 105 
GLU CA  CB   sing N N 106 
GLU CA  HA   sing N N 107 
GLU C   O    doub N N 108 
GLU C   OXT  sing N N 109 
GLU CB  CG   sing N N 110 
GLU CB  HB2  sing N N 111 
GLU CB  HB3  sing N N 112 
GLU CG  CD   sing N N 113 
GLU CG  HG2  sing N N 114 
GLU CG  HG3  sing N N 115 
GLU CD  OE1  doub N N 116 
GLU CD  OE2  sing N N 117 
GLU OE2 HE2  sing N N 118 
GLU OXT HXT  sing N N 119 
GLY N   CA   sing N N 120 
GLY N   H    sing N N 121 
GLY N   H2   sing N N 122 
GLY CA  C    sing N N 123 
GLY CA  HA2  sing N N 124 
GLY CA  HA3  sing N N 125 
GLY C   O    doub N N 126 
GLY C   OXT  sing N N 127 
GLY OXT HXT  sing N N 128 
HIS N   CA   sing N N 129 
HIS N   H    sing N N 130 
HIS N   H2   sing N N 131 
HIS CA  C    sing N N 132 
HIS CA  CB   sing N N 133 
HIS CA  HA   sing N N 134 
HIS C   O    doub N N 135 
HIS C   OXT  sing N N 136 
HIS CB  CG   sing N N 137 
HIS CB  HB2  sing N N 138 
HIS CB  HB3  sing N N 139 
HIS CG  ND1  sing Y N 140 
HIS CG  CD2  doub Y N 141 
HIS ND1 CE1  doub Y N 142 
HIS ND1 HD1  sing N N 143 
HIS CD2 NE2  sing Y N 144 
HIS CD2 HD2  sing N N 145 
HIS CE1 NE2  sing Y N 146 
HIS CE1 HE1  sing N N 147 
HIS NE2 HE2  sing N N 148 
HIS OXT HXT  sing N N 149 
HOH O   H1   sing N N 150 
HOH O   H2   sing N N 151 
ILE N   CA   sing N N 152 
ILE N   H    sing N N 153 
ILE N   H2   sing N N 154 
ILE CA  C    sing N N 155 
ILE CA  CB   sing N N 156 
ILE CA  HA   sing N N 157 
ILE C   O    doub N N 158 
ILE C   OXT  sing N N 159 
ILE CB  CG1  sing N N 160 
ILE CB  CG2  sing N N 161 
ILE CB  HB   sing N N 162 
ILE CG1 CD1  sing N N 163 
ILE CG1 HG12 sing N N 164 
ILE CG1 HG13 sing N N 165 
ILE CG2 HG21 sing N N 166 
ILE CG2 HG22 sing N N 167 
ILE CG2 HG23 sing N N 168 
ILE CD1 HD11 sing N N 169 
ILE CD1 HD12 sing N N 170 
ILE CD1 HD13 sing N N 171 
ILE OXT HXT  sing N N 172 
LEU N   CA   sing N N 173 
LEU N   H    sing N N 174 
LEU N   H2   sing N N 175 
LEU CA  C    sing N N 176 
LEU CA  CB   sing N N 177 
LEU CA  HA   sing N N 178 
LEU C   O    doub N N 179 
LEU C   OXT  sing N N 180 
LEU CB  CG   sing N N 181 
LEU CB  HB2  sing N N 182 
LEU CB  HB3  sing N N 183 
LEU CG  CD1  sing N N 184 
LEU CG  CD2  sing N N 185 
LEU CG  HG   sing N N 186 
LEU CD1 HD11 sing N N 187 
LEU CD1 HD12 sing N N 188 
LEU CD1 HD13 sing N N 189 
LEU CD2 HD21 sing N N 190 
LEU CD2 HD22 sing N N 191 
LEU CD2 HD23 sing N N 192 
LEU OXT HXT  sing N N 193 
LYS N   CA   sing N N 194 
LYS N   H    sing N N 195 
LYS N   H2   sing N N 196 
LYS CA  C    sing N N 197 
LYS CA  CB   sing N N 198 
LYS CA  HA   sing N N 199 
LYS C   O    doub N N 200 
LYS C   OXT  sing N N 201 
LYS CB  CG   sing N N 202 
LYS CB  HB2  sing N N 203 
LYS CB  HB3  sing N N 204 
LYS CG  CD   sing N N 205 
LYS CG  HG2  sing N N 206 
LYS CG  HG3  sing N N 207 
LYS CD  CE   sing N N 208 
LYS CD  HD2  sing N N 209 
LYS CD  HD3  sing N N 210 
LYS CE  NZ   sing N N 211 
LYS CE  HE2  sing N N 212 
LYS CE  HE3  sing N N 213 
LYS NZ  HZ1  sing N N 214 
LYS NZ  HZ2  sing N N 215 
LYS NZ  HZ3  sing N N 216 
LYS OXT HXT  sing N N 217 
MET N   CA   sing N N 218 
MET N   H    sing N N 219 
MET N   H2   sing N N 220 
MET CA  C    sing N N 221 
MET CA  CB   sing N N 222 
MET CA  HA   sing N N 223 
MET C   O    doub N N 224 
MET C   OXT  sing N N 225 
MET CB  CG   sing N N 226 
MET CB  HB2  sing N N 227 
MET CB  HB3  sing N N 228 
MET CG  SD   sing N N 229 
MET CG  HG2  sing N N 230 
MET CG  HG3  sing N N 231 
MET SD  CE   sing N N 232 
MET CE  HE1  sing N N 233 
MET CE  HE2  sing N N 234 
MET CE  HE3  sing N N 235 
MET OXT HXT  sing N N 236 
PHE N   CA   sing N N 237 
PHE N   H    sing N N 238 
PHE N   H2   sing N N 239 
PHE CA  C    sing N N 240 
PHE CA  CB   sing N N 241 
PHE CA  HA   sing N N 242 
PHE C   O    doub N N 243 
PHE C   OXT  sing N N 244 
PHE CB  CG   sing N N 245 
PHE CB  HB2  sing N N 246 
PHE CB  HB3  sing N N 247 
PHE CG  CD1  doub Y N 248 
PHE CG  CD2  sing Y N 249 
PHE CD1 CE1  sing Y N 250 
PHE CD1 HD1  sing N N 251 
PHE CD2 CE2  doub Y N 252 
PHE CD2 HD2  sing N N 253 
PHE CE1 CZ   doub Y N 254 
PHE CE1 HE1  sing N N 255 
PHE CE2 CZ   sing Y N 256 
PHE CE2 HE2  sing N N 257 
PHE CZ  HZ   sing N N 258 
PHE OXT HXT  sing N N 259 
PRO N   CA   sing N N 260 
PRO N   CD   sing N N 261 
PRO N   H    sing N N 262 
PRO CA  C    sing N N 263 
PRO CA  CB   sing N N 264 
PRO CA  HA   sing N N 265 
PRO C   O    doub N N 266 
PRO C   OXT  sing N N 267 
PRO CB  CG   sing N N 268 
PRO CB  HB2  sing N N 269 
PRO CB  HB3  sing N N 270 
PRO CG  CD   sing N N 271 
PRO CG  HG2  sing N N 272 
PRO CG  HG3  sing N N 273 
PRO CD  HD2  sing N N 274 
PRO CD  HD3  sing N N 275 
PRO OXT HXT  sing N N 276 
SER N   CA   sing N N 277 
SER N   H    sing N N 278 
SER N   H2   sing N N 279 
SER CA  C    sing N N 280 
SER CA  CB   sing N N 281 
SER CA  HA   sing N N 282 
SER C   O    doub N N 283 
SER C   OXT  sing N N 284 
SER CB  OG   sing N N 285 
SER CB  HB2  sing N N 286 
SER CB  HB3  sing N N 287 
SER OG  HG   sing N N 288 
SER OXT HXT  sing N N 289 
THR N   CA   sing N N 290 
THR N   H    sing N N 291 
THR N   H2   sing N N 292 
THR CA  C    sing N N 293 
THR CA  CB   sing N N 294 
THR CA  HA   sing N N 295 
THR C   O    doub N N 296 
THR C   OXT  sing N N 297 
THR CB  OG1  sing N N 298 
THR CB  CG2  sing N N 299 
THR CB  HB   sing N N 300 
THR OG1 HG1  sing N N 301 
THR CG2 HG21 sing N N 302 
THR CG2 HG22 sing N N 303 
THR CG2 HG23 sing N N 304 
THR OXT HXT  sing N N 305 
TYR N   CA   sing N N 306 
TYR N   H    sing N N 307 
TYR N   H2   sing N N 308 
TYR CA  C    sing N N 309 
TYR CA  CB   sing N N 310 
TYR CA  HA   sing N N 311 
TYR C   O    doub N N 312 
TYR C   OXT  sing N N 313 
TYR CB  CG   sing N N 314 
TYR CB  HB2  sing N N 315 
TYR CB  HB3  sing N N 316 
TYR CG  CD1  doub Y N 317 
TYR CG  CD2  sing Y N 318 
TYR CD1 CE1  sing Y N 319 
TYR CD1 HD1  sing N N 320 
TYR CD2 CE2  doub Y N 321 
TYR CD2 HD2  sing N N 322 
TYR CE1 CZ   doub Y N 323 
TYR CE1 HE1  sing N N 324 
TYR CE2 CZ   sing Y N 325 
TYR CE2 HE2  sing N N 326 
TYR CZ  OH   sing N N 327 
TYR OH  HH   sing N N 328 
TYR OXT HXT  sing N N 329 
VAL N   CA   sing N N 330 
VAL N   H    sing N N 331 
VAL N   H2   sing N N 332 
VAL CA  C    sing N N 333 
VAL CA  CB   sing N N 334 
VAL CA  HA   sing N N 335 
VAL C   O    doub N N 336 
VAL C   OXT  sing N N 337 
VAL CB  CG1  sing N N 338 
VAL CB  CG2  sing N N 339 
VAL CB  HB   sing N N 340 
VAL CG1 HG11 sing N N 341 
VAL CG1 HG12 sing N N 342 
VAL CG1 HG13 sing N N 343 
VAL CG2 HG21 sing N N 344 
VAL CG2 HG22 sing N N 345 
VAL CG2 HG23 sing N N 346 
VAL OXT HXT  sing N N 347 
# 
loop_
_pdbx_audit_support.funding_organization 
_pdbx_audit_support.country 
_pdbx_audit_support.grant_number 
_pdbx_audit_support.ordinal 
'Pasteur Institute'                                   France ? 1 
'Centre National de la Recherche Scientifique (CNRS)' France ? 2 
# 
_pdbx_initial_refinement_model.id               1 
_pdbx_initial_refinement_model.entity_id_list   ? 
_pdbx_initial_refinement_model.type             'experimental model' 
_pdbx_initial_refinement_model.source_name      PDB 
_pdbx_initial_refinement_model.accession_code   6HKS 
_pdbx_initial_refinement_model.details          ? 
# 
_atom_sites.entry_id                    8CQY 
_atom_sites.Cartn_transf_matrix[1][1]   ? 
_atom_sites.Cartn_transf_matrix[1][2]   ? 
_atom_sites.Cartn_transf_matrix[1][3]   ? 
_atom_sites.Cartn_transf_matrix[2][1]   ? 
_atom_sites.Cartn_transf_matrix[2][2]   ? 
_atom_sites.Cartn_transf_matrix[2][3]   ? 
_atom_sites.Cartn_transf_matrix[3][1]   ? 
_atom_sites.Cartn_transf_matrix[3][2]   ? 
_atom_sites.Cartn_transf_matrix[3][3]   ? 
_atom_sites.Cartn_transf_vector[1]      ? 
_atom_sites.Cartn_transf_vector[2]      ? 
_atom_sites.Cartn_transf_vector[3]      ? 
_atom_sites.fract_transf_matrix[1][1]   -0.00171004 
_atom_sites.fract_transf_matrix[1][2]   -0.00094061 
_atom_sites.fract_transf_matrix[1][3]   0.01489292 
_atom_sites.fract_transf_matrix[2][1]   0.00392078 
_atom_sites.fract_transf_matrix[2][2]   0.01155814 
_atom_sites.fract_transf_matrix[2][3]   0.00875427 
_atom_sites.fract_transf_matrix[3][1]   -0.01995892 
_atom_sites.fract_transf_matrix[3][2]   0.00811795 
_atom_sites.fract_transf_matrix[3][3]   -0.00177901 
_atom_sites.fract_transf_vector[1]      0.435817 
_atom_sites.fract_transf_vector[2]      -0.145079 
_atom_sites.fract_transf_vector[3]      -0.040651 
_atom_sites.solution_primary            ? 
_atom_sites.solution_secondary          ? 
_atom_sites.solution_hydrogens          ? 
_atom_sites.special_details             ? 
# 
loop_
_atom_type.symbol 
C  
N  
NA 
O  
S  
# 
loop_
_atom_site.group_PDB 
_atom_site.id 
_atom_site.type_symbol 
_atom_site.label_atom_id 
_atom_site.label_alt_id 
_atom_site.label_comp_id 
_atom_site.label_asym_id 
_atom_site.label_entity_id 
_atom_site.label_seq_id 
_atom_site.pdbx_PDB_ins_code 
_atom_site.Cartn_x 
_atom_site.Cartn_y 
_atom_site.Cartn_z 
_atom_site.occupancy 
_atom_site.B_iso_or_equiv 
_atom_site.pdbx_formal_charge 
_atom_site.auth_seq_id 
_atom_site.auth_comp_id 
_atom_site.auth_asym_id 
_atom_site.auth_atom_id 
_atom_site.pdbx_PDB_model_num 
ATOM   1   N  N   . ASP A 1 22  ? -7.487  -19.947 5.320   1.00 76.23  ?  5   ASP A N   1 
ATOM   2   C  CA  . ASP A 1 22  ? -8.018  -18.818 6.207   1.00 83.18  ?  5   ASP A CA  1 
ATOM   3   C  C   . ASP A 1 22  ? -7.605  -17.475 5.577   1.00 76.82  ?  5   ASP A C   1 
ATOM   4   O  O   . ASP A 1 22  ? -8.504  -16.608 5.237   1.00 68.97  ?  5   ASP A O   1 
ATOM   5   C  CB  . ASP A 1 22  ? -7.604  -18.963 7.693   1.00 87.10  ?  5   ASP A CB  1 
ATOM   6   C  CG  . ASP A 1 22  ? -6.159  -18.608 8.073   1.00 95.92  ?  5   ASP A CG  1 
ATOM   7   O  OD1 . ASP A 1 22  ? -5.266  -19.489 7.899   1.00 90.63  ?  5   ASP A OD1 1 
ATOM   8   O  OD2 . ASP A 1 22  ? -5.922  -17.452 8.556   1.00 94.29  ?  5   ASP A OD2 1 
ATOM   9   N  N   . SER A 1 23  ? -6.269  -17.312 5.412   1.00 61.20  ?  6   SER A N   1 
ATOM   10  C  CA  . SER A 1 23  ? -5.727  -16.085 4.837   1.00 53.91  ?  6   SER A CA  1 
ATOM   11  C  C   . SER A 1 23  ? -5.158  -16.372 3.451   1.00 48.64  ?  6   SER A C   1 
ATOM   12  O  O   . SER A 1 23  ? -4.689  -17.504 3.074   1.00 51.33  ?  6   SER A O   1 
ATOM   13  C  CB  . SER A 1 23  ? -4.749  -15.345 5.770   1.00 57.89  ?  6   SER A CB  1 
ATOM   14  O  OG  . SER A 1 23  ? -3.419  -15.822 5.689   1.00 58.82  ?  6   SER A OG  1 
ATOM   15  N  N   . TYR A 1 24  ? -5.235  -15.330 2.633   1.00 41.47  ?  7   TYR A N   1 
ATOM   16  C  CA  . TYR A 1 24  ? -4.879  -15.449 1.256   1.00 39.94  ?  7   TYR A CA  1 
ATOM   17  C  C   . TYR A 1 24  ? -4.235  -14.159 0.755   1.00 33.80  ?  7   TYR A C   1 
ATOM   18  O  O   . TYR A 1 24  ? -4.418  -13.087 1.320   1.00 36.75  ?  7   TYR A O   1 
ATOM   19  C  CB  . TYR A 1 24  ? -6.105  -15.796 0.371   1.00 44.45  ?  7   TYR A CB  1 
ATOM   20  C  CG  . TYR A 1 24  ? -7.286  -14.856 0.529   1.00 41.19  ?  7   TYR A CG  1 
ATOM   21  C  CD1 . TYR A 1 24  ? -8.180  -14.994 1.587   1.00 39.51  ?  7   TYR A CD1 1 
ATOM   22  C  CD2 . TYR A 1 24  ? -7.465  -13.771 -0.313  1.00 40.98  ?  7   TYR A CD2 1 
ATOM   23  C  CE1 . TYR A 1 24  ? -9.253  -14.134 1.789   1.00 39.75  ?  7   TYR A CE1 1 
ATOM   24  C  CE2 . TYR A 1 24  ? -8.586  -12.975 -0.190  1.00 36.15  ?  7   TYR A CE2 1 
ATOM   25  C  CZ  . TYR A 1 24  ? -9.441  -13.094 0.894   1.00 35.15  ?  7   TYR A CZ  1 
ATOM   26  O  OH  . TYR A 1 24  ? -10.570 -12.282 1.118   1.00 38.99  ?  7   TYR A OH  1 
ATOM   27  N  N   . LEU A 1 25  ? -3.450  -14.359 -0.279  1.00 39.36  ?  8   LEU A N   1 
ATOM   28  C  CA  . LEU A 1 25  ? -2.708  -13.247 -0.994  1.00 38.46  ?  8   LEU A CA  1 
ATOM   29  C  C   . LEU A 1 25  ? -3.513  -12.700 -2.202  1.00 39.08  ?  8   LEU A C   1 
ATOM   30  O  O   . LEU A 1 25  ? -4.174  -13.421 -3.090  1.00 40.22  ?  8   LEU A O   1 
ATOM   31  C  CB  . LEU A 1 25  ? -1.365  -13.741 -1.514  1.00 44.50  ?  8   LEU A CB  1 
ATOM   32  C  CG  . LEU A 1 25  ? -0.420  -14.296 -0.464  1.00 44.51  ?  8   LEU A CG  1 
ATOM   33  C  CD1 . LEU A 1 25  ? 0.861   -14.691 -1.240  1.00 52.05  ?  8   LEU A CD1 1 
ATOM   34  C  CD2 . LEU A 1 25  ? -0.105  -13.246 0.582   1.00 48.05  ?  8   LEU A CD2 1 
ATOM   35  N  N   . VAL A 1 26  ? -3.452  -11.367 -2.297  1.00 34.89  ?  9   VAL A N   1 
ATOM   36  C  CA  . VAL A 1 26  ? -4.053  -10.635 -3.411  1.00 34.80  ?  9   VAL A CA  1 
ATOM   37  C  C   . VAL A 1 26  ? -3.052  -9.671  -4.003  1.00 34.45  ?  9   VAL A C   1 
ATOM   38  O  O   . VAL A 1 26  ? -2.477  -8.895  -3.198  1.00 32.58  ?  9   VAL A O   1 
ATOM   39  C  CB  . VAL A 1 26  ? -5.310  -9.848  -2.939  1.00 35.10  ?  9   VAL A CB  1 
ATOM   40  C  CG1 . VAL A 1 26  ? -6.063  -9.354  -4.195  1.00 38.88  ?  9   VAL A CG1 1 
ATOM   41  C  CG2 . VAL A 1 26  ? -6.335  -10.593 -2.062  1.00 34.86  ?  9   VAL A CG2 1 
ATOM   42  N  N   . LEU A 1 27  ? -2.968  -9.653  -5.346  1.00 32.64  ?  10  LEU A N   1 
ATOM   43  C  CA  . LEU A 1 27  ? -2.211  -8.685  -6.034  1.00 30.56  ?  10  LEU A CA  1 
ATOM   44  C  C   . LEU A 1 27  ? -3.130  -7.550  -6.485  1.00 37.77  ?  10  LEU A C   1 
ATOM   45  O  O   . LEU A 1 27  ? -4.022  -7.724  -7.368  1.00 39.11  ?  10  LEU A O   1 
ATOM   46  C  CB  . LEU A 1 27  ? -1.558  -9.327  -7.260  1.00 35.88  ?  10  LEU A CB  1 
ATOM   47  C  CG  . LEU A 1 27  ? -0.881  -8.408  -8.278  1.00 41.47  ?  10  LEU A CG  1 
ATOM   48  C  CD1 . LEU A 1 27  ? 0.334   -7.723  -7.732  1.00 49.54  ?  10  LEU A CD1 1 
ATOM   49  C  CD2 . LEU A 1 27  ? -0.464  -9.283  -9.418  1.00 44.81  ?  10  LEU A CD2 1 
ATOM   50  N  N   . ILE A 1 28  ? -2.704  -6.357  -6.092  1.00 33.86  ?  11  ILE A N   1 
ATOM   51  C  CA  . ILE A 1 28  ? -3.518  -5.198  -6.298  1.00 38.39  ?  11  ILE A CA  1 
ATOM   52  C  C   . ILE A 1 28  ? -2.654  -4.275  -7.102  1.00 36.21  ?  11  ILE A C   1 
ATOM   53  O  O   . ILE A 1 28  ? -1.522  -4.012  -6.722  1.00 38.53  ?  11  ILE A O   1 
ATOM   54  C  CB  . ILE A 1 28  ? -4.075  -4.565  -5.021  1.00 40.25  ?  11  ILE A CB  1 
ATOM   55  C  CG1 . ILE A 1 28  ? -4.944  -5.555  -4.219  1.00 42.79  ?  11  ILE A CG1 1 
ATOM   56  C  CG2 . ILE A 1 28  ? -4.809  -3.274  -5.332  1.00 33.73  ?  11  ILE A CG2 1 
ATOM   57  C  CD1 . ILE A 1 28  ? -4.890  -5.355  -2.810  1.00 52.22  ?  11  ILE A CD1 1 
ATOM   58  N  N   . ARG A 1 29  ? -3.221  -3.705  -8.136  1.00 35.03  ?  12  ARG A N   1 
ATOM   59  C  CA  . ARG A 1 29  ? -2.564  -2.812  -8.990  1.00 34.04  ?  12  ARG A CA  1 
ATOM   60  C  C   . ARG A 1 29  ? -3.241  -1.459  -9.131  1.00 32.85  ?  12  ARG A C   1 
ATOM   61  O  O   . ARG A 1 29  ? -4.407  -1.331  -9.559  1.00 31.35  ?  12  ARG A O   1 
ATOM   62  C  CB  . ARG A 1 29  ? -2.333  -3.323  -10.425 1.00 39.11  ?  12  ARG A CB  1 
ATOM   63  C  CG  . ARG A 1 29  ? -1.668  -4.695  -10.567 1.00 41.51  ?  12  ARG A CG  1 
ATOM   64  C  CD  . ARG A 1 29  ? -1.404  -4.752  -12.107 1.00 46.70  ?  12  ARG A CD  1 
ATOM   65  N  NE  . ARG A 1 29  ? -1.474  -6.119  -12.450 1.00 49.06  ?  12  ARG A NE  1 
ATOM   66  C  CZ  . ARG A 1 29  ? -0.778  -6.734  -13.395 1.00 42.21  ?  12  ARG A CZ  1 
ATOM   67  N  NH1 . ARG A 1 29  ? -0.109  -6.020  -14.307 1.00 40.13  ?  12  ARG A NH1 1 
ATOM   68  N  NH2 . ARG A 1 29  ? -1.007  -8.023  -13.495 1.00 42.24  ?  12  ARG A NH2 1 
ATOM   69  N  N   . ILE A 1 30  ? -2.547  -0.421  -8.760  1.00 34.31  ?  13  ILE A N   1 
ATOM   70  C  CA  . ILE A 1 30  ? -3.189  0.943   -8.642  1.00 32.04  ?  13  ILE A CA  1 
ATOM   71  C  C   . ILE A 1 30  ? -2.367  2.033   -9.347  1.00 35.65  ?  13  ILE A C   1 
ATOM   72  O  O   . ILE A 1 30  ? -1.138  2.166   -9.188  1.00 39.91  ?  13  ILE A O   1 
ATOM   73  C  CB  . ILE A 1 30  ? -3.346  1.324   -7.143  1.00 32.34  ?  13  ILE A CB  1 
ATOM   74  C  CG1 . ILE A 1 30  ? -3.660  0.180   -6.220  1.00 34.82  ?  13  ILE A CG1 1 
ATOM   75  C  CG2 . ILE A 1 30  ? -4.413  2.481   -7.057  1.00 34.78  ?  13  ILE A CG2 1 
ATOM   76  C  CD1 . ILE A 1 30  ? -3.611  0.566   -4.799  1.00 32.28  ?  13  ILE A CD1 1 
ATOM   77  N  N   . THR A 1 31  ? -3.068  2.893   -10.029 1.00 37.63  ?  14  THR A N   1 
ATOM   78  C  CA  . THR A 1 31  ? -2.503  4.059   -10.736 1.00 41.69  ?  14  THR A CA  1 
ATOM   79  C  C   . THR A 1 31  ? -2.890  5.288   -9.885  1.00 40.18  ?  14  THR A C   1 
ATOM   80  O  O   . THR A 1 31  ? -4.070  5.377   -9.422  1.00 47.45  ?  14  THR A O   1 
ATOM   81  C  CB  . THR A 1 31  ? -3.041  3.976   -12.173 1.00 48.01  ?  14  THR A CB  1 
ATOM   82  O  OG1 . THR A 1 31  ? -2.161  3.053   -12.839 1.00 57.93  ?  14  THR A OG1 1 
ATOM   83  C  CG2 . THR A 1 31  ? -3.056  5.304   -12.881 1.00 56.16  ?  14  THR A CG2 1 
ATOM   84  N  N   . PRO A 1 32  ? -1.977  6.226   -9.591  1.00 47.09  ?  15  PRO A N   1 
ATOM   85  C  CA  . PRO A 1 32  ? -2.317  7.366   -8.743  1.00 43.66  ?  15  PRO A CA  1 
ATOM   86  C  C   . PRO A 1 32  ? -3.276  8.311   -9.475  1.00 40.99  ?  15  PRO A C   1 
ATOM   87  O  O   . PRO A 1 32  ? -3.416  8.291   -10.702 1.00 47.62  ?  15  PRO A O   1 
ATOM   88  C  CB  . PRO A 1 32  ? -0.998  8.092   -8.454  1.00 46.88  ?  15  PRO A CB  1 
ATOM   89  C  CG  . PRO A 1 32  ? -0.102  7.654   -9.581  1.00 45.28  ?  15  PRO A CG  1 
ATOM   90  C  CD  . PRO A 1 32  ? -0.613  6.331   -10.111 1.00 45.68  ?  15  PRO A CD  1 
ATOM   91  N  N   . ASP A 1 33  ? -4.022  9.029   -8.663  1.00 41.89  ?  16  ASP A N   1 
ATOM   92  C  CA  . ASP A 1 33  ? -4.872  10.125  -9.174  1.00 44.79  ?  16  ASP A CA  1 
ATOM   93  C  C   . ASP A 1 33  ? -3.976  11.310  -9.596  1.00 47.78  ?  16  ASP A C   1 
ATOM   94  O  O   . ASP A 1 33  ? -2.723  11.160  -9.768  1.00 51.22  ?  16  ASP A O   1 
ATOM   95  C  CB  . ASP A 1 33  ? -5.933  10.395  -8.103  1.00 44.70  ?  16  ASP A CB  1 
ATOM   96  C  CG  . ASP A 1 33  ? -5.508  11.253  -6.922  1.00 50.02  ?  16  ASP A CG  1 
ATOM   97  O  OD1 . ASP A 1 33  ? -4.367  11.819  -6.882  1.00 56.08  ?  16  ASP A OD1 1 
ATOM   98  O  OD2 . ASP A 1 33  ? -6.254  11.215  -5.930  1.00 49.97  ?  16  ASP A OD2 1 
ATOM   99  N  N   . GLU A 1 34  ? -4.672  12.437  -9.915  1.00 58.68  ?  17  GLU A N   1 
ATOM   100 C  CA  . GLU A 1 34  ? -4.083  13.631  -10.491 1.00 69.01  ?  17  GLU A CA  1 
ATOM   101 C  C   . GLU A 1 34  ? -3.196  14.332  -9.456  1.00 67.95  ?  17  GLU A C   1 
ATOM   102 O  O   . GLU A 1 34  ? -2.182  14.911  -9.827  1.00 70.24  ?  17  GLU A O   1 
ATOM   103 C  CB  . GLU A 1 34  ? -5.156  14.574  -11.058 1.00 79.61  ?  17  GLU A CB  1 
ATOM   104 C  CG  . GLU A 1 34  ? -5.334  14.468  -12.580 1.00 89.08  ?  17  GLU A CG  1 
ATOM   105 C  CD  . GLU A 1 34  ? -6.519  13.640  -13.106 1.00 96.23  ?  17  GLU A CD  1 
ATOM   106 O  OE1 . GLU A 1 34  ? -7.176  14.093  -14.084 1.00 93.25  ?  17  GLU A OE1 1 
ATOM   107 O  OE2 . GLU A 1 34  ? -6.784  12.523  -12.562 1.00 95.34  ?  17  GLU A OE2 1 
ATOM   108 N  N   . ASP A 1 35  ? -3.532  14.213  -8.169  1.00 65.95  ?  18  ASP A N   1 
ATOM   109 C  CA  . ASP A 1 35  ? -2.686  14.720  -7.044  1.00 64.67  ?  18  ASP A CA  1 
ATOM   110 C  C   . ASP A 1 35  ? -1.473  13.845  -6.702  1.00 63.10  ?  18  ASP A C   1 
ATOM   111 O  O   . ASP A 1 35  ? -0.730  14.225  -5.807  1.00 57.22  ?  18  ASP A O   1 
ATOM   112 C  CB  . ASP A 1 35  ? -3.488  14.852  -5.735  1.00 72.87  ?  18  ASP A CB  1 
ATOM   113 C  CG  . ASP A 1 35  ? -4.646  15.838  -5.852  1.00 83.22  ?  18  ASP A CG  1 
ATOM   114 O  OD1 . ASP A 1 35  ? -4.395  16.989  -6.302  1.00 80.46  ?  18  ASP A OD1 1 
ATOM   115 O  OD2 . ASP A 1 35  ? -5.792  15.439  -5.524  1.00 84.78  ?  18  ASP A OD2 1 
ATOM   116 N  N   . GLY A 1 36  ? -1.315  12.664  -7.317  1.00 50.22  ?  19  GLY A N   1 
ATOM   117 C  CA  . GLY A 1 36  ? -0.251  11.718  -6.955  1.00 50.93  ?  19  GLY A CA  1 
ATOM   118 C  C   . GLY A 1 36  ? -0.702  10.716  -5.912  1.00 47.65  ?  19  GLY A C   1 
ATOM   119 O  O   . GLY A 1 36  ? 0.124   9.891   -5.406  1.00 41.87  ?  19  GLY A O   1 
ATOM   120 N  N   . LYS A 1 37  ? -1.975  10.736  -5.488  1.00 44.37  ?  20  LYS A N   1 
ATOM   121 C  CA  . LYS A 1 37  ? -2.295  9.846   -4.367  1.00 41.78  ?  20  LYS A CA  1 
ATOM   122 C  C   . LYS A 1 37  ? -2.993  8.595   -4.885  1.00 36.91  ?  20  LYS A C   1 
ATOM   123 O  O   . LYS A 1 37  ? -3.704  8.607   -5.757  1.00 39.68  ?  20  LYS A O   1 
ATOM   124 C  CB  . LYS A 1 37  ? -3.174  10.571  -3.356  1.00 44.97  ?  20  LYS A CB  1 
ATOM   125 C  CG  . LYS A 1 37  ? -2.525  11.680  -2.561  1.00 53.09  ?  20  LYS A CG  1 
ATOM   126 C  CD  . LYS A 1 37  ? -1.403  11.110  -1.639  1.00 57.52  ?  20  LYS A CD  1 
ATOM   127 C  CE  . LYS A 1 37  ? -0.838  12.042  -0.573  1.00 56.78  ?  20  LYS A CE  1 
ATOM   128 N  NZ  . LYS A 1 37  ? -1.025  13.427  -1.068  1.00 60.87  ?  20  LYS A NZ  1 
ATOM   129 N  N   . PHE A 1 38  ? -2.786  7.485   -4.163  1.00 35.87  ?  21  PHE A N   1 
ATOM   130 C  CA  . PHE A 1 38  ? -3.458  6.215   -4.402  1.00 34.10  ?  21  PHE A CA  1 
ATOM   131 C  C   . PHE A 1 38  ? -4.797  6.126   -3.679  1.00 32.46  ?  21  PHE A C   1 
ATOM   132 O  O   . PHE A 1 38  ? -5.633  5.337   -4.079  1.00 36.62  ?  21  PHE A O   1 
ATOM   133 C  CB  . PHE A 1 38  ? -2.518  5.082   -3.989  1.00 32.19  ?  21  PHE A CB  1 
ATOM   134 C  CG  . PHE A 1 38  ? -1.324  5.110   -4.884  1.00 31.77  ?  21  PHE A CG  1 
ATOM   135 C  CD1 . PHE A 1 38  ? -1.344  4.535   -6.159  1.00 31.77  ?  21  PHE A CD1 1 
ATOM   136 C  CD2 . PHE A 1 38  ? -0.107  5.695   -4.454  1.00 34.32  ?  21  PHE A CD2 1 
ATOM   137 C  CE1 . PHE A 1 38  ? -0.200  4.494   -6.967  1.00 35.43  ?  21  PHE A CE1 1 
ATOM   138 C  CE2 . PHE A 1 38  ? 1.013   5.676   -5.258  1.00 33.59  ?  21  PHE A CE2 1 
ATOM   139 C  CZ  . PHE A 1 38  ? 0.994   5.059   -6.521  1.00 34.65  ?  21  PHE A CZ  1 
ATOM   140 N  N   . GLY A 1 39  ? -4.914  6.817   -2.560  1.00 32.50  ?  22  GLY A N   1 
ATOM   141 C  CA  . GLY A 1 39  ? -6.184  6.898   -1.759  1.00 33.64  ?  22  GLY A CA  1 
ATOM   142 C  C   . GLY A 1 39  ? -6.222  5.883   -0.640  1.00 29.56  ?  22  GLY A C   1 
ATOM   143 O  O   . GLY A 1 39  ? -7.257  5.224   -0.317  1.00 30.71  ?  22  GLY A O   1 
ATOM   144 N  N   . PHE A 1 40  ? -5.050  5.586   -0.019  1.00 29.56  ?  23  PHE A N   1 
ATOM   145 C  CA  . PHE A 1 40  ? -5.047  4.769   1.210   1.00 26.92  ?  23  PHE A CA  1 
ATOM   146 C  C   . PHE A 1 40  ? -4.090  5.261   2.289   1.00 28.34  ?  23  PHE A C   1 
ATOM   147 O  O   . PHE A 1 40  ? -3.216  6.055   1.894   1.00 32.24  ?  23  PHE A O   1 
ATOM   148 C  CB  . PHE A 1 40  ? -4.749  3.295   1.020   1.00 30.42  ?  23  PHE A CB  1 
ATOM   149 C  CG  . PHE A 1 40  ? -3.376  3.038   0.423   1.00 29.21  ?  23  PHE A CG  1 
ATOM   150 C  CD1 . PHE A 1 40  ? -3.082  3.097   -0.924  1.00 28.44  ?  23  PHE A CD1 1 
ATOM   151 C  CD2 . PHE A 1 40  ? -2.349  2.657   1.273   1.00 32.40  ?  23  PHE A CD2 1 
ATOM   152 C  CE1 . PHE A 1 40  ? -1.846  2.751   -1.419  1.00 31.18  ?  23  PHE A CE1 1 
ATOM   153 C  CE2 . PHE A 1 40  ? -1.053  2.358   0.799   1.00 30.49  ?  23  PHE A CE2 1 
ATOM   154 C  CZ  . PHE A 1 40  ? -0.768  2.469   -0.555  1.00 28.67  ?  23  PHE A CZ  1 
ATOM   155 N  N   . ASN A 1 41  ? -4.316  4.927   3.545   1.00 29.73  ?  24  ASN A N   1 
ATOM   156 C  CA  . ASN A 1 41  ? -3.340  5.302   4.605   1.00 29.08  ?  24  ASN A CA  1 
ATOM   157 C  C   . ASN A 1 41  ? -2.712  4.024   5.025   1.00 27.96  ?  24  ASN A C   1 
ATOM   158 O  O   . ASN A 1 41  ? -3.325  2.941   5.074   1.00 31.54  ?  24  ASN A O   1 
ATOM   159 C  CB  . ASN A 1 41  ? -4.044  5.891   5.799   1.00 27.85  ?  24  ASN A CB  1 
ATOM   160 C  CG  . ASN A 1 41  ? -4.670  7.245   5.458   1.00 26.97  ?  24  ASN A CG  1 
ATOM   161 O  OD1 . ASN A 1 41  ? -4.600  7.812   4.327   1.00 31.24  ?  24  ASN A OD1 1 
ATOM   162 N  ND2 . ASN A 1 41  ? -5.205  7.898   6.503   1.00 32.57  ?  24  ASN A ND2 1 
ATOM   163 N  N   . LEU A 1 42  ? -1.535  4.111   5.475   1.00 30.05  ?  25  LEU A N   1 
ATOM   164 C  CA  . LEU A 1 42  ? -0.681  2.959   5.939   1.00 32.83  ?  25  LEU A CA  1 
ATOM   165 C  C   . LEU A 1 42  ? -0.322  3.068   7.425   1.00 27.92  ?  25  LEU A C   1 
ATOM   166 O  O   . LEU A 1 42  ? -0.044  4.220   7.892   1.00 28.94  ?  25  LEU A O   1 
ATOM   167 C  CB  . LEU A 1 42  ? 0.576   3.139   5.095   1.00 37.44  ?  25  LEU A CB  1 
ATOM   168 C  CG  . LEU A 1 42  ? 1.788   2.223   5.263   1.00 47.44  ?  25  LEU A CG  1 
ATOM   169 C  CD1 . LEU A 1 42  ? 1.410   0.791   4.910   1.00 47.55  ?  25  LEU A CD1 1 
ATOM   170 C  CD2 . LEU A 1 42  ? 2.932   2.702   4.313   1.00 51.17  ?  25  LEU A CD2 1 
ATOM   171 N  N   . LYS A 1 43  ? -0.265  2.149   8.273   1.00 31.55  ?  26  LYS A N   1 
ATOM   172 C  CA  . LYS A 1 43  ? 0.359   2.139   9.535   1.00 33.31  ?  26  LYS A CA  1 
ATOM   173 C  C   . LYS A 1 43  ? 1.350   0.976   9.612   1.00 30.44  ?  26  LYS A C   1 
ATOM   174 O  O   . LYS A 1 43  ? 1.303   0.166   8.737   1.00 29.12  ?  26  LYS A O   1 
ATOM   175 C  CB  . LYS A 1 43  ? -0.624  1.955   10.664  1.00 33.37  ?  26  LYS A CB  1 
ATOM   176 C  CG  . LYS A 1 43  ? -1.581  3.124   10.699  1.00 34.55  ?  26  LYS A CG  1 
ATOM   177 C  CD  . LYS A 1 43  ? -2.694  2.952   11.805  1.00 42.35  ?  26  LYS A CD  1 
ATOM   178 C  CE  . LYS A 1 43  ? -2.281  3.099   13.254  1.00 47.46  ?  26  LYS A CE  1 
ATOM   179 N  NZ  . LYS A 1 43  ? -1.318  4.190   13.438  1.00 52.81  ?  26  LYS A NZ  1 
ATOM   180 N  N   . GLY A 1 44  ? 2.296   1.075   10.520  1.00 33.08  ?  27  GLY A N   1 
ATOM   181 C  CA  . GLY A 1 44  ? 3.244   -0.029  10.755  1.00 29.12  ?  27  GLY A CA  1 
ATOM   182 C  C   . GLY A 1 44  ? 4.550   0.130   10.034  1.00 32.38  ?  27  GLY A C   1 
ATOM   183 O  O   . GLY A 1 44  ? 4.840   1.134   9.519   1.00 31.77  ?  27  GLY A O   1 
ATOM   184 N  N   . GLY A 1 45  ? 5.383   -0.920  10.159  1.00 32.66  ?  28  GLY A N   1 
ATOM   185 C  CA  . GLY A 1 45  ? 6.798   -0.872  9.776   1.00 31.57  ?  28  GLY A CA  1 
ATOM   186 C  C   . GLY A 1 45  ? 7.639   -1.455  10.865  1.00 34.56  ?  28  GLY A C   1 
ATOM   187 O  O   . GLY A 1 45  ? 7.181   -1.543  12.022  1.00 33.25  ?  28  GLY A O   1 
ATOM   188 N  N   . VAL A 1 46  ? 8.934   -1.670  10.537  1.00 34.78  ?  29  VAL A N   1 
ATOM   189 C  CA  . VAL A 1 46  ? 9.687   -2.412  11.493  1.00 38.24  ?  29  VAL A CA  1 
ATOM   190 C  C   . VAL A 1 46  ? 10.002  -1.519  12.722  1.00 38.47  ?  29  VAL A C   1 
ATOM   191 O  O   . VAL A 1 46  ? 10.230  -2.008  13.884  1.00 38.56  ?  29  VAL A O   1 
ATOM   192 C  CB  . VAL A 1 46  ? 10.909  -3.047  10.784  1.00 36.51  ?  29  VAL A CB  1 
ATOM   193 C  CG1 . VAL A 1 46  ? 11.923  -2.037  10.450  1.00 33.85  ?  29  VAL A CG1 1 
ATOM   194 C  CG2 . VAL A 1 46  ? 11.499  -4.212  11.565  1.00 46.33  ?  29  VAL A CG2 1 
ATOM   195 N  N   . ASP A 1 47  ? 10.069  -0.213  12.538  1.00 33.84  ?  30  ASP A N   1 
ATOM   196 C  CA  . ASP A 1 47  ? 10.269  0.825   13.586  1.00 36.21  ?  30  ASP A CA  1 
ATOM   197 C  C   . ASP A 1 47  ? 9.018   0.975   14.488  1.00 38.25  ?  30  ASP A C   1 
ATOM   198 O  O   . ASP A 1 47  ? 9.049   1.541   15.611  1.00 40.71  ?  30  ASP A O   1 
ATOM   199 C  CB  . ASP A 1 47  ? 10.744  2.127   12.943  1.00 37.42  ?  30  ASP A CB  1 
ATOM   200 C  CG  . ASP A 1 47  ? 9.661   2.755   12.014  1.00 35.91  ?  30  ASP A CG  1 
ATOM   201 O  OD1 . ASP A 1 47  ? 9.126   1.969   11.143  1.00 36.08  ?  30  ASP A OD1 1 
ATOM   202 O  OD2 . ASP A 1 47  ? 9.258   3.914   12.217  1.00 36.50  ?  30  ASP A OD2 1 
ATOM   203 N  N   . GLN A 1 48  ? 7.842   0.584   13.953  1.00 35.03  ?  31  GLN A N   1 
ATOM   204 C  CA  . GLN A 1 48  ? 6.512   0.780   14.592  1.00 37.79  ?  31  GLN A CA  1 
ATOM   205 C  C   . GLN A 1 48  ? 6.095   -0.454  15.413  1.00 39.28  ?  31  GLN A C   1 
ATOM   206 O  O   . GLN A 1 48  ? 5.064   -0.395  16.156  1.00 45.76  ?  31  GLN A O   1 
ATOM   207 C  CB  . GLN A 1 48  ? 5.550   1.055   13.441  1.00 35.88  ?  31  GLN A CB  1 
ATOM   208 C  CG  . GLN A 1 48  ? 5.818   2.306   12.660  1.00 32.76  ?  31  GLN A CG  1 
ATOM   209 C  CD  . GLN A 1 48  ? 5.640   3.573   13.437  1.00 43.06  ?  31  GLN A CD  1 
ATOM   210 O  OE1 . GLN A 1 48  ? 4.611   3.747   14.038  1.00 38.72  ?  31  GLN A OE1 1 
ATOM   211 N  NE2 . GLN A 1 48  ? 6.748   4.262   13.697  1.00 40.98  ?  31  GLN A NE2 1 
ATOM   212 N  N   . LYS A 1 49  ? 6.943   -1.480  15.364  1.00 46.88  ?  32  LYS A N   1 
ATOM   213 C  CA  . LYS A 1 49  ? 6.725   -2.757  16.102  1.00 62.37  ?  32  LYS A CA  1 
ATOM   214 C  C   . LYS A 1 49  ? 5.308   -3.252  15.755  1.00 62.65  ?  32  LYS A C   1 
ATOM   215 O  O   . LYS A 1 49  ? 4.553   -3.793  16.600  1.00 59.29  ?  32  LYS A O   1 
ATOM   216 C  CB  . LYS A 1 49  ? 6.876   -2.599  17.638  1.00 67.46  ?  32  LYS A CB  1 
ATOM   217 C  CG  . LYS A 1 49  ? 7.897   -1.575  18.176  1.00 76.97  ?  32  LYS A CG  1 
ATOM   218 C  CD  . LYS A 1 49  ? 9.387   -1.996  18.148  1.00 79.84  ?  32  LYS A CD  1 
ATOM   219 C  CE  . LYS A 1 49  ? 9.989   -2.024  16.751  1.00 90.80  ?  32  LYS A CE  1 
ATOM   220 N  NZ  . LYS A 1 49  ? 11.445  -1.697  16.711  1.00 94.60  ?  32  LYS A NZ  1 
ATOM   221 N  N   . MET A 1 50  ? 4.903   -2.996  14.502  1.00 57.84  ?  33  MET A N   1 
ATOM   222 C  CA  . MET A 1 50  ? 3.544   -3.309  14.066  1.00 55.96  ?  33  MET A CA  1 
ATOM   223 C  C   . MET A 1 50  ? 3.622   -3.548  12.571  1.00 45.53  ?  33  MET A C   1 
ATOM   224 O  O   . MET A 1 50  ? 4.258   -2.792  11.842  1.00 45.51  ?  33  MET A O   1 
ATOM   225 C  CB  . MET A 1 50  ? 2.558   -2.175  14.370  1.00 64.78  ?  33  MET A CB  1 
ATOM   226 C  CG  . MET A 1 50  ? 2.074   -2.131  15.809  1.00 74.37  ?  33  MET A CG  1 
ATOM   227 S  SD  . MET A 1 50  ? 1.325   -3.691  16.458  1.00 97.33  ?  33  MET A SD  1 
ATOM   228 C  CE  . MET A 1 50  ? 0.147   -4.152  15.178  1.00 99.68  ?  33  MET A CE  1 
ATOM   229 N  N   . PRO A 1 51  ? 3.066   -4.668  12.098  1.00 48.26  ?  34  PRO A N   1 
ATOM   230 C  CA  . PRO A 1 51  ? 3.172   -4.990  10.685  1.00 42.59  ?  34  PRO A CA  1 
ATOM   231 C  C   . PRO A 1 51  ? 2.522   -3.851  9.872   1.00 34.22  ?  34  PRO A C   1 
ATOM   232 O  O   . PRO A 1 51  ? 1.636   -3.168  10.335  1.00 38.74  ?  34  PRO A O   1 
ATOM   233 C  CB  . PRO A 1 51  ? 2.310   -6.272  10.526  1.00 53.80  ?  34  PRO A CB  1 
ATOM   234 C  CG  . PRO A 1 51  ? 1.938   -6.729  11.950  1.00 53.77  ?  34  PRO A CG  1 
ATOM   235 C  CD  . PRO A 1 51  ? 2.106   -5.511  12.836  1.00 53.02  ?  34  PRO A CD  1 
ATOM   236 N  N   . LEU A 1 52  ? 2.703   -3.940  8.883   1.00 37.42  ?  35  LEU A N   1 
ATOM   237 C  CA  . LEU A 1 52  ? 2.455   -2.839  8.023   1.00 35.97  ?  35  LEU A CA  1 
ATOM   238 C  C   . LEU A 1 52  ? 1.074   -3.004  7.396   1.00 33.14  ?  35  LEU A C   1 
ATOM   239 O  O   . LEU A 1 52  ? 0.835   -4.107  6.862   1.00 34.07  ?  35  LEU A O   1 
ATOM   240 C  CB  . LEU A 1 52  ? 3.463   -3.006  6.937   1.00 40.41  ?  35  LEU A CB  1 
ATOM   241 C  CG  . LEU A 1 52  ? 3.388   -2.009  5.836   1.00 44.16  ?  35  LEU A CG  1 
ATOM   242 C  CD1 . LEU A 1 52  ? 3.684   -0.626  6.486   1.00 50.73  ?  35  LEU A CD1 1 
ATOM   243 C  CD2 . LEU A 1 52  ? 4.371   -2.350  4.728   1.00 51.16  ?  35  LEU A CD2 1 
ATOM   244 N  N   . VAL A 1 53  ? 0.116   -2.259  7.482   1.00 32.62  ?  36  VAL A N   1 
ATOM   245 C  CA  . VAL A 1 53  ? -1.268  -2.494  7.259   1.00 32.94  ?  36  VAL A CA  1 
ATOM   246 C  C   . VAL A 1 53  ? -1.941  -1.194  6.732   1.00 31.66  ?  36  VAL A C   1 
ATOM   247 O  O   . VAL A 1 53  ? -1.477  -0.031  7.005   1.00 34.79  ?  36  VAL A O   1 
ATOM   248 C  CB  . VAL A 1 53  ? -1.878  -2.953  8.610   1.00 34.61  ?  36  VAL A CB  1 
ATOM   249 C  CG1 . VAL A 1 53  ? -1.818  -1.795  9.606   1.00 36.13  ?  36  VAL A CG1 1 
ATOM   250 C  CG2 . VAL A 1 53  ? -3.332  -3.386  8.468   1.00 45.87  ?  36  VAL A CG2 1 
ATOM   251 N  N   . VAL A 1 54  ? -2.994  -1.410  5.918   1.00 29.50  ?  37  VAL A N   1 
ATOM   252 C  CA  . VAL A 1 54  ? -3.839  -0.377  5.438   1.00 28.13  ?  37  VAL A CA  1 
ATOM   253 C  C   . VAL A 1 54  ? -4.823  0.019   6.545   1.00 30.39  ?  37  VAL A C   1 
ATOM   254 O  O   . VAL A 1 54  ? -5.618  -0.779  7.052   1.00 33.39  ?  37  VAL A O   1 
ATOM   255 C  CB  . VAL A 1 54  ? -4.577  -0.834  4.154   1.00 31.03  ?  37  VAL A CB  1 
ATOM   256 C  CG1 . VAL A 1 54  ? -5.531  0.237   3.602   1.00 32.51  ?  37  VAL A CG1 1 
ATOM   257 C  CG2 . VAL A 1 54  ? -3.645  -1.328  3.127   1.00 34.88  ?  37  VAL A CG2 1 
ATOM   258 N  N   . SER A 1 55  ? -4.770  1.277   6.907   1.00 31.71  ?  38  SER A N   1 
ATOM   259 C  CA  . SER A 1 55  ? -5.593  1.753   7.964   1.00 33.19  ?  38  SER A CA  1 
ATOM   260 C  C   . SER A 1 55  ? -6.835  2.480   7.444   1.00 30.70  ?  38  SER A C   1 
ATOM   261 O  O   . SER A 1 55  ? -7.750  2.856   8.315   1.00 35.31  ?  38  SER A O   1 
ATOM   262 C  CB  . SER A 1 55  ? -4.868  2.650   8.964   1.00 31.78  ?  38  SER A CB  1 
ATOM   263 O  OG  . SER A 1 55  ? -4.293  3.695   8.230   1.00 32.68  ?  38  SER A OG  1 
ATOM   264 N  N   . ARG A 1 56  ? -6.784  2.933   6.206   1.00 30.79  ?  39  ARG A N   1 
ATOM   265 C  CA  . ARG A 1 56  ? -7.889  3.734   5.618   1.00 33.25  ?  39  ARG A CA  1 
ATOM   266 C  C   . ARG A 1 56  ? -7.909  3.520   4.131   1.00 30.74  ?  39  ARG A C   1 
ATOM   267 O  O   . ARG A 1 56  ? -6.867  3.491   3.425   1.00 30.55  ?  39  ARG A O   1 
ATOM   268 C  CB  . ARG A 1 56  ? -7.756  5.219   5.885   1.00 35.06  ?  39  ARG A CB  1 
ATOM   269 C  CG  . ARG A 1 56  ? -8.787  6.067   5.135   1.00 34.68  ?  39  ARG A CG  1 
ATOM   270 C  CD  . ARG A 1 56  ? -8.891  7.502   5.635   1.00 37.91  ?  39  ARG A CD  1 
ATOM   271 N  NE  . ARG A 1 56  ? -9.600  8.378   4.710   1.00 37.73  ?  39  ARG A NE  1 
ATOM   272 C  CZ  . ARG A 1 56  ? -10.940 8.422   4.684   1.00 36.87  ?  39  ARG A CZ  1 
ATOM   273 N  NH1 . ARG A 1 56  ? -11.557 7.862   5.721   1.00 36.02  ?  39  ARG A NH1 1 
ATOM   274 N  NH2 . ARG A 1 56  ? -11.602 9.194   3.813   1.00 30.35  ?  39  ARG A NH2 1 
ATOM   275 N  N   . ILE A 1 57  ? -9.134  3.377   3.572   1.00 29.37  ?  40  ILE A N   1 
ATOM   276 C  CA  . ILE A 1 57  ? -9.391  3.522   2.147   1.00 29.88  ?  40  ILE A CA  1 
ATOM   277 C  C   . ILE A 1 57  ? -10.216 4.762   1.895   1.00 35.24  ?  40  ILE A C   1 
ATOM   278 O  O   . ILE A 1 57  ? -11.336 4.830   2.408   1.00 34.71  ?  40  ILE A O   1 
ATOM   279 C  CB  . ILE A 1 57  ? -10.117 2.262   1.610   1.00 32.55  ?  40  ILE A CB  1 
ATOM   280 C  CG1 . ILE A 1 57  ? -9.295  0.995   1.787   1.00 35.52  ?  40  ILE A CG1 1 
ATOM   281 C  CG2 . ILE A 1 57  ? -10.385 2.506   0.068   1.00 35.42  ?  40  ILE A CG2 1 
ATOM   282 C  CD1 . ILE A 1 57  ? -8.134  0.910   0.824   1.00 35.91  ?  40  ILE A CD1 1 
ATOM   283 N  N   . ASN A 1 58  ? -9.674  5.672   1.092   1.00 29.98  ?  41  ASN A N   1 
ATOM   284 C  CA  . ASN A 1 58  ? -10.372 6.962   0.739   1.00 34.97  ?  41  ASN A CA  1 
ATOM   285 C  C   . ASN A 1 58  ? -11.467 6.542   -0.258  1.00 33.63  ?  41  ASN A C   1 
ATOM   286 O  O   . ASN A 1 58  ? -11.134 6.042   -1.353  1.00 32.17  ?  41  ASN A O   1 
ATOM   287 C  CB  . ASN A 1 58  ? -9.412  7.993   0.166   1.00 36.02  ?  41  ASN A CB  1 
ATOM   288 C  CG  . ASN A 1 58  ? -9.948  9.391   0.208   1.00 39.79  ?  41  ASN A CG  1 
ATOM   289 O  OD1 . ASN A 1 58  ? -10.781 9.656   1.041   1.00 45.61  ?  41  ASN A OD1 1 
ATOM   290 N  ND2 . ASN A 1 58  ? -9.684  10.119  -0.869  1.00 43.91  ?  41  ASN A ND2 1 
ATOM   291 N  N   . PRO A 1 59  ? -12.779 6.743   0.089   1.00 36.19  ?  42  PRO A N   1 
ATOM   292 C  CA  . PRO A 1 59  ? -13.862 6.245   -0.803  1.00 36.01  ?  42  PRO A CA  1 
ATOM   293 C  C   . PRO A 1 59  ? -13.746 6.826   -2.230  1.00 33.77  ?  42  PRO A C   1 
ATOM   294 O  O   . PRO A 1 59  ? -13.398 7.996   -2.478  1.00 35.10  ?  42  PRO A O   1 
ATOM   295 C  CB  . PRO A 1 59  ? -15.100 6.727   0.017   1.00 36.48  ?  42  PRO A CB  1 
ATOM   296 C  CG  . PRO A 1 59  ? -14.696 6.651   1.420   1.00 42.15  ?  42  PRO A CG  1 
ATOM   297 C  CD  . PRO A 1 59  ? -13.255 7.172   1.403   1.00 41.10  ?  42  PRO A CD  1 
ATOM   298 N  N   . GLU A 1 60  ? -13.935 5.989   -3.251  1.00 32.98  ?  43  GLU A N   1 
ATOM   299 C  CA  . GLU A 1 60  ? -13.942 6.298   -4.650  1.00 41.04  ?  43  GLU A CA  1 
ATOM   300 C  C   . GLU A 1 60  ? -12.566 6.656   -5.227  1.00 37.45  ?  43  GLU A C   1 
ATOM   301 O  O   . GLU A 1 60  ? -12.463 7.028   -6.401  1.00 39.47  ?  43  GLU A O   1 
ATOM   302 C  CB  . GLU A 1 60  ? -14.944 7.433   -5.018  1.00 41.77  ?  43  GLU A CB  1 
ATOM   303 C  CG  . GLU A 1 60  ? -16.283 7.289   -4.361  1.00 49.70  ?  43  GLU A CG  1 
ATOM   304 C  CD  . GLU A 1 60  ? -17.043 6.006   -4.584  1.00 54.22  ?  43  GLU A CD  1 
ATOM   305 O  OE1 . GLU A 1 60  ? -17.903 5.677   -3.706  1.00 69.86  ?  43  GLU A OE1 1 
ATOM   306 O  OE2 . GLU A 1 60  ? -16.759 5.301   -5.615  1.00 56.08  ?  43  GLU A OE2 1 
ATOM   307 N  N   . SER A 1 61  ? -11.487 6.519   -4.430  1.00 37.01  ?  44  SER A N   1 
ATOM   308 C  CA  . SER A 1 61  ? -10.129 6.724   -4.868  1.00 35.60  ?  44  SER A CA  1 
ATOM   309 C  C   . SER A 1 61  ? -9.700  5.575   -5.812  1.00 35.79  ?  44  SER A C   1 
ATOM   310 O  O   . SER A 1 61  ? -10.406 4.562   -5.837  1.00 33.03  ?  44  SER A O   1 
ATOM   311 C  CB  . SER A 1 61  ? -9.262  6.744   -3.618  1.00 35.63  ?  44  SER A CB  1 
ATOM   312 O  OG  . SER A 1 61  ? -9.162  5.417   -3.009  1.00 34.34  ?  44  SER A OG  1 
ATOM   313 N  N   . PRO A 1 62  ? -8.486  5.670   -6.458  1.00 37.49  ?  45  PRO A N   1 
ATOM   314 C  CA  . PRO A 1 62  ? -7.920  4.543   -7.254  1.00 39.23  ?  45  PRO A CA  1 
ATOM   315 C  C   . PRO A 1 62  ? -7.846  3.208   -6.479  1.00 32.68  ?  45  PRO A C   1 
ATOM   316 O  O   . PRO A 1 62  ? -8.312  2.141   -6.975  1.00 34.62  ?  45  PRO A O   1 
ATOM   317 C  CB  . PRO A 1 62  ? -6.567  5.115   -7.729  1.00 40.12  ?  45  PRO A CB  1 
ATOM   318 C  CG  . PRO A 1 62  ? -6.825  6.609   -7.797  1.00 43.33  ?  45  PRO A CG  1 
ATOM   319 C  CD  . PRO A 1 62  ? -7.625  6.861   -6.523  1.00 39.92  ?  45  PRO A CD  1 
ATOM   320 N  N   . ALA A 1 63  ? -7.463  3.283   -5.186  1.00 32.16  ?  46  ALA A N   1 
ATOM   321 C  CA  . ALA A 1 63  ? -7.344  2.091   -4.277  1.00 31.05  ?  46  ALA A CA  1 
ATOM   322 C  C   . ALA A 1 63  ? -8.687  1.408   -4.034  1.00 33.57  ?  46  ALA A C   1 
ATOM   323 O  O   . ALA A 1 63  ? -8.791  0.273   -3.919  1.00 31.13  ?  46  ALA A O   1 
ATOM   324 C  CB  . ALA A 1 63  ? -6.742  2.510   -2.963  1.00 35.37  ?  46  ALA A CB  1 
ATOM   325 N  N   . ASP A 1 64  ? -9.783  2.186   -3.984  1.00 32.69  ?  47  ASP A N   1 
ATOM   326 C  CA  . ASP A 1 64  ? -11.092 1.711   -3.826  1.00 34.06  ?  47  ASP A CA  1 
ATOM   327 C  C   . ASP A 1 64  ? -11.762 1.236   -5.121  1.00 35.96  ?  47  ASP A C   1 
ATOM   328 O  O   . ASP A 1 64  ? -12.704 0.517   -4.976  1.00 40.49  ?  47  ASP A O   1 
ATOM   329 C  CB  . ASP A 1 64  ? -12.015 2.845   -3.395  1.00 33.98  ?  47  ASP A CB  1 
ATOM   330 C  CG  . ASP A 1 64  ? -13.226 2.432   -2.555  1.00 35.51  ?  47  ASP A CG  1 
ATOM   331 O  OD1 . ASP A 1 64  ? -13.271 1.275   -1.853  1.00 35.91  ?  47  ASP A OD1 1 
ATOM   332 O  OD2 . ASP A 1 64  ? -14.175 3.211   -2.677  1.00 38.24  ?  47  ASP A OD2 1 
ATOM   333 N  N   . THR A 1 65  ? -11.206 1.554   -6.289  1.00 36.69  ?  48  THR A N   1 
ATOM   334 C  CA  . THR A 1 65  ? -11.927 1.462   -7.605  1.00 41.67  ?  48  THR A CA  1 
ATOM   335 C  C   . THR A 1 65  ? -11.192 0.569   -8.629  1.00 42.95  ?  48  THR A C   1 
ATOM   336 O  O   . THR A 1 65  ? -11.849 0.105   -9.580  1.00 41.02  ?  48  THR A O   1 
ATOM   337 C  CB  . THR A 1 65  ? -12.201 2.845   -8.205  1.00 40.57  ?  48  THR A CB  1 
ATOM   338 O  OG1 . THR A 1 65  ? -11.060 3.572   -8.586  1.00 42.73  ?  48  THR A OG1 1 
ATOM   339 C  CG2 . THR A 1 65  ? -13.138 3.716   -7.395  1.00 41.73  ?  48  THR A CG2 1 
ATOM   340 N  N   . CYS A 1 66  ? -9.975  0.068   -8.309  1.00 37.67  ?  49  CYS A N   1 
ATOM   341 C  CA  . CYS A 1 66  ? -9.358  -0.975  -9.032  1.00 36.07  ?  49  CYS A CA  1 
ATOM   342 C  C   . CYS A 1 66  ? -9.928  -2.392  -8.705  1.00 35.36  ?  49  CYS A C   1 
ATOM   343 O  O   . CYS A 1 66  ? -10.761 -2.553  -7.665  1.00 34.54  ?  49  CYS A O   1 
ATOM   344 C  CB  . CYS A 1 66  ? -7.859  -0.965  -8.730  1.00 36.10  ?  49  CYS A CB  1 
ATOM   345 S  SG  . CYS A 1 66  ? -7.474  -1.049  -6.963  1.00 35.86  ?  49  CYS A SG  1 
ATOM   346 N  N   . ILE A 1 67  ? -9.707  -3.331  -9.640  1.00 34.66  ?  50  ILE A N   1 
ATOM   347 C  CA  . ILE A 1 67  ? -10.216 -4.697  -9.522  1.00 33.53  ?  50  ILE A CA  1 
ATOM   348 C  C   . ILE A 1 67  ? -9.043  -5.679  -9.655  1.00 40.44  ?  50  ILE A C   1 
ATOM   349 O  O   . ILE A 1 67  ? -8.491  -5.896  -10.758 1.00 39.68  ?  50  ILE A O   1 
ATOM   350 C  CB  . ILE A 1 67  ? -11.334 -4.976  -10.565 1.00 39.15  ?  50  ILE A CB  1 
ATOM   351 C  CG1 . ILE A 1 67  ? -12.389 -3.862  -10.455 1.00 42.37  ?  50  ILE A CG1 1 
ATOM   352 C  CG2 . ILE A 1 67  ? -11.852 -6.408  -10.461 1.00 46.92  ?  50  ILE A CG2 1 
ATOM   353 C  CD1 . ILE A 1 67  ? -13.476 -4.056  -11.556 1.00 40.41  ?  50  ILE A CD1 1 
ATOM   354 N  N   . PRO A 1 68  ? -8.595  -6.359  -8.601  1.00 34.72  ?  51  PRO A N   1 
ATOM   355 C  CA  . PRO A 1 68  ? -9.220  -6.344  -7.300  1.00 34.88  ?  51  PRO A CA  1 
ATOM   356 C  C   . PRO A 1 68  ? -8.859  -5.065  -6.525  1.00 35.68  ?  51  PRO A C   1 
ATOM   357 O  O   . PRO A 1 68  ? -7.908  -4.440  -6.894  1.00 34.19  ?  51  PRO A O   1 
ATOM   358 C  CB  . PRO A 1 68  ? -8.741  -7.607  -6.559  1.00 37.16  ?  51  PRO A CB  1 
ATOM   359 C  CG  . PRO A 1 68  ? -7.471  -7.917  -7.215  1.00 42.33  ?  51  PRO A CG  1 
ATOM   360 C  CD  . PRO A 1 68  ? -7.549  -7.379  -8.672  1.00 37.10  ?  51  PRO A CD  1 
ATOM   361 N  N   . LYS A 1 69  ? -9.716  -4.701  -5.562  1.00 31.69  ?  52  LYS A N   1 
ATOM   362 C  CA  . LYS A 1 69  ? -9.586  -3.451  -4.843  1.00 32.29  ?  52  LYS A CA  1 
ATOM   363 C  C   . LYS A 1 69  ? -8.794  -3.678  -3.505  1.00 29.26  ?  52  LYS A C   1 
ATOM   364 O  O   . LYS A 1 69  ? -8.715  -4.891  -2.986  1.00 32.43  ?  52  LYS A O   1 
ATOM   365 C  CB  . LYS A 1 69  ? -10.949 -2.838  -4.564  1.00 32.63  ?  52  LYS A CB  1 
ATOM   366 C  CG  . LYS A 1 69  ? -11.675 -3.379  -3.364  1.00 32.00  ?  52  LYS A CG  1 
ATOM   367 C  CD  . LYS A 1 69  ? -13.108 -2.848  -3.377  1.00 34.69  ?  52  LYS A CD  1 
ATOM   368 C  CE  . LYS A 1 69  ? -13.960 -3.643  -2.487  1.00 33.51  ?  52  LYS A CE  1 
ATOM   369 N  NZ  . LYS A 1 69  ? -13.582 -3.517  -1.073  1.00 33.85  ?  52  LYS A NZ  1 
ATOM   370 N  N   . LEU A 1 70  ? -8.217  -2.606  -2.989  1.00 29.36  ?  53  LEU A N   1 
ATOM   371 C  CA  . LEU A 1 70  ? -7.486  -2.537  -1.706  1.00 32.02  ?  53  LEU A CA  1 
ATOM   372 C  C   . LEU A 1 70  ? -8.516  -2.446  -0.597  1.00 30.88  ?  53  LEU A C   1 
ATOM   373 O  O   . LEU A 1 70  ? -9.449  -1.569  -0.746  1.00 33.88  ?  53  LEU A O   1 
ATOM   374 C  CB  . LEU A 1 70  ? -6.429  -1.419  -1.654  1.00 33.85  ?  53  LEU A CB  1 
ATOM   375 C  CG  . LEU A 1 70  ? -5.421  -1.477  -0.538  1.00 31.32  ?  53  LEU A CG  1 
ATOM   376 C  CD1 . LEU A 1 70  ? -4.512  -2.663  -0.605  1.00 30.12  ?  53  LEU A CD1 1 
ATOM   377 C  CD2 . LEU A 1 70  ? -4.569  -0.248  -0.584  1.00 30.53  ?  53  LEU A CD2 1 
ATOM   378 N  N   . ASN A 1 71  ? -8.286  -3.150  0.541   1.00 32.48  ?  54  ASN A N   1 
ATOM   379 C  CA  . ASN A 1 71  ? -9.240  -3.159  1.684   1.00 30.95  ?  54  ASN A CA  1 
ATOM   380 C  C   . ASN A 1 71  ? -8.516  -2.650  2.934   1.00 32.75  ?  54  ASN A C   1 
ATOM   381 O  O   . ASN A 1 71  ? -7.353  -3.033  3.208   1.00 31.29  ?  54  ASN A O   1 
ATOM   382 C  CB  . ASN A 1 71  ? -9.781  -4.564  2.022   1.00 30.08  ?  54  ASN A CB  1 
ATOM   383 C  CG  . ASN A 1 71  ? -10.782 -5.035  0.946   1.00 34.66  ?  54  ASN A CG  1 
ATOM   384 O  OD1 . ASN A 1 71  ? -11.063 -4.328  -0.062  1.00 37.09  ?  54  ASN A OD1 1 
ATOM   385 N  ND2 . ASN A 1 71  ? -11.231 -6.283  1.051   1.00 38.00  ?  54  ASN A ND2 1 
ATOM   386 N  N   . GLU A 1 72  ? -9.344  -1.898  3.731   1.00 33.77  ?  55  GLU A N   1 
ATOM   387 C  CA  . GLU A 1 72  ? -8.815  -1.599  5.114   1.00 31.48  ?  55  GLU A CA  1 
ATOM   388 C  C   . GLU A 1 72  ? -8.512  -2.969  5.793   1.00 34.44  ?  55  GLU A C   1 
ATOM   389 O  O   . GLU A 1 72  ? -9.243  -4.057  5.628   1.00 35.42  ?  55  GLU A O   1 
ATOM   390 C  CB  . GLU A 1 72  ? -9.836  -0.780  5.892   1.00 35.01  ?  55  GLU A CB  1 
ATOM   391 C  CG  . GLU A 1 72  ? -9.509  -0.581  7.336   1.00 45.47  ?  55  GLU A CG  1 
ATOM   392 C  CD  . GLU A 1 72  ? -10.476 0.430   7.985   1.00 61.68  ?  55  GLU A CD  1 
ATOM   393 O  OE1 . GLU A 1 72  ? -11.318 1.160   7.223   1.00 57.74  ?  55  GLU A OE1 1 
ATOM   394 O  OE2 . GLU A 1 72  ? -10.412 0.475   9.248   1.00 61.01  ?  55  GLU A OE2 1 
ATOM   395 N  N   . GLY A 1 73  ? -7.363  -2.969  6.458   1.00 34.16  ?  56  GLY A N   1 
ATOM   396 C  CA  . GLY A 1 73  ? -6.920  -4.100  7.256   1.00 34.84  ?  56  GLY A CA  1 
ATOM   397 C  C   . GLY A 1 73  ? -5.991  -5.021  6.501   1.00 38.07  ?  56  GLY A C   1 
ATOM   398 O  O   . GLY A 1 73  ? -5.409  -5.957  7.137   1.00 33.49  ?  56  GLY A O   1 
ATOM   399 N  N   . ASP A 1 74  ? -5.916  -4.867  5.171   1.00 30.77  ?  57  ASP A N   1 
ATOM   400 C  CA  . ASP A 1 74  ? -4.934  -5.583  4.319   1.00 31.25  ?  57  ASP A CA  1 
ATOM   401 C  C   . ASP A 1 74  ? -3.512  -5.410  4.870   1.00 31.73  ?  57  ASP A C   1 
ATOM   402 O  O   . ASP A 1 74  ? -3.049  -4.332  5.270   1.00 30.51  ?  57  ASP A O   1 
ATOM   403 C  CB  . ASP A 1 74  ? -4.936  -5.138  2.900   1.00 30.48  ?  57  ASP A CB  1 
ATOM   404 C  CG  . ASP A 1 74  ? -6.189  -5.586  2.101   1.00 28.66  ?  57  ASP A CG  1 
ATOM   405 O  OD1 . ASP A 1 74  ? -6.995  -6.448  2.575   1.00 31.37  ?  57  ASP A OD1 1 
ATOM   406 O  OD2 . ASP A 1 74  ? -6.351  -4.976  0.980   1.00 31.18  ?  57  ASP A OD2 1 
ATOM   407 N  N   . GLN A 1 75  ? -2.861  -6.551  4.999   1.00 29.45  ?  58  GLN A N   1 
ATOM   408 C  CA  . GLN A 1 75  ? -1.441  -6.592  5.414   1.00 30.02  ?  58  GLN A CA  1 
ATOM   409 C  C   . GLN A 1 75  ? -0.534  -6.503  4.192   1.00 31.68  ?  58  GLN A C   1 
ATOM   410 O  O   . GLN A 1 75  ? -0.656  -7.336  3.293   1.00 32.65  ?  58  GLN A O   1 
ATOM   411 C  CB  . GLN A 1 75  ? -1.146  -7.738  6.372   1.00 35.13  ?  58  GLN A CB  1 
ATOM   412 C  CG  . GLN A 1 75  ? 0.249   -7.688  7.002   1.00 50.22  ?  58  GLN A CG  1 
ATOM   413 C  CD  . GLN A 1 75  ? 0.862   -9.058  7.287   1.00 60.62  ?  58  GLN A CD  1 
ATOM   414 O  OE1 . GLN A 1 75  ? 0.271   -10.135 7.015   1.00 70.12  ?  58  GLN A OE1 1 
ATOM   415 N  NE2 . GLN A 1 75  ? 2.102   -9.049  7.799   1.00 46.78  ?  58  GLN A NE2 1 
ATOM   416 N  N   . ILE A 1 76  ? 0.362   -5.515  4.143   1.00 29.71  ?  59  ILE A N   1 
ATOM   417 C  CA  . ILE A 1 76  ? 1.248   -5.358  2.926   1.00 30.05  ?  59  ILE A CA  1 
ATOM   418 C  C   . ILE A 1 76  ? 2.359   -6.386  3.029   1.00 30.43  ?  59  ILE A C   1 
ATOM   419 O  O   . ILE A 1 76  ? 3.017   -6.421  4.118   1.00 34.77  ?  59  ILE A O   1 
ATOM   420 C  CB  . ILE A 1 76  ? 1.767   -3.938  2.657   1.00 29.62  ?  59  ILE A CB  1 
ATOM   421 C  CG1 . ILE A 1 76  ? 0.603   -2.958  2.718   1.00 40.69  ?  59  ILE A CG1 1 
ATOM   422 C  CG2 . ILE A 1 76  ? 2.647   -3.986  1.414   1.00 29.36  ?  59  ILE A CG2 1 
ATOM   423 C  CD1 . ILE A 1 76  ? -0.071  -2.799  1.533   1.00 43.44  ?  59  ILE A CD1 1 
ATOM   424 N  N   . VAL A 1 77  ? 2.429   -7.182  1.983   1.00 32.38  ?  60  VAL A N   1 
ATOM   425 C  CA  . VAL A 1 77  ? 3.560   -8.189  1.807   1.00 31.61  ?  60  VAL A CA  1 
ATOM   426 C  C   . VAL A 1 77  ? 4.684   -7.693  0.890   1.00 31.76  ?  60  VAL A C   1 
ATOM   427 O  O   . VAL A 1 77  ? 5.927   -7.775  1.421   1.00 33.10  ?  60  VAL A O   1 
ATOM   428 C  CB  . VAL A 1 77  ? 3.044   -9.617  1.482   1.00 30.45  ?  60  VAL A CB  1 
ATOM   429 C  CG1 . VAL A 1 77  ? 4.129   -10.690 1.474   1.00 34.73  ?  60  VAL A CG1 1 
ATOM   430 C  CG2 . VAL A 1 77  ? 1.979   -10.037 2.469   1.00 36.43  ?  60  VAL A CG2 1 
ATOM   431 N  N   . LEU A 1 78  ? 4.413   -7.357  -0.352  1.00 31.26  ?  61  LEU A N   1 
ATOM   432 C  CA  . LEU A 1 78  ? 5.362   -6.856  -1.323  1.00 31.15  ?  61  LEU A CA  1 
ATOM   433 C  C   . LEU A 1 78  ? 4.882   -5.524  -1.806  1.00 34.94  ?  61  LEU A C   1 
ATOM   434 O  O   . LEU A 1 78  ? 3.594   -5.323  -1.985  1.00 30.65  ?  61  LEU A O   1 
ATOM   435 C  CB  . LEU A 1 78  ? 5.429   -7.884  -2.445  1.00 31.15  ?  61  LEU A CB  1 
ATOM   436 C  CG  . LEU A 1 78  ? 5.837   -9.332  -2.170  1.00 33.98  ?  61  LEU A CG  1 
ATOM   437 C  CD1 . LEU A 1 78  ? 5.969   -10.121 -3.507  1.00 35.28  ?  61  LEU A CD1 1 
ATOM   438 C  CD2 . LEU A 1 78  ? 7.088   -9.399  -1.350  1.00 34.27  ?  61  LEU A CD2 1 
ATOM   439 N  N   . ILE A 1 79  ? 5.831   -4.737  -2.199  1.00 29.44  ?  62  ILE A N   1 
ATOM   440 C  CA  . ILE A 1 79  ? 5.584   -3.508  -2.899  1.00 30.82  ?  62  ILE A CA  1 
ATOM   441 C  C   . ILE A 1 79  ? 6.445   -3.535  -4.147  1.00 33.12  ?  62  ILE A C   1 
ATOM   442 O  O   . ILE A 1 79  ? 7.722   -3.499  -4.089  1.00 31.48  ?  62  ILE A O   1 
ATOM   443 C  CB  . ILE A 1 79  ? 5.941   -2.267  -2.088  1.00 31.71  ?  62  ILE A CB  1 
ATOM   444 C  CG1 . ILE A 1 79  ? 5.107   -2.253  -0.804  1.00 28.61  ?  62  ILE A CG1 1 
ATOM   445 C  CG2 . ILE A 1 79  ? 5.802   -1.021  -2.920  1.00 32.58  ?  62  ILE A CG2 1 
ATOM   446 C  CD1 . ILE A 1 79  ? 5.293   -1.049  0.035   1.00 35.62  ?  62  ILE A CD1 1 
ATOM   447 N  N   . ASN A 1 80  ? 5.792   -3.505  -5.318  1.00 32.14  ?  63  ASN A N   1 
ATOM   448 C  CA  . ASN A 1 80  ? 6.530   -3.688  -6.603  1.00 33.42  ?  63  ASN A CA  1 
ATOM   449 C  C   . ASN A 1 80  ? 7.512   -4.875  -6.476  1.00 35.62  ?  63  ASN A C   1 
ATOM   450 O  O   . ASN A 1 80  ? 8.596   -4.827  -7.042  1.00 34.65  ?  63  ASN A O   1 
ATOM   451 C  CB  . ASN A 1 80  ? 7.137   -2.379  -7.100  1.00 35.03  ?  63  ASN A CB  1 
ATOM   452 C  CG  . ASN A 1 80  ? 6.121   -1.260  -7.196  1.00 37.75  ?  63  ASN A CG  1 
ATOM   453 O  OD1 . ASN A 1 80  ? 4.973   -1.517  -7.647  1.00 37.68  ?  63  ASN A OD1 1 
ATOM   454 N  ND2 . ASN A 1 80  ? 6.537   -0.077  -6.768  1.00 39.78  ?  63  ASN A ND2 1 
ATOM   455 N  N   . GLY A 1 81  ? 7.089   -5.997  -5.899  1.00 35.59  ?  64  GLY A N   1 
ATOM   456 C  CA  . GLY A 1 81  ? 7.911   -7.224  -5.739  1.00 37.25  ?  64  GLY A CA  1 
ATOM   457 C  C   . GLY A 1 81  ? 8.949   -7.217  -4.638  1.00 33.60  ?  64  GLY A C   1 
ATOM   458 O  O   . GLY A 1 81  ? 9.494   -8.313  -4.341  1.00 33.99  ?  64  GLY A O   1 
ATOM   459 N  N   . ARG A 1 82  ? 9.094   -6.051  -3.961  1.00 29.77  ?  65  ARG A N   1 
ATOM   460 C  CA  . ARG A 1 82  ? 9.993   -5.863  -2.818  1.00 29.23  ?  65  ARG A CA  1 
ATOM   461 C  C   . ARG A 1 82  ? 9.388   -6.449  -1.536  1.00 29.69  ?  65  ARG A C   1 
ATOM   462 O  O   . ARG A 1 82  ? 8.249   -6.069  -1.048  1.00 32.17  ?  65  ARG A O   1 
ATOM   463 C  CB  . ARG A 1 82  ? 10.435  -4.428  -2.663  1.00 31.37  ?  65  ARG A CB  1 
ATOM   464 C  CG  . ARG A 1 82  ? 11.597  -4.267  -1.700  1.00 32.31  ?  65  ARG A CG  1 
ATOM   465 C  CD  . ARG A 1 82  ? 11.801  -2.820  -1.277  1.00 33.82  ?  65  ARG A CD  1 
ATOM   466 N  NE  . ARG A 1 82  ? 12.079  -1.862  -2.328  1.00 32.08  ?  65  ARG A NE  1 
ATOM   467 C  CZ  . ARG A 1 82  ? 13.246  -1.294  -2.692  1.00 34.51  ?  65  ARG A CZ  1 
ATOM   468 N  NH1 . ARG A 1 82  ? 14.423  -1.722  -2.211  1.00 37.64  ?  65  ARG A NH1 1 
ATOM   469 N  NH2 . ARG A 1 82  ? 13.135  -0.244  -3.469  1.00 46.82  ?  65  ARG A NH2 1 
ATOM   470 N  N   . ASP A 1 83  ? 10.136  -7.388  -0.951  1.00 31.51  ?  66  ASP A N   1 
ATOM   471 C  CA  . ASP A 1 83  ? 9.795   -7.864  0.479   1.00 34.41  ?  66  ASP A CA  1 
ATOM   472 C  C   . ASP A 1 83  ? 10.126  -6.648  1.431   1.00 29.29  ?  66  ASP A C   1 
ATOM   473 O  O   . ASP A 1 83  ? 11.401  -6.277  1.528   1.00 35.89  ?  66  ASP A O   1 
ATOM   474 C  CB  . ASP A 1 83  ? 10.557  -9.146  0.826   1.00 41.80  ?  66  ASP A CB  1 
ATOM   475 C  CG  . ASP A 1 83  ? 10.485  -9.573  2.286   1.00 46.77  ?  66  ASP A CG  1 
ATOM   476 O  OD1 . ASP A 1 83  ? 9.708   -8.991  3.094   1.00 38.75  ?  66  ASP A OD1 1 
ATOM   477 O  OD2 . ASP A 1 83  ? 11.237  -10.532 2.636   1.00 49.26  ?  66  ASP A OD2 1 
ATOM   478 N  N   . ILE A 1 84  ? 9.084   -6.052  2.038   1.00 31.39  ?  67  ILE A N   1 
ATOM   479 C  CA  . ILE A 1 84  ? 9.227   -4.882  2.899   1.00 32.87  ?  67  ILE A CA  1 
ATOM   480 C  C   . ILE A 1 84  ? 9.201   -5.252  4.396   1.00 31.35  ?  67  ILE A C   1 
ATOM   481 O  O   . ILE A 1 84  ? 9.105   -4.397  5.218   1.00 33.06  ?  67  ILE A O   1 
ATOM   482 C  CB  . ILE A 1 84  ? 8.266   -3.742  2.480   1.00 32.84  ?  67  ILE A CB  1 
ATOM   483 C  CG1 . ILE A 1 84  ? 6.799   -4.225  2.450   1.00 34.24  ?  67  ILE A CG1 1 
ATOM   484 C  CG2 . ILE A 1 84  ? 8.657   -3.191  1.105   1.00 32.64  ?  67  ILE A CG2 1 
ATOM   485 C  CD1 . ILE A 1 84  ? 6.358   -5.078  3.574   1.00 35.40  ?  67  ILE A CD1 1 
ATOM   486 N  N   . SER A 1 85  ? 9.421   -6.524  4.791   1.00 36.83  ?  68  SER A N   1 
ATOM   487 C  CA  . SER A 1 85  ? 9.188   -6.851  6.168   1.00 36.87  ?  68  SER A CA  1 
ATOM   488 C  C   . SER A 1 85  ? 10.259  -6.212  7.075   1.00 36.53  ?  68  SER A C   1 
ATOM   489 O  O   . SER A 1 85  ? 9.915   -6.070  8.259   1.00 40.30  ?  68  SER A O   1 
ATOM   490 C  CB  . SER A 1 85  ? 9.215   -8.274  6.430   1.00 38.71  ?  68  SER A CB  1 
ATOM   491 O  OG  . SER A 1 85  ? 10.287  -8.931  5.824   1.00 44.33  ?  68  SER A OG  1 
ATOM   492 N  N   . GLU A 1 86  ? 11.404  -5.850  6.540   1.00 32.85  ?  69  GLU A N   1 
ATOM   493 C  CA  . GLU A 1 86  ? 12.510  -5.284  7.351   1.00 39.21  ?  69  GLU A CA  1 
ATOM   494 C  C   . GLU A 1 86  ? 12.692  -3.775  7.113   1.00 36.89  ?  69  GLU A C   1 
ATOM   495 O  O   . GLU A 1 86  ? 13.732  -3.185  7.500   1.00 34.90  ?  69  GLU A O   1 
ATOM   496 C  CB  . GLU A 1 86  ? 13.782  -6.055  6.957   1.00 48.46  ?  69  GLU A CB  1 
ATOM   497 C  CG  . GLU A 1 86  ? 13.739  -7.520  7.332   1.00 52.49  ?  69  GLU A CG  1 
ATOM   498 C  CD  . GLU A 1 86  ? 13.421  -7.841  8.798   1.00 59.60  ?  69  GLU A CD  1 
ATOM   499 O  OE1 . GLU A 1 86  ? 13.580  -6.968  9.732   1.00 55.06  ?  69  GLU A OE1 1 
ATOM   500 O  OE2 . GLU A 1 86  ? 12.992  -8.985  9.031   1.00 73.35  ?  69  GLU A OE2 1 
ATOM   501 N  N   . HIS A 1 87  ? 11.657  -3.083  6.559   1.00 33.18  ?  70  HIS A N   1 
ATOM   502 C  CA  . HIS A 1 87  ? 11.784  -1.697  6.288   1.00 31.49  ?  70  HIS A CA  1 
ATOM   503 C  C   . HIS A 1 87  ? 10.870  -0.825  7.183   1.00 30.06  ?  70  HIS A C   1 
ATOM   504 O  O   . HIS A 1 87  ? 9.888   -1.224  7.854   1.00 30.30  ?  70  HIS A O   1 
ATOM   505 C  CB  . HIS A 1 87  ? 11.445  -1.432  4.851   1.00 37.31  ?  70  HIS A CB  1 
ATOM   506 C  CG  . HIS A 1 87  ? 12.358  -2.023  3.885   1.00 35.64  ?  70  HIS A CG  1 
ATOM   507 N  ND1 . HIS A 1 87  ? 11.995  -3.097  3.123   1.00 42.42  ?  70  HIS A ND1 1 
ATOM   508 C  CD2 . HIS A 1 87  ? 13.521  -1.552  3.401   1.00 38.10  ?  70  HIS A CD2 1 
ATOM   509 C  CE1 . HIS A 1 87  ? 13.040  -3.446  2.338   1.00 43.50  ?  70  HIS A CE1 1 
ATOM   510 N  NE2 . HIS A 1 87  ? 13.995  -2.455  2.445   1.00 38.07  ?  70  HIS A NE2 1 
ATOM   511 N  N   . THR A 1 88  ? 11.360  0.392   7.425   1.00 30.65  ?  71  THR A N   1 
ATOM   512 C  CA  . THR A 1 88  ? 10.661  1.317   8.273   1.00 29.48  ?  71  THR A CA  1 
ATOM   513 C  C   . THR A 1 88  ? 9.394   1.849   7.575   1.00 30.10  ?  71  THR A C   1 
ATOM   514 O  O   . THR A 1 88  ? 9.270   1.836   6.352   1.00 28.37  ?  71  THR A O   1 
ATOM   515 C  CB  . THR A 1 88  ? 11.513  2.536   8.668   1.00 29.17  ?  71  THR A CB  1 
ATOM   516 O  OG1 . THR A 1 88  ? 11.779  3.398   7.549   1.00 31.33  ?  71  THR A OG1 1 
ATOM   517 C  CG2 . THR A 1 88  ? 12.798  2.140   9.367   1.00 33.63  ?  71  THR A CG2 1 
ATOM   518 N  N   . HIS A 1 89  ? 8.549   2.436   8.378   1.00 32.43  ?  72  HIS A N   1 
ATOM   519 C  CA  . HIS A 1 89  ? 7.381   3.138   7.928   1.00 30.04  ?  72  HIS A CA  1 
ATOM   520 C  C   . HIS A 1 89  ? 7.752   4.161   6.903   1.00 27.48  ?  72  HIS A C   1 
ATOM   521 O  O   . HIS A 1 89  ? 7.231   4.179   5.878   1.00 29.99  ?  72  HIS A O   1 
ATOM   522 C  CB  . HIS A 1 89  ? 6.735   3.860   9.092   1.00 28.73  ?  72  HIS A CB  1 
ATOM   523 C  CG  . HIS A 1 89  ? 5.378   4.395   8.785   1.00 28.02  ?  72  HIS A CG  1 
ATOM   524 N  ND1 . HIS A 1 89  ? 5.169   5.645   8.272   1.00 30.80  ?  72  HIS A ND1 1 
ATOM   525 C  CD2 . HIS A 1 89  ? 4.171   3.823   8.865   1.00 29.55  ?  72  HIS A CD2 1 
ATOM   526 C  CE1 . HIS A 1 89  ? 3.888   5.825   8.074   1.00 31.74  ?  72  HIS A CE1 1 
ATOM   527 N  NE2 . HIS A 1 89  ? 3.262   4.745   8.455   1.00 33.11  ?  72  HIS A NE2 1 
ATOM   528 N  N   . ASP A 1 90  ? 8.679   5.036   7.220   1.00 29.19  ?  73  ASP A N   1 
ATOM   529 C  CA  . ASP A 1 90  ? 9.088   6.067   6.279   1.00 30.69  ?  73  ASP A CA  1 
ATOM   530 C  C   . ASP A 1 90  ? 9.660   5.490   4.996   1.00 32.94  ?  73  ASP A C   1 
ATOM   531 O  O   . ASP A 1 90  ? 9.470   6.040   3.866   1.00 36.34  ?  73  ASP A O   1 
ATOM   532 C  CB  . ASP A 1 90  ? 9.877   7.172   6.918   1.00 35.32  ?  73  ASP A CB  1 
ATOM   533 C  CG  . ASP A 1 90  ? 9.135   8.043   7.913   1.00 38.99  ?  73  ASP A CG  1 
ATOM   534 O  OD1 . ASP A 1 90  ? 7.896   8.192   7.868   1.00 40.27  ?  73  ASP A OD1 1 
ATOM   535 O  OD2 . ASP A 1 90  ? 9.848   8.622   8.673   1.00 46.52  ?  73  ASP A OD2 1 
ATOM   536 N  N   . GLN A 1 91  ? 10.437  4.427   5.058   1.00 31.98  ?  74  GLN A N   1 
ATOM   537 C  CA  . GLN A 1 91  ? 10.941  3.803   3.867   1.00 29.08  ?  74  GLN A CA  1 
ATOM   538 C  C   . GLN A 1 91  ? 9.889   3.278   2.885   1.00 28.79  ?  74  GLN A C   1 
ATOM   539 O  O   . GLN A 1 91  ? 10.027  3.575   1.692   1.00 30.84  ?  74  GLN A O   1 
ATOM   540 C  CB  . GLN A 1 91  ? 11.886  2.619   4.190   1.00 30.14  ?  74  GLN A CB  1 
ATOM   541 C  CG  . GLN A 1 91  ? 13.251  3.047   4.636   1.00 35.33  ?  74  GLN A CG  1 
ATOM   542 C  CD  . GLN A 1 91  ? 14.030  1.821   4.975   1.00 34.36  ?  74  GLN A CD  1 
ATOM   543 O  OE1 . GLN A 1 91  ? 13.732  0.935   5.854   1.00 31.73  ?  74  GLN A OE1 1 
ATOM   544 N  NE2 . GLN A 1 91  ? 15.196  1.743   4.336   1.00 33.06  ?  74  GLN A NE2 1 
ATOM   545 N  N   . VAL A 1 92  ? 8.878   2.684   3.445   1.00 29.53  ?  75  VAL A N   1 
ATOM   546 C  CA  . VAL A 1 92  ? 7.775   2.064   2.700   1.00 29.33  ?  75  VAL A CA  1 
ATOM   547 C  C   . VAL A 1 92  ? 6.998   3.196   2.048   1.00 30.49  ?  75  VAL A C   1 
ATOM   548 O  O   . VAL A 1 92  ? 6.607   3.102   0.836   1.00 33.56  ?  75  VAL A O   1 
ATOM   549 C  CB  . VAL A 1 92  ? 6.963   1.121   3.624   1.00 34.38  ?  75  VAL A CB  1 
ATOM   550 C  CG1 . VAL A 1 92  ? 5.629   0.669   2.980   1.00 39.15  ?  75  VAL A CG1 1 
ATOM   551 C  CG2 . VAL A 1 92  ? 7.812   -0.051  4.014   1.00 34.45  ?  75  VAL A CG2 1 
ATOM   552 N  N   . VAL A 1 93  ? 6.722   4.253   2.802   1.00 32.45  ?  76  VAL A N   1 
ATOM   553 C  CA  . VAL A 1 93  ? 6.069   5.436   2.120   1.00 34.45  ?  76  VAL A CA  1 
ATOM   554 C  C   . VAL A 1 93  ? 6.838   5.962   0.902   1.00 34.69  ?  76  VAL A C   1 
ATOM   555 O  O   . VAL A 1 93  ? 6.250   6.144   -0.217  1.00 34.94  ?  76  VAL A O   1 
ATOM   556 C  CB  . VAL A 1 93  ? 5.837   6.487   3.186   1.00 31.00  ?  76  VAL A CB  1 
ATOM   557 C  CG1 . VAL A 1 93  ? 5.498   7.820   2.536   1.00 40.38  ?  76  VAL A CG1 1 
ATOM   558 C  CG2 . VAL A 1 93  ? 4.963   6.055   4.354   1.00 33.50  ?  76  VAL A CG2 1 
ATOM   559 N  N   . MET A 1 94  ? 8.222   5.943   0.992   1.00 33.51  ?  77  MET A N   1 
ATOM   560 C  CA  . MET A 1 94  ? 9.031   6.374   -0.096  1.00 39.43  ?  77  MET A CA  1 
ATOM   561 C  C   . MET A 1 94  ? 8.952   5.412   -1.296  1.00 35.96  ?  77  MET A C   1 
ATOM   562 O  O   . MET A 1 94  ? 8.950   5.858   -2.447  1.00 41.51  ?  77  MET A O   1 
ATOM   563 C  CB  . MET A 1 94  ? 10.474  6.627   0.365   1.00 43.76  ?  77  MET A CB  1 
ATOM   564 C  CG  . MET A 1 94  ? 10.590  8.012   1.098   1.00 51.14  ?  77  MET A CG  1 
ATOM   565 S  SD  . MET A 1 94  ? 10.372  9.575   0.051   1.00 77.33  ?  77  MET A SD  1 
ATOM   566 C  CE  . MET A 1 94  ? 11.898  10.445  0.445   1.00 66.51  ?  77  MET A CE  1 
ATOM   567 N  N   . PHE A 1 95  ? 8.835   4.096   -1.038  1.00 32.67  ?  78  PHE A N   1 
ATOM   568 C  CA  . PHE A 1 95  ? 8.719   3.034   -1.967  1.00 34.88  ?  78  PHE A CA  1 
ATOM   569 C  C   . PHE A 1 95  ? 7.391   3.168   -2.739  1.00 38.75  ?  78  PHE A C   1 
ATOM   570 O  O   . PHE A 1 95  ? 7.396   3.133   -3.972  1.00 33.06  ?  78  PHE A O   1 
ATOM   571 C  CB  . PHE A 1 95  ? 8.775   1.647   -1.344  1.00 32.45  ?  78  PHE A CB  1 
ATOM   572 C  CG  . PHE A 1 95  ? 10.096  1.203   -0.741  1.00 31.53  ?  78  PHE A CG  1 
ATOM   573 C  CD1 . PHE A 1 95  ? 11.270  1.781   -1.125  1.00 36.49  ?  78  PHE A CD1 1 
ATOM   574 C  CD2 . PHE A 1 95  ? 10.123  0.233   0.284   1.00 33.29  ?  78  PHE A CD2 1 
ATOM   575 C  CE1 . PHE A 1 95  ? 12.467  1.394   -0.501  1.00 38.15  ?  78  PHE A CE1 1 
ATOM   576 C  CE2 . PHE A 1 95  ? 11.317  -0.201  0.819   1.00 35.52  ?  78  PHE A CE2 1 
ATOM   577 C  CZ  . PHE A 1 95  ? 12.493  0.374   0.428   1.00 32.57  ?  78  PHE A CZ  1 
ATOM   578 N  N   . ILE A 1 96  ? 6.326   3.397   -1.998  1.00 34.74  ?  79  ILE A N   1 
ATOM   579 C  CA  . ILE A 1 96  ? 5.024   3.786   -2.562  1.00 34.06  ?  79  ILE A CA  1 
ATOM   580 C  C   . ILE A 1 96  ? 5.098   5.005   -3.478  1.00 37.27  ?  79  ILE A C   1 
ATOM   581 O  O   . ILE A 1 96  ? 4.675   4.821   -4.640  1.00 38.66  ?  79  ILE A O   1 
ATOM   582 C  CB  . ILE A 1 96  ? 3.981   3.886   -1.466  1.00 34.81  ?  79  ILE A CB  1 
ATOM   583 C  CG1 . ILE A 1 96  ? 3.791   2.489   -0.885  1.00 32.35  ?  79  ILE A CG1 1 
ATOM   584 C  CG2 . ILE A 1 96  ? 2.677   4.492   -2.107  1.00 32.38  ?  79  ILE A CG2 1 
ATOM   585 C  CD1 . ILE A 1 96  ? 3.176   2.431   0.397   1.00 29.92  ?  79  ILE A CD1 1 
ATOM   586 N  N   . LYS A 1 97  ? 5.671   6.157   -3.059  1.00 41.35  ?  80  LYS A N   1 
ATOM   587 C  CA  . LYS A 1 97  ? 5.767   7.313   -3.874  1.00 48.87  ?  80  LYS A CA  1 
ATOM   588 C  C   . LYS A 1 97  ? 6.613   7.085   -5.135  1.00 51.80  ?  80  LYS A C   1 
ATOM   589 O  O   . LYS A 1 97  ? 6.273   7.642   -6.199  1.00 54.48  ?  80  LYS A O   1 
ATOM   590 C  CB  . LYS A 1 97  ? 6.528   8.437   -3.197  1.00 57.95  ?  80  LYS A CB  1 
ATOM   591 C  CG  . LYS A 1 97  ? 5.772   9.184   -2.128  1.00 62.27  ?  80  LYS A CG  1 
ATOM   592 C  CD  . LYS A 1 97  ? 6.683   10.298  -1.626  1.00 74.31  ?  80  LYS A CD  1 
ATOM   593 C  CE  . LYS A 1 97  ? 5.914   11.408  -0.952  1.00 82.74  ?  80  LYS A CE  1 
ATOM   594 N  NZ  . LYS A 1 97  ? 5.282   10.883  0.283   1.00 81.24  ?  80  LYS A NZ  1 
ATOM   595 N  N   . ALA A 1 98  ? 7.663   6.250   -5.024  1.00 50.42  ?  81  ALA A N   1 
ATOM   596 C  CA  . ALA A 1 98  ? 8.600   6.013   -6.105  1.00 52.37  ?  81  ALA A CA  1 
ATOM   597 C  C   . ALA A 1 98  ? 7.846   5.400   -7.304  1.00 60.48  ?  81  ALA A C   1 
ATOM   598 O  O   . ALA A 1 98  ? 8.291   5.542   -8.469  1.00 68.16  ?  81  ALA A O   1 
ATOM   599 C  CB  . ALA A 1 98  ? 9.753   5.132   -5.666  1.00 55.76  ?  81  ALA A CB  1 
ATOM   600 N  N   . SER A 1 99  ? 6.726   4.705   -7.037  1.00 56.89  ?  82  SER A N   1 
ATOM   601 C  CA  . SER A 1 99  ? 5.971   4.009   -8.110  1.00 65.61  ?  82  SER A CA  1 
ATOM   602 C  C   . SER A 1 99  ? 5.014   4.950   -8.889  1.00 70.75  ?  82  SER A C   1 
ATOM   603 O  O   . SER A 1 99  ? 4.223   4.492   -9.704  1.00 90.91  ?  82  SER A O   1 
ATOM   604 C  CB  . SER A 1 99  ? 5.277   2.794   -7.543  1.00 59.93  ?  82  SER A CB  1 
ATOM   605 O  OG  . SER A 1 99  ? 4.205   3.191   -6.720  1.00 66.37  ?  82  SER A OG  1 
ATOM   606 N  N   . ARG A 1 100 ? 5.113   6.271   -8.700  1.00 70.28  ?  83  ARG A N   1 
ATOM   607 C  CA  . ARG A 1 100 ? 4.457   7.307   -9.547  1.00 75.38  ?  83  ARG A CA  1 
ATOM   608 C  C   . ARG A 1 100 ? 5.427   7.841   -10.623 1.00 79.04  ?  83  ARG A C   1 
ATOM   609 O  O   . ARG A 1 100 ? 4.987   8.275   -11.712 1.00 74.33  ?  83  ARG A O   1 
ATOM   610 C  CB  . ARG A 1 100 ? 3.986   8.453   -8.641  1.00 70.10  ?  83  ARG A CB  1 
ATOM   611 C  CG  . ARG A 1 100 ? 3.266   8.004   -7.373  1.00 72.51  ?  83  ARG A CG  1 
ATOM   612 C  CD  . ARG A 1 100 ? 2.880   9.155   -6.458  1.00 75.74  ?  83  ARG A CD  1 
ATOM   613 N  NE  . ARG A 1 100 ? 3.998   9.989   -6.019  1.00 77.30  ?  83  ARG A NE  1 
ATOM   614 C  CZ  . ARG A 1 100 ? 3.905   11.047  -5.202  1.00 79.95  ?  83  ARG A CZ  1 
ATOM   615 N  NH1 . ARG A 1 100 ? 2.719   11.505  -4.832  1.00 76.36  ?  83  ARG A NH1 1 
ATOM   616 N  NH2 . ARG A 1 100 ? 5.004   11.638  -4.738  1.00 70.94  ?  83  ARG A NH2 1 
ATOM   617 N  N   . GLU A 1 101 ? 6.690   7.689   -10.296 1.00 84.61  ?  84  GLU A N   1 
ATOM   618 C  CA  . GLU A 1 101 ? 7.811   8.027   -11.125 1.00 91.68  ?  84  GLU A CA  1 
ATOM   619 C  C   . GLU A 1 101 ? 8.249   6.799   -11.871 1.00 93.91  ?  84  GLU A C   1 
ATOM   620 O  O   . GLU A 1 101 ? 9.333   6.767   -12.399 1.00 95.79  ?  84  GLU A O   1 
ATOM   621 C  CB  . GLU A 1 101 ? 8.976   8.356   -10.209 1.00 88.63  ?  84  GLU A CB  1 
ATOM   622 C  CG  . GLU A 1 101 ? 9.134   9.807   -9.866  1.00 88.89  ?  84  GLU A CG  1 
ATOM   623 C  CD  . GLU A 1 101 ? 8.190   10.239  -8.794  1.00 89.46  ?  84  GLU A CD  1 
ATOM   624 O  OE1 . GLU A 1 101 ? 7.969   9.468   -7.865  1.00 84.66  ?  84  GLU A OE1 1 
ATOM   625 O  OE2 . GLU A 1 101 ? 7.670   11.351  -8.873  1.00 87.05  ?  84  GLU A OE2 1 
ATOM   626 N  N   . SER A 1 102 ? 7.374   5.826   -11.808 1.00 96.89  ?  85  SER A N   1 
ATOM   627 C  CA  . SER A 1 102 ? 7.526   4.515   -12.349 1.00 100.89 ?  85  SER A CA  1 
ATOM   628 C  C   . SER A 1 102 ? 7.514   4.421   -13.825 1.00 101.68 ?  85  SER A C   1 
ATOM   629 O  O   . SER A 1 102 ? 7.404   5.391   -14.543 1.00 93.89  ?  85  SER A O   1 
ATOM   630 C  CB  . SER A 1 102 ? 6.337   3.685   -11.877 1.00 97.08  ?  85  SER A CB  1 
ATOM   631 O  OG  . SER A 1 102 ? 6.707   2.528   -11.178 1.00 84.20  ?  85  SER A OG  1 
ATOM   632 N  N   . HIS A 1 103 ? 7.609   3.167   -14.232 1.00 107.26 ?  86  HIS A N   1 
ATOM   633 C  CA  . HIS A 1 103 ? 7.543   2.738   -15.591 1.00 106.01 ?  86  HIS A CA  1 
ATOM   634 C  C   . HIS A 1 103 ? 6.088   2.718   -15.895 1.00 96.25  ?  86  HIS A C   1 
ATOM   635 O  O   . HIS A 1 103 ? 5.685   3.591   -16.640 1.00 90.89  ?  86  HIS A O   1 
ATOM   636 C  CB  . HIS A 1 103 ? 8.084   1.338   -15.736 1.00 115.34 ?  86  HIS A CB  1 
ATOM   637 C  CG  . HIS A 1 103 ? 8.978   1.152   -16.919 1.00 124.11 ?  86  HIS A CG  1 
ATOM   638 N  ND1 . HIS A 1 103 ? 8.523   1.228   -18.215 1.00 125.68 ?  86  HIS A ND1 1 
ATOM   639 C  CD2 . HIS A 1 103 ? 10.300  0.878   -16.998 1.00 117.69 ?  86  HIS A CD2 1 
ATOM   640 C  CE1 . HIS A 1 103 ? 9.531   1.017   -19.041 1.00 123.57 ?  86  HIS A CE1 1 
ATOM   641 N  NE2 . HIS A 1 103 ? 10.619  0.799   -18.328 1.00 123.21 ?  86  HIS A NE2 1 
ATOM   642 N  N   . SER A 1 104 ? 5.273   1.851   -15.328 1.00 77.44  ?  87  SER A N   1 
ATOM   643 C  CA  . SER A 1 104 ? 3.883   1.955   -15.675 1.00 74.04  ?  87  SER A CA  1 
ATOM   644 C  C   . SER A 1 104 ? 3.185   2.963   -14.822 1.00 71.44  ?  87  SER A C   1 
ATOM   645 O  O   . SER A 1 104 ? 1.986   3.071   -14.928 1.00 68.81  ?  87  SER A O   1 
ATOM   646 C  CB  . SER A 1 104 ? 3.184   0.622   -15.551 1.00 75.11  ?  87  SER A CB  1 
ATOM   647 O  OG  . SER A 1 104 ? 3.741   -0.139  -14.519 1.00 76.74  ?  87  SER A OG  1 
ATOM   648 N  N   . ARG A 1 105 ? 3.942   3.714   -14.029 1.00 59.74  ?  88  ARG A N   1 
ATOM   649 C  CA  . ARG A 1 105 ? 3.441   4.683   -13.070 1.00 66.64  ?  88  ARG A CA  1 
ATOM   650 C  C   . ARG A 1 105 ? 2.462   4.025   -12.104 1.00 60.04  ?  88  ARG A C   1 
ATOM   651 O  O   . ARG A 1 105 ? 1.867   4.670   -11.315 1.00 67.79  ?  88  ARG A O   1 
ATOM   652 C  CB  . ARG A 1 105 ? 2.839   5.918   -13.742 1.00 77.44  ?  88  ARG A CB  1 
ATOM   653 C  CG  . ARG A 1 105 ? 3.159   7.237   -13.070 1.00 84.69  ?  88  ARG A CG  1 
ATOM   654 C  CD  . ARG A 1 105 ? 1.959   8.161   -12.983 1.00 89.28  ?  88  ARG A CD  1 
ATOM   655 N  NE  . ARG A 1 105 ? 0.942   7.820   -13.959 1.00 96.59  ?  88  ARG A NE  1 
ATOM   656 C  CZ  . ARG A 1 105 ? -0.301  8.277   -13.947 1.00 90.94  ?  88  ARG A CZ  1 
ATOM   657 N  NH1 . ARG A 1 105 ? -1.137  7.897   -14.880 1.00 84.71  ?  88  ARG A NH1 1 
ATOM   658 N  NH2 . ARG A 1 105 ? -0.701  9.113   -13.020 1.00 83.33  ?  88  ARG A NH2 1 
ATOM   659 N  N   . GLU A 1 106 ? 2.386   2.718   -12.165 1.00 51.67  ?  89  GLU A N   1 
ATOM   660 C  CA  . GLU A 1 106 ? 1.500   1.838   -11.401 1.00 45.29  ?  89  GLU A CA  1 
ATOM   661 C  C   . GLU A 1 106 ? 2.154   1.254   -10.135 1.00 38.11  ?  89  GLU A C   1 
ATOM   662 O  O   . GLU A 1 106 ? 3.401   0.975   -10.106 1.00 47.92  ?  89  GLU A O   1 
ATOM   663 C  CB  . GLU A 1 106 ? 1.212   0.658   -12.303 1.00 48.25  ?  89  GLU A CB  1 
ATOM   664 C  CG  . GLU A 1 106 ? 0.014   -0.158  -11.923 1.00 54.72  ?  89  GLU A CG  1 
ATOM   665 C  CD  . GLU A 1 106 ? -0.297  -1.308  -12.873 1.00 60.29  ?  89  GLU A CD  1 
ATOM   666 O  OE1 . GLU A 1 106 ? 0.507   -2.304  -12.920 1.00 49.57  ?  89  GLU A OE1 1 
ATOM   667 O  OE2 . GLU A 1 106 ? -1.362  -1.208  -13.549 1.00 58.68  ?  89  GLU A OE2 1 
ATOM   668 N  N   . LEU A 1 107 ? 1.356   1.097   -9.064  1.00 36.99  ?  90  LEU A N   1 
ATOM   669 C  CA  . LEU A 1 107 ? 1.755   0.489   -7.841  1.00 34.26  ?  90  LEU A CA  1 
ATOM   670 C  C   . LEU A 1 107 ? 1.228   -0.941  -7.808  1.00 39.00  ?  90  LEU A C   1 
ATOM   671 O  O   . LEU A 1 107 ? 0.032   -1.097  -8.085  1.00 38.90  ?  90  LEU A O   1 
ATOM   672 C  CB  . LEU A 1 107 ? 1.232   1.360   -6.674  1.00 33.56  ?  90  LEU A CB  1 
ATOM   673 C  CG  . LEU A 1 107 ? 1.485   0.775   -5.264  1.00 32.84  ?  90  LEU A CG  1 
ATOM   674 C  CD1 . LEU A 1 107 ? 2.964   0.956   -4.933  1.00 36.94  ?  90  LEU A CD1 1 
ATOM   675 C  CD2 . LEU A 1 107 ? 0.612   1.402   -4.172  1.00 37.19  ?  90  LEU A CD2 1 
ATOM   676 N  N   . ALA A 1 108 ? 2.076   -1.953  -7.452  1.00 30.41  ?  91  ALA A N   1 
ATOM   677 C  CA  . ALA A 1 108 ? 1.670   -3.302  -7.401  1.00 33.92  ?  91  ALA A CA  1 
ATOM   678 C  C   . ALA A 1 108 ? 1.917   -3.705  -5.964  1.00 36.60  ?  91  ALA A C   1 
ATOM   679 O  O   . ALA A 1 108 ? 3.023   -3.632  -5.377  1.00 35.97  ?  91  ALA A O   1 
ATOM   680 C  CB  . ALA A 1 108 ? 2.413   -4.112  -8.423  1.00 35.93  ?  91  ALA A CB  1 
ATOM   681 N  N   . LEU A 1 109 ? 0.843   -4.026  -5.256  1.00 35.40  ?  92  LEU A N   1 
ATOM   682 C  CA  . LEU A 1 109 ? 0.929   -4.504  -3.873  1.00 31.96  ?  92  LEU A CA  1 
ATOM   683 C  C   . LEU A 1 109 ? 0.483   -5.957  -3.820  1.00 34.77  ?  92  LEU A C   1 
ATOM   684 O  O   . LEU A 1 109 ? -0.584  -6.332  -4.348  1.00 36.43  ?  92  LEU A O   1 
ATOM   685 C  CB  . LEU A 1 109 ? -0.061  -3.700  -3.011  1.00 30.94  ?  92  LEU A CB  1 
ATOM   686 C  CG  . LEU A 1 109 ? 0.211   -2.205  -2.884  1.00 32.10  ?  92  LEU A CG  1 
ATOM   687 C  CD1 . LEU A 1 109 ? -0.878  -1.519  -2.136  1.00 37.25  ?  92  LEU A CD1 1 
ATOM   688 C  CD2 . LEU A 1 109 ? 1.597   -1.951  -2.212  1.00 35.30  ?  92  LEU A CD2 1 
ATOM   689 N  N   . VAL A 1 110 ? 1.301   -6.811  -3.186  1.00 33.11  ?  93  VAL A N   1 
ATOM   690 C  CA  . VAL A 1 110 ? 0.823   -8.130  -2.786  1.00 29.07  ?  93  VAL A CA  1 
ATOM   691 C  C   . VAL A 1 110 ? 0.444   -7.932  -1.332  1.00 32.97  ?  93  VAL A C   1 
ATOM   692 O  O   . VAL A 1 110 ? 1.354   -7.502  -0.503  1.00 32.40  ?  93  VAL A O   1 
ATOM   693 C  CB  . VAL A 1 110 ? 1.822   -9.308  -2.971  1.00 29.36  ?  93  VAL A CB  1 
ATOM   694 C  CG1 . VAL A 1 110 ? 1.294   -10.532 -2.267  1.00 35.90  ?  93  VAL A CG1 1 
ATOM   695 C  CG2 . VAL A 1 110 ? 2.080   -9.473  -4.470  1.00 34.18  ?  93  VAL A CG2 1 
ATOM   696 N  N   . ILE A 1 111 ? -0.818  -8.224  -1.037  1.00 29.77  ?  94  ILE A N   1 
ATOM   697 C  CA  . ILE A 1 111 ? -1.318  -8.063  0.337   1.00 31.69  ?  94  ILE A CA  1 
ATOM   698 C  C   . ILE A 1 111 ? -1.755  -9.427  0.847   1.00 29.11  ?  94  ILE A C   1 
ATOM   699 O  O   . ILE A 1 111 ? -2.174  -10.355 0.053   1.00 31.62  ?  94  ILE A O   1 
ATOM   700 C  CB  . ILE A 1 111 ? -2.361  -6.903  0.400   1.00 31.00  ?  94  ILE A CB  1 
ATOM   701 C  CG1 . ILE A 1 111 ? -3.679  -7.201  -0.300  1.00 36.17  ?  94  ILE A CG1 1 
ATOM   702 C  CG2 . ILE A 1 111 ? -1.720  -5.591  0.049   1.00 29.22  ?  94  ILE A CG2 1 
ATOM   703 C  CD1 . ILE A 1 111 ? -4.566  -7.977  0.486   1.00 35.22  ?  94  ILE A CD1 1 
ATOM   704 N  N   . ARG A 1 112 ? -1.938  -9.587  2.178   1.00 31.13  ?  95  ARG A N   1 
ATOM   705 C  CA  . ARG A 1 112 ? -2.558  -10.705 2.750   1.00 36.68  ?  95  ARG A CA  1 
ATOM   706 C  C   . ARG A 1 112 ? -3.867  -10.291 3.395   1.00 30.16  ?  95  ARG A C   1 
ATOM   707 O  O   . ARG A 1 112 ? -3.903  -9.253  4.221   1.00 34.17  ?  95  ARG A O   1 
ATOM   708 C  CB  . ARG A 1 112 ? -1.616  -11.330 3.786   1.00 37.77  ?  95  ARG A CB  1 
ATOM   709 C  CG  . ARG A 1 112 ? -2.217  -12.365 4.731   1.00 47.13  ?  95  ARG A CG  1 
ATOM   710 C  CD  . ARG A 1 112 ? -1.051  -13.131 5.362   1.00 54.55  ?  95  ARG A CD  1 
ATOM   711 N  NE  . ARG A 1 112 ? -0.120  -13.756 4.377   1.00 56.77  ?  95  ARG A NE  1 
ATOM   712 C  CZ  . ARG A 1 112 ? -0.324  -14.904 3.648   1.00 67.28  ?  95  ARG A CZ  1 
ATOM   713 N  NH1 . ARG A 1 112 ? -1.506  -15.527 3.524   1.00 62.12  ?  95  ARG A NH1 1 
ATOM   714 N  NH2 . ARG A 1 112 ? 0.702   -15.420 2.983   1.00 55.57  ?  95  ARG A NH2 1 
ATOM   715 N  N   . ARG A 1 113 ? -4.914  -11.047 3.117   1.00 37.24  ?  96  ARG A N   1 
ATOM   716 C  CA  . ARG A 1 113 ? -6.288  -10.740 3.714   1.00 41.80  ?  96  ARG A CA  1 
ATOM   717 C  C   . ARG A 1 113 ? -6.799  -11.989 4.445   1.00 47.45  ?  96  ARG A C   1 
ATOM   718 O  O   . ARG A 1 113 ? -6.394  -13.019 4.090   1.00 41.83  ?  96  ARG A O   1 
ATOM   719 C  CB  . ARG A 1 113 ? -6.998  -10.229 2.467   1.00 37.95  ?  96  ARG A CB  1 
ATOM   720 C  CG  . ARG A 1 113 ? -8.489  -10.006 2.510   1.00 41.36  ?  96  ARG A CG  1 
ATOM   721 C  CD  . ARG A 1 113 ? -8.867  -9.501  1.120   1.00 43.00  ?  96  ARG A CD  1 
ATOM   722 N  NE  . ARG A 1 113 ? -8.312  -8.217  0.763   1.00 34.77  ?  96  ARG A NE  1 
ATOM   723 C  CZ  . ARG A 1 113 ? -8.573  -7.570  -0.408  1.00 35.19  ?  96  ARG A CZ  1 
ATOM   724 N  NH1 . ARG A 1 113 ? -9.425  -8.092  -1.309  1.00 34.21  ?  96  ARG A NH1 1 
ATOM   725 N  NH2 . ARG A 1 113 ? -8.029  -6.398  -0.647  1.00 34.95  ?  96  ARG A NH2 1 
ATOM   726 N  N   . ARG A 1 114 ? -7.620  -11.825 5.466   1.00 53.00  ?  97  ARG A N   1 
ATOM   727 C  CA  . ARG A 1 114 ? -8.218  -12.939 6.168   1.00 69.89  ?  97  ARG A CA  1 
ATOM   728 C  C   . ARG A 1 114 ? -9.713  -12.894 5.966   1.00 74.96  ?  97  ARG A C   1 
ATOM   729 O  O   . ARG A 1 114 ? -10.376 -13.843 5.595   1.00 75.51  ?  97  ARG A O   1 
ATOM   730 C  CB  . ARG A 1 114 ? -7.949  -12.925 7.664   1.00 65.69  ?  97  ARG A CB  1 
ATOM   731 C  CG  . ARG A 1 114 ? -6.839  -12.025 8.108   1.00 75.14  ?  97  ARG A CG  1 
ATOM   732 C  CD  . ARG A 1 114 ? -6.149  -12.515 9.371   1.00 80.41  ?  97  ARG A CD  1 
ATOM   733 N  NE  . ARG A 1 114 ? -4.878  -13.177 9.107   1.00 79.39  ?  97  ARG A NE  1 
ATOM   734 C  CZ  . ARG A 1 114 ? -3.890  -12.636 8.425   1.00 77.88  ?  97  ARG A CZ  1 
ATOM   735 N  NH1 . ARG A 1 114 ? -3.992  -11.421 7.940   1.00 70.61  ?  97  ARG A NH1 1 
ATOM   736 N  NH2 . ARG A 1 114 ? -2.786  -13.302 8.245   1.00 64.70  ?  97  ARG A NH2 1 
ATOM   737 O  OXT . ARG A 1 114 ? -10.310 -11.862 6.180   1.00 86.24  ?  97  ARG A OXT 1 
ATOM   738 N  N   . SER B 2 7   ? 3.253   6.782   16.861  1.00 61.11  ?  1   SER B N   1 
ATOM   739 C  CA  . SER B 2 7   ? 2.336   5.772   16.119  1.00 53.19  ?  1   SER B CA  1 
ATOM   740 C  C   . SER B 2 7   ? 1.889   6.329   14.757  1.00 45.43  ?  1   SER B C   1 
ATOM   741 O  O   . SER B 2 7   ? 0.719   6.850   14.642  1.00 47.12  ?  1   SER B O   1 
ATOM   742 C  CB  . SER B 2 7   ? 1.166   5.430   16.985  1.00 59.56  ?  1   SER B CB  1 
ATOM   743 O  OG  . SER B 2 7   ? 0.505   4.288   16.458  1.00 57.26  ?  1   SER B OG  1 
ATOM   744 N  N   . LYS B 2 8   ? 2.668   6.117   13.680  1.00 36.96  ?  2   LYS B N   1 
ATOM   745 C  CA  . LYS B 2 8   ? 2.633   6.819   12.517  1.00 35.32  ?  2   LYS B CA  1 
ATOM   746 C  C   . LYS B 2 8   ? 1.475   6.317   11.650  1.00 37.36  ?  2   LYS B C   1 
ATOM   747 O  O   . LYS B 2 8   ? 1.126   5.145   11.726  1.00 32.49  ?  2   LYS B O   1 
ATOM   748 C  CB  . LYS B 2 8   ? 3.915   6.649   11.716  1.00 37.48  ?  2   LYS B CB  1 
ATOM   749 C  CG  . LYS B 2 8   ? 5.118   7.386   12.317  1.00 42.16  ?  2   LYS B CG  1 
ATOM   750 C  CD  . LYS B 2 8   ? 6.347   7.179   11.609  1.00 44.09  ?  2   LYS B CD  1 
ATOM   751 C  CE  . LYS B 2 8   ? 7.520   7.903   12.246  1.00 50.62  ?  2   LYS B CE  1 
ATOM   752 N  NZ  . LYS B 2 8   ? 8.495   8.241   11.192  1.00 58.02  ?  2   LYS B NZ  1 
ATOM   753 N  N   . GLU B 2 9   ? 0.898   7.226   10.868  1.00 33.14  ?  3   GLU B N   1 
ATOM   754 C  CA  . GLU B 2 9   ? -0.218  6.902   9.881   1.00 32.45  ?  3   GLU B CA  1 
ATOM   755 C  C   . GLU B 2 9   ? -0.017  7.934   8.790   1.00 28.32  ?  3   GLU B C   1 
ATOM   756 O  O   . GLU B 2 9   ? -0.041  9.160   9.107   1.00 31.92  ?  3   GLU B O   1 
ATOM   757 C  CB  . GLU B 2 9   ? -1.602  6.879   10.521  1.00 35.76  ?  3   GLU B CB  1 
ATOM   758 C  CG  . GLU B 2 9   ? -2.705  6.589   9.487   1.00 35.70  ?  3   GLU B CG  1 
ATOM   759 C  CD  . GLU B 2 9   ? -4.173  6.597   9.933   1.00 38.37  ?  3   GLU B CD  1 
ATOM   760 O  OE1 . GLU B 2 9   ? -4.354  6.986   11.112  1.00 35.59  ?  3   GLU B OE1 1 
ATOM   761 O  OE2 . GLU B 2 9   ? -5.136  6.202   9.125   1.00 36.26  ?  3   GLU B OE2 1 
ATOM   762 N  N   . THR B 2 10  ? 0.165   7.470   7.509   1.00 28.56  ?  4   THR B N   1 
ATOM   763 C  CA  . THR B 2 10  ? 0.500   8.228   6.425   1.00 27.80  ?  4   THR B CA  1 
ATOM   764 C  C   . THR B 2 10  ? -0.457  8.058   5.294   1.00 32.04  ?  4   THR B C   1 
ATOM   765 O  O   . THR B 2 10  ? -0.703  6.948   4.852   1.00 33.15  ?  4   THR B O   1 
ATOM   766 C  CB  . THR B 2 10  ? 1.945   7.914   5.973   1.00 29.75  ?  4   THR B CB  1 
ATOM   767 O  OG1 . THR B 2 10  ? 2.842   8.249   7.057   1.00 33.49  ?  4   THR B OG1 1 
ATOM   768 C  CG2 . THR B 2 10  ? 2.370   8.821   4.858   1.00 37.65  ?  4   THR B CG2 1 
ATOM   769 N  N   . GLU B 2 11  ? -0.823  9.219   4.730   1.00 33.54  ?  5   GLU B N   1 
ATOM   770 C  CA  . GLU B 2 11  ? -1.696  9.233   3.565   1.00 33.92  ?  5   GLU B CA  1 
ATOM   771 C  C   . GLU B 2 11  ? -0.834  8.975   2.310   1.00 36.08  ?  5   GLU B C   1 
ATOM   772 O  O   . GLU B 2 11  ? 0.233   9.680   2.045   1.00 35.40  ?  5   GLU B O   1 
ATOM   773 C  CB  . GLU B 2 11  ? -2.336  10.611  3.508   1.00 33.99  ?  5   GLU B CB  1 
ATOM   774 C  CG  . GLU B 2 11  ? -3.339  10.782  4.643   1.00 42.65  ?  5   GLU B CG  1 
ATOM   775 C  CD  . GLU B 2 11  ? -3.995  12.135  4.769   1.00 48.51  ?  5   GLU B CD  1 
ATOM   776 O  OE1 . GLU B 2 11  ? -3.689  13.007  3.910   1.00 45.59  ?  5   GLU B OE1 1 
ATOM   777 O  OE2 . GLU B 2 11  ? -4.667  12.338  5.823   1.00 36.41  ?  5   GLU B OE2 1 
ATOM   778 N  N   . CYS B 2 12  ? -1.250  7.963   1.563   1.00 40.11  ?  6   CYS B N   1 
ATOM   779 C  CA  . CYS B 2 12  ? -0.628  7.492   0.296   1.00 34.50  ?  6   CYS B CA  1 
ATOM   780 C  C   . CYS B 2 12  ? -1.440  7.611   -1.013  1.00 34.30  ?  6   CYS B C   1 
ATOM   781 O  O   . CYS B 2 12  ? -2.780  7.722   -0.909  1.00 40.09  ?  6   CYS B O   1 
ATOM   782 C  CB  . CYS B 2 12  ? -0.137  6.054   0.550   1.00 39.75  ?  6   CYS B CB  1 
ATOM   783 S  SG  . CYS B 2 12  ? 1.112   5.936   1.891   1.00 43.35  ?  6   CYS B SG  1 
ATOM   784 O  OXT . CYS B 2 12  ? -0.750  7.569   -2.160  1.00 43.99  -1 6   CYS B OXT 1 
HETATM 785 NA NA  . NA  C 3 .   ? -12.273 -7.281  -5.111  1.00 42.67  ?  101 NA  A NA  1 
HETATM 786 NA NA  . NA  D 3 .   ? 4.113   -6.529  -5.831  1.00 41.45  ?  102 NA  A NA  1 
HETATM 787 O  O   . HOH E 4 .   ? -11.313 2.675   5.454   1.00 35.96  ?  201 HOH A O   1 
HETATM 788 O  O   . HOH E 4 .   ? -12.086 11.815  1.588   1.00 36.30  ?  202 HOH A O   1 
HETATM 789 O  O   . HOH E 4 .   ? -6.167  8.039   2.286   1.00 35.79  ?  203 HOH A O   1 
HETATM 790 O  O   . HOH E 4 .   ? 13.227  5.477   8.075   1.00 39.10  ?  204 HOH A O   1 
HETATM 791 O  O   . HOH E 4 .   ? -12.073 -0.957  -0.498  1.00 36.49  ?  205 HOH A O   1 
HETATM 792 O  O   . HOH E 4 .   ? -5.965  -4.252  -8.785  1.00 35.51  ?  206 HOH A O   1 
HETATM 793 O  O   . HOH E 4 .   ? 15.047  -3.912  -0.707  1.00 42.66  ?  207 HOH A O   1 
HETATM 794 O  O   . HOH E 4 .   ? -8.575  -6.683  4.854   1.00 35.42  ?  208 HOH A O   1 
HETATM 795 O  O   . HOH E 4 .   ? 9.747   5.377   9.898   1.00 33.15  ?  209 HOH A O   1 
HETATM 796 O  O   . HOH E 4 .   ? 9.425   -1.365  -3.523  1.00 31.16  ?  210 HOH A O   1 
HETATM 797 O  O   . HOH E 4 .   ? 12.731  -6.112  3.977   1.00 43.26  ?  211 HOH A O   1 
HETATM 798 O  O   . HOH E 4 .   ? -13.239 -1.281  -7.253  1.00 43.78  ?  212 HOH A O   1 
HETATM 799 O  O   . HOH E 4 .   ? 7.583   -2.582  6.788   1.00 35.46  ?  213 HOH A O   1 
HETATM 800 O  O   . HOH E 4 .   ? -8.285  2.558   -9.955  1.00 41.73  ?  214 HOH A O   1 
HETATM 801 O  O   . HOH E 4 .   ? 16.396  -3.046  6.069   1.00 39.02  ?  215 HOH A O   1 
HETATM 802 O  O   . HOH E 4 .   ? -14.350 6.826   4.973   1.00 43.95  ?  216 HOH A O   1 
HETATM 803 O  O   . HOH E 4 .   ? -12.571 -7.037  -1.845  1.00 43.65  ?  217 HOH A O   1 
HETATM 804 O  O   . HOH E 4 .   ? 0.891   -0.126  14.029  1.00 43.65  ?  218 HOH A O   1 
HETATM 805 O  O   . HOH E 4 .   ? -10.325 -10.646 -11.444 1.00 41.11  ?  219 HOH A O   1 
HETATM 806 O  O   . HOH F 4 .   ? 2.294   3.019   12.623  1.00 35.63  ?  101 HOH B O   1 
HETATM 807 O  O   . HOH F 4 .   ? -6.719  10.323  5.952   0.50 34.66  ?  102 HOH B O   1 
HETATM 808 O  O   . HOH F 4 .   ? 1.692   10.051  11.410  1.00 33.07  ?  103 HOH B O   1 
# 
loop_
_atom_site_anisotrop.id 
_atom_site_anisotrop.type_symbol 
_atom_site_anisotrop.pdbx_label_atom_id 
_atom_site_anisotrop.pdbx_label_alt_id 
_atom_site_anisotrop.pdbx_label_comp_id 
_atom_site_anisotrop.pdbx_label_asym_id 
_atom_site_anisotrop.pdbx_label_seq_id 
_atom_site_anisotrop.pdbx_PDB_ins_code 
_atom_site_anisotrop.U[1][1] 
_atom_site_anisotrop.U[2][2] 
_atom_site_anisotrop.U[3][3] 
_atom_site_anisotrop.U[1][2] 
_atom_site_anisotrop.U[1][3] 
_atom_site_anisotrop.U[2][3] 
_atom_site_anisotrop.pdbx_auth_seq_id 
_atom_site_anisotrop.pdbx_auth_comp_id 
_atom_site_anisotrop.pdbx_auth_asym_id 
_atom_site_anisotrop.pdbx_auth_atom_id 
1   N N   . ASP A 22  ? 0.9322 0.9086 1.0554 -0.0073 -0.0702 0.0179  5  ASP A N   
2   C CA  . ASP A 22  ? 1.0191 1.0071 1.1341 -0.0100 -0.0618 0.0229  5  ASP A CA  
3   C C   . ASP A 22  ? 0.9385 0.9335 1.0467 -0.0045 -0.0557 0.0147  5  ASP A C   
4   O O   . ASP A 22  ? 0.8370 0.8400 0.9434 -0.0052 -0.0506 0.0130  5  ASP A O   
5   C CB  . ASP A 22  ? 1.0698 1.0590 1.1804 -0.0128 -0.0615 0.0319  5  ASP A CB  
6   C CG  . ASP A 22  ? 1.1840 1.1717 1.2884 -0.0078 -0.0613 0.0290  5  ASP A CG  
7   O OD1 . ASP A 22  ? 1.1193 1.0968 1.2273 -0.0054 -0.0679 0.0275  5  ASP A OD1 
8   O OD2 . ASP A 22  ? 1.1632 1.1597 1.2596 -0.0060 -0.0548 0.0280  5  ASP A OD2 
9   N N   . SER A 23  ? 0.7428 0.7346 0.8478 0.0007  -0.0568 0.0098  6  SER A N   
10  C CA  . SER A 23  ? 0.6504 0.6483 0.7495 0.0053  -0.0517 0.0029  6  SER A CA  
11  C C   . SER A 23  ? 0.5835 0.5781 0.6862 0.0102  -0.0551 -0.0059 6  SER A C   
12  O O   . SER A 23  ? 0.6183 0.6051 0.7269 0.0117  -0.0620 -0.0084 6  SER A O   
13  C CB  . SER A 23  ? 0.7022 0.7033 0.7939 0.0070  -0.0485 0.0042  6  SER A CB  
14  O OG  . SER A 23  ? 0.7157 0.7113 0.8075 0.0108  -0.0524 0.0010  6  SER A OG  
15  N N   . TYR A 24  ? 0.4916 0.4928 0.5910 0.0127  -0.0506 -0.0110 7  TYR A N   
16  C CA  . TYR A 24  ? 0.4712 0.4728 0.5733 0.0170  -0.0527 -0.0191 7  TYR A CA  
17  C C   . TYR A 24  ? 0.3931 0.4021 0.4890 0.0203  -0.0476 -0.0231 7  TYR A C   
18  O O   . TYR A 24  ? 0.4307 0.4442 0.5213 0.0189  -0.0423 -0.0202 7  TYR A O   
19  C CB  . TYR A 24  ? 0.5263 0.5286 0.6340 0.0157  -0.0541 -0.0209 7  TYR A CB  
20  C CG  . TYR A 24  ? 0.4838 0.4924 0.5886 0.0126  -0.0483 -0.0178 7  TYR A CG  
21  C CD1 . TYR A 24  ? 0.4624 0.4710 0.5677 0.0073  -0.0471 -0.0104 7  TYR A CD1 
22  C CD2 . TYR A 24  ? 0.4800 0.4954 0.5814 0.0150  -0.0441 -0.0217 7  TYR A CD2 
23  C CE1 . TYR A 24  ? 0.4639 0.4796 0.5669 0.0049  -0.0421 -0.0081 7  TYR A CE1 
24  C CE2 . TYR A 24  ? 0.4177 0.4384 0.5173 0.0126  -0.0399 -0.0194 7  TYR A CE2 
25  C CZ  . TYR A 24  ? 0.4047 0.4260 0.5047 0.0079  -0.0387 -0.0130 7  TYR A CZ  
26  O OH  . TYR A 24  ? 0.4517 0.4795 0.5501 0.0058  -0.0344 -0.0112 7  TYR A OH  
27  N N   . LEU A 25  ? 0.4625 0.4729 0.5599 0.0247  -0.0500 -0.0300 8  LEU A N   
28  C CA  . LEU A 25  ? 0.4501 0.4685 0.5427 0.0279  -0.0460 -0.0341 8  LEU A CA  
29  C C   . LEU A 25  ? 0.4557 0.4803 0.5486 0.0286  -0.0439 -0.0371 8  LEU A C   
30  O O   . LEU A 25  ? 0.4685 0.4928 0.5666 0.0296  -0.0472 -0.0406 8  LEU A O   
31  C CB  . LEU A 25  ? 0.5259 0.5452 0.6196 0.0324  -0.0495 -0.0401 8  LEU A CB  
32  C CG  . LEU A 25  ? 0.5280 0.5417 0.6214 0.0328  -0.0522 -0.0383 8  LEU A CG  
33  C CD1 . LEU A 25  ? 0.6218 0.6390 0.7168 0.0381  -0.0556 -0.0459 8  LEU A CD1 
34  C CD2 . LEU A 25  ? 0.5743 0.5898 0.6614 0.0307  -0.0470 -0.0333 8  LEU A CD2 
35  N N   . VAL A 26  ? 0.4025 0.4328 0.4901 0.0284  -0.0386 -0.0357 9  VAL A N   
36  C CA  . VAL A 26  ? 0.3995 0.4364 0.4863 0.0293  -0.0363 -0.0378 9  VAL A CA  
37  C C   . VAL A 26  ? 0.3940 0.4379 0.4771 0.0314  -0.0338 -0.0394 9  VAL A C   
38  O O   . VAL A 26  ? 0.3715 0.4149 0.4511 0.0302  -0.0311 -0.0364 9  VAL A O   
39  C CB  . VAL A 26  ? 0.4038 0.4406 0.4891 0.0260  -0.0328 -0.0333 9  VAL A CB  
40  C CG1 . VAL A 26  ? 0.4496 0.4922 0.5352 0.0272  -0.0318 -0.0357 9  VAL A CG1 
41  C CG2 . VAL A 26  ? 0.4014 0.4330 0.4899 0.0225  -0.0341 -0.0297 9  VAL A CG2 
42  N N   . LEU A 27  ? 0.3684 0.4195 0.4522 0.0341  -0.0344 -0.0438 10 LEU A N   
43  C CA  . LEU A 27  ? 0.3405 0.3999 0.4208 0.0354  -0.0318 -0.0441 10 LEU A CA  
44  C C   . LEU A 27  ? 0.4315 0.4940 0.5095 0.0338  -0.0285 -0.0411 10 LEU A C   
45  O O   . LEU A 27  ? 0.4469 0.5125 0.5265 0.0346  -0.0293 -0.0429 10 LEU A O   
46  C CB  . LEU A 27  ? 0.4043 0.4721 0.4866 0.0394  -0.0346 -0.0506 10 LEU A CB  
47  C CG  . LEU A 27  ? 0.4721 0.5520 0.5511 0.0407  -0.0321 -0.0509 10 LEU A CG  
48  C CD1 . LEU A 27  ? 0.5748 0.6565 0.6510 0.0397  -0.0298 -0.0485 10 LEU A CD1 
49  C CD2 . LEU A 27  ? 0.5104 0.5997 0.5922 0.0452  -0.0355 -0.0582 10 LEU A CD2 
50  N N   . ILE A 28  ? 0.3827 0.4461 0.4574 0.0321  -0.0253 -0.0371 11 ILE A N   
51  C CA  . ILE A 28  ? 0.4405 0.5048 0.5133 0.0306  -0.0230 -0.0337 11 ILE A CA  
52  C C   . ILE A 28  ? 0.4110 0.4831 0.4816 0.0309  -0.0215 -0.0325 11 ILE A C   
53  O O   . ILE A 28  ? 0.4404 0.5134 0.5100 0.0306  -0.0210 -0.0318 11 ILE A O   
54  C CB  . ILE A 28  ? 0.4665 0.5241 0.5387 0.0280  -0.0214 -0.0300 11 ILE A CB  
55  C CG1 . ILE A 28  ? 0.4999 0.5518 0.5742 0.0271  -0.0226 -0.0303 11 ILE A CG1 
56  C CG2 . ILE A 28  ? 0.3838 0.4429 0.4547 0.0271  -0.0196 -0.0272 11 ILE A CG2 
57  C CD1 . ILE A 28  ? 0.6211 0.6685 0.6945 0.0252  -0.0216 -0.0276 11 ILE A CD1 
58  N N   . ARG A 29  ? 0.3944 0.4720 0.4643 0.0313  -0.0210 -0.0315 12 ARG A N   
59  C CA  . ARG A 29  ? 0.3798 0.4656 0.4479 0.0310  -0.0198 -0.0291 12 ARG A CA  
60  C C   . ARG A 29  ? 0.3656 0.4500 0.4324 0.0290  -0.0186 -0.0239 12 ARG A C   
61  O O   . ARG A 29  ? 0.3468 0.4306 0.4139 0.0294  -0.0190 -0.0238 12 ARG A O   
62  C CB  . ARG A 29  ? 0.4402 0.5379 0.5080 0.0337  -0.0208 -0.0324 12 ARG A CB  
63  C CG  . ARG A 29  ? 0.4687 0.5698 0.5386 0.0368  -0.0232 -0.0390 12 ARG A CG  
64  C CD  . ARG A 29  ? 0.5297 0.6461 0.5987 0.0394  -0.0236 -0.0413 12 ARG A CD  
65  N NE  . ARG A 29  ? 0.5577 0.6761 0.6299 0.0433  -0.0269 -0.0490 12 ARG A NE  
66  C CZ  . ARG A 29  ? 0.4665 0.5978 0.5394 0.0470  -0.0287 -0.0547 12 ARG A CZ  
67  N NH1 . ARG A 29  ? 0.4362 0.5822 0.5062 0.0472  -0.0267 -0.0527 12 ARG A NH1 
68  N NH2 . ARG A 29  ? 0.4660 0.5956 0.5432 0.0506  -0.0327 -0.0621 12 ARG A NH2 
69  N N   . ILE A 30  ? 0.3847 0.4680 0.4508 0.0268  -0.0176 -0.0199 13 ILE A N   
70  C CA  . ILE A 30  ? 0.3571 0.4366 0.4236 0.0249  -0.0174 -0.0151 13 ILE A CA  
71  C C   . ILE A 30  ? 0.4010 0.4864 0.4670 0.0229  -0.0171 -0.0099 13 ILE A C   
72  O O   . ILE A 30  ? 0.4538 0.5423 0.5200 0.0216  -0.0166 -0.0088 13 ILE A O   
73  C CB  . ILE A 30  ? 0.3639 0.4334 0.4315 0.0239  -0.0173 -0.0150 13 ILE A CB  
74  C CG1 . ILE A 30  ? 0.3966 0.4617 0.4646 0.0249  -0.0173 -0.0190 13 ILE A CG1 
75  C CG2 . ILE A 30  ? 0.3959 0.4611 0.4646 0.0232  -0.0180 -0.0123 13 ILE A CG2 
76  C CD1 . ILE A 30  ? 0.3663 0.4249 0.4350 0.0239  -0.0170 -0.0186 13 ILE A CD1 
77  N N   . THR A 31  ? 0.4259 0.5120 0.4917 0.0222  -0.0179 -0.0060 14 THR A N   
78  C CA  . THR A 31  ? 0.4757 0.5666 0.5417 0.0196  -0.0183 0.0006  14 THR A CA  
79  C C   . THR A 31  ? 0.4593 0.5393 0.5280 0.0178  -0.0199 0.0038  14 THR A C   
80  O O   . THR A 31  ? 0.5534 0.6264 0.6230 0.0194  -0.0208 0.0017  14 THR A O   
81  C CB  . THR A 31  ? 0.5532 0.6536 0.6171 0.0208  -0.0185 0.0022  14 THR A CB  
82  O OG1 . THR A 31  ? 0.6754 0.7878 0.7376 0.0220  -0.0173 -0.0005 14 THR A OG1 
83  C CG2 . THR A 31  ? 0.6556 0.7582 0.7198 0.0181  -0.0199 0.0104  14 THR A CG2 
84  N N   . PRO A 32  ? 0.5464 0.6249 0.6176 0.0148  -0.0206 0.0081  15 PRO A N   
85  C CA  . PRO A 32  ? 0.5053 0.5734 0.5800 0.0137  -0.0230 0.0099  15 PRO A CA  
86  C C   . PRO A 32  ? 0.4720 0.5379 0.5477 0.0135  -0.0256 0.0143  15 PRO A C   
87  O O   . PRO A 32  ? 0.5540 0.6276 0.6275 0.0132  -0.0255 0.0179  15 PRO A O   
88  C CB  . PRO A 32  ? 0.5450 0.6133 0.6228 0.0103  -0.0236 0.0137  15 PRO A CB  
89  C CG  . PRO A 32  ? 0.5212 0.6025 0.5965 0.0088  -0.0217 0.0166  15 PRO A CG  
90  C CD  . PRO A 32  ? 0.5255 0.6131 0.5966 0.0122  -0.0196 0.0116  15 PRO A CD  
91  N N   . ASP A 33  ? 0.4855 0.5417 0.5645 0.0145  -0.0281 0.0129  16 ASP A N   
92  C CA  . ASP A 33  ? 0.5228 0.5748 0.6039 0.0144  -0.0319 0.0169  16 ASP A CA  
93  C C   . ASP A 33  ? 0.5598 0.6109 0.6446 0.0103  -0.0347 0.0250  16 ASP A C   
94  O O   . ASP A 33  ? 0.6013 0.6585 0.6860 0.0072  -0.0329 0.0279  16 ASP A O   
95  C CB  . ASP A 33  ? 0.5237 0.5671 0.6074 0.0174  -0.0338 0.0112  16 ASP A CB  
96  C CG  . ASP A 33  ? 0.5920 0.6274 0.6809 0.0170  -0.0365 0.0098  16 ASP A CG  
97  O OD1 . ASP A 33  ? 0.6681 0.7028 0.7599 0.0138  -0.0375 0.0139  16 ASP A OD1 
98  O OD2 . ASP A 33  ? 0.5924 0.6238 0.6825 0.0199  -0.0371 0.0038  16 ASP A OD2 
99  N N   . GLU A 34  ? 0.6987 0.7438 0.7869 0.0100  -0.0393 0.0291  17 GLU A N   
100 C CA  . GLU A 34  ? 0.8286 0.8723 0.9210 0.0059  -0.0431 0.0383  17 GLU A CA  
101 C C   . GLU A 34  ? 0.8155 0.8519 0.9143 0.0036  -0.0454 0.0381  17 GLU A C   
102 O O   . GLU A 34  ? 0.8428 0.8813 0.9444 -0.0011 -0.0465 0.0452  17 GLU A O   
103 C CB  . GLU A 34  ? 0.9640 1.0019 1.0586 0.0068  -0.0481 0.0422  17 GLU A CB  
104 C CG  . GLU A 34  ? 1.0822 1.1299 1.1724 0.0055  -0.0474 0.0495  17 GLU A CG  
105 C CD  . GLU A 34  ? 1.1729 1.2254 1.2577 0.0100  -0.0454 0.0447  17 GLU A CD  
106 O OE1 . GLU A 34  ? 1.1350 1.1892 1.2187 0.0104  -0.0480 0.0499  17 GLU A OE1 
107 O OE2 . GLU A 34  ? 1.1621 1.2166 1.2438 0.0131  -0.0414 0.0361  17 GLU A OE2 
108 N N   . ASP A 35  ? 0.7919 0.8212 0.8926 0.0068  -0.0457 0.0298  18 ASP A N   
109 C CA  . ASP A 35  ? 0.7756 0.7993 0.8819 0.0056  -0.0475 0.0275  18 ASP A CA  
110 C C   . ASP A 35  ? 0.7544 0.7849 0.8579 0.0040  -0.0427 0.0258  18 ASP A C   
111 O O   . ASP A 35  ? 0.6797 0.7064 0.7877 0.0031  -0.0441 0.0238  18 ASP A O   
112 C CB  . ASP A 35  ? 0.8812 0.8973 0.9901 0.0103  -0.0495 0.0184  18 ASP A CB  
113 C CG  . ASP A 35  ? 1.0133 1.0220 1.1266 0.0127  -0.0553 0.0183  18 ASP A CG  
114 O OD1 . ASP A 35  ? 0.9782 0.9812 1.0974 0.0099  -0.0607 0.0247  18 ASP A OD1 
115 O OD2 . ASP A 35  ? 1.0339 1.0426 1.1448 0.0171  -0.0545 0.0120  18 ASP A OD2 
116 N N   . GLY A 36  ? 0.5903 0.6307 0.6871 0.0044  -0.0377 0.0254  19 GLY A N   
117 C CA  . GLY A 36  ? 0.5980 0.6449 0.6921 0.0039  -0.0335 0.0224  19 GLY A CA  
118 C C   . GLY A 36  ? 0.5581 0.6029 0.6492 0.0080  -0.0311 0.0137  19 GLY A C   
119 O O   . GLY A 36  ? 0.4844 0.5328 0.5736 0.0083  -0.0283 0.0104  19 GLY A O   
120 N N   . LYS A 37  ? 0.5185 0.5579 0.6094 0.0113  -0.0323 0.0097  20 LYS A N   
121 C CA  . LYS A 37  ? 0.4867 0.5251 0.5753 0.0144  -0.0301 0.0024  20 LYS A CA  
122 C C   . LYS A 37  ? 0.4252 0.4687 0.5084 0.0164  -0.0270 0.0003  20 LYS A C   
123 O O   . LYS A 37  ? 0.4602 0.5053 0.5421 0.0167  -0.0273 0.0022  20 LYS A O   
124 C CB  . LYS A 37  ? 0.5283 0.5596 0.6207 0.0170  -0.0332 -0.0017 20 LYS A CB  
125 C CG  . LYS A 37  ? 0.6308 0.6566 0.7294 0.0162  -0.0369 -0.0021 20 LYS A CG  
126 C CD  . LYS A 37  ? 0.6866 0.7145 0.7844 0.0158  -0.0345 -0.0050 20 LYS A CD  
127 C CE  . LYS A 37  ? 0.6767 0.6998 0.7807 0.0161  -0.0380 -0.0077 20 LYS A CE  
128 N NZ  . LYS A 37  ? 0.7282 0.7454 0.8388 0.0146  -0.0434 -0.0039 20 LYS A NZ  
129 N N   . PHE A 38  ? 0.4123 0.4573 0.4930 0.0177  -0.0243 -0.0042 21 PHE A N   
130 C CA  . PHE A 38  ? 0.3901 0.4385 0.4669 0.0195  -0.0220 -0.0071 21 PHE A CA  
131 C C   . PHE A 38  ? 0.3705 0.4153 0.4476 0.0217  -0.0225 -0.0107 21 PHE A C   
132 O O   . PHE A 38  ? 0.4230 0.4702 0.4982 0.0227  -0.0214 -0.0121 21 PHE A O   
133 C CB  . PHE A 38  ? 0.3657 0.4169 0.4403 0.0195  -0.0198 -0.0094 21 PHE A CB  
134 C CG  . PHE A 38  ? 0.3585 0.4156 0.4329 0.0177  -0.0193 -0.0063 21 PHE A CG  
135 C CD1 . PHE A 38  ? 0.3569 0.4212 0.4290 0.0178  -0.0184 -0.0053 21 PHE A CD1 
136 C CD2 . PHE A 38  ? 0.3902 0.4471 0.4667 0.0158  -0.0197 -0.0048 21 PHE A CD2 
137 C CE1 . PHE A 38  ? 0.4007 0.4732 0.4723 0.0164  -0.0178 -0.0029 21 PHE A CE1 
138 C CE2 . PHE A 38  ? 0.3785 0.4428 0.4548 0.0138  -0.0190 -0.0020 21 PHE A CE2 
139 C CZ  . PHE A 38  ? 0.3900 0.4628 0.4636 0.0141  -0.0179 -0.0011 21 PHE A CZ  
140 N N   . GLY A 39  ? 0.3713 0.4121 0.4511 0.0224  -0.0239 -0.0127 22 GLY A N   
141 C CA  . GLY A 39  ? 0.3860 0.4255 0.4664 0.0248  -0.0246 -0.0166 22 GLY A CA  
142 C C   . GLY A 39  ? 0.3343 0.3758 0.4129 0.0255  -0.0223 -0.0200 22 GLY A C   
143 O O   . GLY A 39  ? 0.3485 0.3923 0.4259 0.0264  -0.0211 -0.0220 22 GLY A O   
144 N N   . PHE A 40  ? 0.3346 0.3759 0.4126 0.0246  -0.0214 -0.0201 23 PHE A N   
145 C CA  . PHE A 40  ? 0.3012 0.3441 0.3773 0.0253  -0.0200 -0.0226 23 PHE A CA  
146 C C   . PHE A 40  ? 0.3189 0.3611 0.3965 0.0257  -0.0207 -0.0242 23 PHE A C   
147 O O   . PHE A 40  ? 0.3684 0.4083 0.4483 0.0248  -0.0222 -0.0227 23 PHE A O   
148 C CB  . PHE A 40  ? 0.3460 0.3906 0.4190 0.0244  -0.0179 -0.0219 23 PHE A CB  
149 C CG  . PHE A 40  ? 0.3308 0.3754 0.4032 0.0234  -0.0176 -0.0204 23 PHE A CG  
150 C CD1 . PHE A 40  ? 0.3206 0.3667 0.3929 0.0226  -0.0177 -0.0183 23 PHE A CD1 
151 C CD2 . PHE A 40  ? 0.3716 0.4160 0.4431 0.0234  -0.0172 -0.0212 23 PHE A CD2 
152 C CE1 . PHE A 40  ? 0.3548 0.4033 0.4264 0.0218  -0.0173 -0.0174 23 PHE A CE1 
153 C CE2 . PHE A 40  ? 0.3472 0.3927 0.4184 0.0227  -0.0170 -0.0204 23 PHE A CE2 
154 C CZ  . PHE A 40  ? 0.3234 0.3713 0.3947 0.0219  -0.0171 -0.0186 23 PHE A CZ  
155 N N   . ASN A 41  ? 0.3360 0.3806 0.4128 0.0268  -0.0201 -0.0267 24 ASN A N   
156 C CA  . ASN A 41  ? 0.3274 0.3722 0.4051 0.0276  -0.0209 -0.0287 24 ASN A CA  
157 C C   . ASN A 41  ? 0.3139 0.3602 0.3881 0.0269  -0.0189 -0.0277 24 ASN A C   
158 O O   . ASN A 41  ? 0.3597 0.4075 0.4309 0.0264  -0.0174 -0.0266 24 ASN A O   
159 C CB  . ASN A 41  ? 0.3102 0.3583 0.3895 0.0301  -0.0221 -0.0327 24 ASN A CB  
160 C CG  . ASN A 41  ? 0.2982 0.3443 0.3823 0.0315  -0.0252 -0.0347 24 ASN A CG  
161 O OD1 . ASN A 41  ? 0.3531 0.3946 0.4391 0.0304  -0.0267 -0.0322 24 ASN A OD1 
162 N ND2 . ASN A 41  ? 0.3670 0.4169 0.4535 0.0346  -0.0271 -0.0396 24 ASN A ND2 
163 N N   . LEU A 42  ? 0.3406 0.3861 0.4150 0.0268  -0.0194 -0.0282 25 LEU A N   
164 C CA  . LEU A 42  ? 0.3766 0.4230 0.4477 0.0268  -0.0182 -0.0277 25 LEU A CA  
165 C C   . LEU A 42  ? 0.3135 0.3628 0.3844 0.0285  -0.0187 -0.0303 25 LEU A C   
166 O O   . LEU A 42  ? 0.3253 0.3746 0.3995 0.0296  -0.0205 -0.0329 25 LEU A O   
167 C CB  . LEU A 42  ? 0.4351 0.4799 0.5074 0.0255  -0.0184 -0.0266 25 LEU A CB  
168 C CG  . LEU A 42  ? 0.5623 0.6076 0.6323 0.0256  -0.0180 -0.0265 25 LEU A CG  
169 C CD1 . LEU A 42  ? 0.5647 0.6095 0.6322 0.0252  -0.0172 -0.0250 25 LEU A CD1 
170 C CD2 . LEU A 42  ? 0.6088 0.6542 0.6811 0.0246  -0.0186 -0.0264 25 LEU A CD2 
171 N N   . LYS A 43  ? 0.3599 0.4115 0.4272 0.0288  -0.0177 -0.0295 26 LYS A N   
172 C CA  . LYS A 43  ? 0.3815 0.4363 0.4477 0.0303  -0.0181 -0.0312 26 LYS A CA  
173 C C   . LYS A 43  ? 0.3466 0.3995 0.4101 0.0298  -0.0179 -0.0292 26 LYS A C   
174 O O   . LYS A 43  ? 0.3312 0.3811 0.3940 0.0283  -0.0175 -0.0270 26 LYS A O   
175 C CB  . LYS A 43  ? 0.3807 0.4419 0.4451 0.0314  -0.0175 -0.0317 26 LYS A CB  
176 C CG  . LYS A 43  ? 0.3936 0.4577 0.4612 0.0328  -0.0183 -0.0350 26 LYS A CG  
177 C CD  . LYS A 43  ? 0.4899 0.5635 0.5557 0.0341  -0.0175 -0.0359 26 LYS A CD  
178 C CE  . LYS A 43  ? 0.5525 0.6338 0.6168 0.0367  -0.0180 -0.0385 26 LYS A CE  
179 N NZ  . LYS A 43  ? 0.6198 0.6989 0.6878 0.0390  -0.0203 -0.0433 26 LYS A NZ  
180 N N   . GLY A 44  ? 0.3795 0.4344 0.4426 0.0312  -0.0186 -0.0310 27 GLY A N   
181 C CA  . GLY A 44  ? 0.3308 0.3844 0.3913 0.0313  -0.0190 -0.0295 27 GLY A CA  
182 C C   . GLY A 44  ? 0.3723 0.4233 0.4347 0.0312  -0.0197 -0.0309 27 GLY A C   
183 O O   . GLY A 44  ? 0.3637 0.4142 0.4293 0.0308  -0.0199 -0.0324 27 GLY A O   
184 N N   . GLY A 45  ? 0.3769 0.4267 0.4373 0.0317  -0.0204 -0.0303 28 GLY A N   
185 C CA  . GLY A 45  ? 0.3627 0.4122 0.4246 0.0322  -0.0212 -0.0323 28 GLY A CA  
186 C C   . GLY A 45  ? 0.4008 0.4516 0.4605 0.0342  -0.0226 -0.0332 28 GLY A C   
187 O O   . GLY A 45  ? 0.3843 0.4372 0.4416 0.0353  -0.0227 -0.0324 28 GLY A O   
188 N N   . VAL A 46  ? 0.4032 0.4542 0.4641 0.0350  -0.0236 -0.0352 29 VAL A N   
189 C CA  . VAL A 46  ? 0.4477 0.4991 0.5061 0.0372  -0.0252 -0.0358 29 VAL A CA  
190 C C   . VAL A 46  ? 0.4491 0.5046 0.5077 0.0387  -0.0254 -0.0381 29 VAL A C   
191 O O   . VAL A 46  ? 0.4508 0.5080 0.5063 0.0407  -0.0265 -0.0378 29 VAL A O   
192 C CB  . VAL A 46  ? 0.4255 0.4767 0.4851 0.0382  -0.0267 -0.0378 29 VAL A CB  
193 C CG1 . VAL A 46  ? 0.3892 0.4443 0.4525 0.0378  -0.0262 -0.0411 29 VAL A CG1 
194 C CG2 . VAL A 46  ? 0.5512 0.6009 0.6081 0.0406  -0.0293 -0.0377 29 VAL A CG2 
195 N N   . ASP A 47  ? 0.3886 0.4458 0.4511 0.0380  -0.0247 -0.0405 30 ASP A N   
196 C CA  . ASP A 47  ? 0.4167 0.4779 0.4811 0.0396  -0.0254 -0.0439 30 ASP A CA  
197 C C   . ASP A 47  ? 0.4425 0.5064 0.5045 0.0405  -0.0249 -0.0432 30 ASP A C   
198 O O   . ASP A 47  ? 0.4719 0.5408 0.5339 0.0429  -0.0258 -0.0462 30 ASP A O   
199 C CB  . ASP A 47  ? 0.4300 0.4911 0.5006 0.0381  -0.0257 -0.0464 30 ASP A CB  
200 C CG  . ASP A 47  ? 0.4111 0.4694 0.4839 0.0357  -0.0248 -0.0443 30 ASP A CG  
201 O OD1 . ASP A 47  ? 0.4148 0.4707 0.4851 0.0342  -0.0235 -0.0409 30 ASP A OD1 
202 O OD2 . ASP A 47  ? 0.4172 0.4757 0.4938 0.0356  -0.0257 -0.0462 30 ASP A OD2 
203 N N   . GLN A 48  ? 0.4028 0.4647 0.4631 0.0389  -0.0236 -0.0397 31 GLN A N   
204 C CA  . GLN A 48  ? 0.4370 0.5028 0.4957 0.0392  -0.0228 -0.0388 31 GLN A CA  
205 C C   . GLN A 48  ? 0.4570 0.5252 0.5102 0.0395  -0.0225 -0.0348 31 GLN A C   
206 O O   . GLN A 48  ? 0.5376 0.6119 0.5889 0.0398  -0.0217 -0.0337 31 GLN A O   
207 C CB  . GLN A 48  ? 0.4134 0.4755 0.4741 0.0369  -0.0217 -0.0371 31 GLN A CB  
208 C CG  . GLN A 48  ? 0.3729 0.4325 0.4390 0.0362  -0.0224 -0.0398 31 GLN A CG  
209 C CD  . GLN A 48  ? 0.5009 0.5643 0.5705 0.0383  -0.0239 -0.0443 31 GLN A CD  
210 O OE1 . GLN A 48  ? 0.4450 0.5125 0.5137 0.0396  -0.0237 -0.0452 31 GLN A OE1 
211 N NE2 . GLN A 48  ? 0.4734 0.5368 0.5467 0.0392  -0.0256 -0.0478 31 GLN A NE2 
212 N N   . LYS A 49  ? 0.5550 0.6198 0.6061 0.0396  -0.0235 -0.0327 32 LYS A N   
213 C CA  . LYS A 49  ? 0.7526 0.8182 0.7992 0.0395  -0.0243 -0.0279 32 LYS A CA  
214 C C   . LYS A 49  ? 0.7565 0.8215 0.8023 0.0367  -0.0231 -0.0232 32 LYS A C   
215 O O   . LYS A 49  ? 0.7134 0.7832 0.7560 0.0359  -0.0228 -0.0191 32 LYS A O   
216 C CB  . LYS A 49  ? 0.8151 0.8892 0.8586 0.0419  -0.0248 -0.0284 32 LYS A CB  
217 C CG  . LYS A 49  ? 0.9335 1.0116 0.9791 0.0450  -0.0256 -0.0348 32 LYS A CG  
218 C CD  . LYS A 49  ? 0.9711 1.0456 1.0166 0.0465  -0.0276 -0.0364 32 LYS A CD  
219 C CE  . LYS A 49  ? 1.1111 1.1783 1.1605 0.0449  -0.0276 -0.0376 32 LYS A CE  
220 N NZ  . LYS A 49  ? 1.1583 1.2257 1.2102 0.0467  -0.0290 -0.0421 32 LYS A NZ  
221 N N   . MET A 50  ? 0.6962 0.7564 0.7448 0.0350  -0.0222 -0.0240 33 MET A N   
222 C CA  . MET A 50  ? 0.6725 0.7324 0.7213 0.0325  -0.0210 -0.0207 33 MET A CA  
223 C C   . MET A 50  ? 0.5417 0.5947 0.5933 0.0312  -0.0212 -0.0211 33 MET A C   
224 O O   . MET A 50  ? 0.5413 0.5926 0.5953 0.0319  -0.0209 -0.0246 33 MET A O   
225 C CB  . MET A 50  ? 0.7817 0.8481 0.8316 0.0329  -0.0192 -0.0229 33 MET A CB  
226 C CG  . MET A 50  ? 0.9007 0.9770 0.9477 0.0340  -0.0189 -0.0220 33 MET A CG  
227 S SD  . MET A 50  ? 1.1921 1.2710 1.2350 0.0311  -0.0188 -0.0136 33 MET A SD  
228 C CE  . MET A 50  ? 1.2228 1.2960 1.2685 0.0275  -0.0181 -0.0107 33 MET A CE  
229 N N   . PRO A 51  ? 0.5778 0.6267 0.6292 0.0293  -0.0220 -0.0173 34 PRO A N   
230 C CA  . PRO A 51  ? 0.5069 0.5504 0.5608 0.0287  -0.0226 -0.0183 34 PRO A CA  
231 C C   . PRO A 51  ? 0.3996 0.4447 0.4557 0.0280  -0.0204 -0.0205 34 PRO A C   
232 O O   . PRO A 51  ? 0.4557 0.5047 0.5116 0.0276  -0.0190 -0.0203 34 PRO A O   
233 C CB  . PRO A 51  ? 0.6499 0.6900 0.7040 0.0266  -0.0239 -0.0140 34 PRO A CB  
234 C CG  . PRO A 51  ? 0.6494 0.6930 0.7007 0.0257  -0.0242 -0.0095 34 PRO A CG  
235 C CD  . PRO A 51  ? 0.6380 0.6889 0.6874 0.0274  -0.0222 -0.0120 34 PRO A CD  
236 N N   . LEU A 52  ? 0.4404 0.4827 0.4984 0.0280  -0.0207 -0.0221 35 LEU A N   
237 C CA  . LEU A 52  ? 0.4210 0.4644 0.4811 0.0274  -0.0192 -0.0236 35 LEU A CA  
238 C C   . LEU A 52  ? 0.3853 0.4280 0.4457 0.0258  -0.0186 -0.0215 35 LEU A C   
239 O O   . LEU A 52  ? 0.3980 0.4379 0.4586 0.0253  -0.0199 -0.0202 35 LEU A O   
240 C CB  . LEU A 52  ? 0.4771 0.5194 0.5387 0.0278  -0.0200 -0.0252 35 LEU A CB  
241 C CG  . LEU A 52  ? 0.5232 0.5675 0.5869 0.0272  -0.0189 -0.0264 35 LEU A CG  
242 C CD1 . LEU A 52  ? 0.6056 0.6515 0.6701 0.0278  -0.0189 -0.0280 35 LEU A CD1 
243 C CD2 . LEU A 52  ? 0.6112 0.6566 0.6759 0.0272  -0.0193 -0.0273 35 LEU A CD2 
244 N N   . VAL A 53  ? 0.3777 0.4232 0.4385 0.0255  -0.0173 -0.0217 36 VAL A N   
245 C CA  . VAL A 53  ? 0.3813 0.4277 0.4426 0.0242  -0.0166 -0.0200 36 VAL A CA  
246 C C   . VAL A 53  ? 0.3640 0.4119 0.4270 0.0246  -0.0158 -0.0219 36 VAL A C   
247 O O   . VAL A 53  ? 0.4028 0.4518 0.4670 0.0258  -0.0160 -0.0241 36 VAL A O   
248 C CB  . VAL A 53  ? 0.4016 0.4520 0.4610 0.0236  -0.0163 -0.0177 36 VAL A CB  
249 C CG1 . VAL A 53  ? 0.4193 0.4750 0.4781 0.0254  -0.0156 -0.0202 36 VAL A CG1 
250 C CG2 . VAL A 53  ? 0.5434 0.5958 0.6035 0.0216  -0.0156 -0.0155 36 VAL A CG2 
251 N N   . VAL A 54  ? 0.3363 0.3839 0.4004 0.0236  -0.0154 -0.0210 37 VAL A N   
252 C CA  . VAL A 54  ? 0.3180 0.3670 0.3837 0.0240  -0.0151 -0.0223 37 VAL A CA  
253 C C   . VAL A 54  ? 0.3448 0.3992 0.4105 0.0245  -0.0145 -0.0231 37 VAL A C   
254 O O   . VAL A 54  ? 0.3820 0.4397 0.4468 0.0231  -0.0138 -0.0212 37 VAL A O   
255 C CB  . VAL A 54  ? 0.3548 0.4025 0.4216 0.0230  -0.0151 -0.0215 37 VAL A CB  
256 C CG1 . VAL A 54  ? 0.3726 0.4214 0.4411 0.0236  -0.0151 -0.0226 37 VAL A CG1 
257 C CG2 . VAL A 54  ? 0.4045 0.4494 0.4713 0.0230  -0.0158 -0.0214 37 VAL A CG2 
258 N N   . SER A 55  ? 0.3606 0.4165 0.4277 0.0263  -0.0151 -0.0259 38 SER A N   
259 C CA  . SER A 55  ? 0.3769 0.4397 0.4444 0.0276  -0.0150 -0.0281 38 SER A CA  
260 C C   . SER A 55  ? 0.3439 0.4086 0.4138 0.0284  -0.0154 -0.0299 38 SER A C   
261 O O   . SER A 55  ? 0.3995 0.4720 0.4699 0.0299  -0.0153 -0.0325 38 SER A O   
262 C CB  . SER A 55  ? 0.3580 0.4232 0.4262 0.0300  -0.0161 -0.0314 38 SER A CB  
263 O OG  . SER A 55  ? 0.3701 0.4299 0.4415 0.0307  -0.0180 -0.0331 38 SER A OG  
264 N N   . ARG A 56  ? 0.3463 0.4053 0.4179 0.0282  -0.0163 -0.0296 39 ARG A N   
265 C CA  . ARG A 56  ? 0.3764 0.4361 0.4505 0.0293  -0.0173 -0.0314 39 ARG A CA  
266 C C   . ARG A 56  ? 0.3463 0.4011 0.4205 0.0279  -0.0174 -0.0288 39 ARG A C   
267 O O   . ARG A 56  ? 0.3455 0.3959 0.4193 0.0270  -0.0177 -0.0269 39 ARG A O   
268 C CB  . ARG A 56  ? 0.3983 0.4575 0.4761 0.0319  -0.0202 -0.0351 39 ARG A CB  
269 C CG  . ARG A 56  ? 0.3928 0.4511 0.4736 0.0332  -0.0221 -0.0366 39 ARG A CG  
270 C CD  . ARG A 56  ? 0.4322 0.4905 0.5177 0.0364  -0.0258 -0.0413 39 ARG A CD  
271 N NE  . ARG A 56  ? 0.4299 0.4847 0.5187 0.0376  -0.0287 -0.0418 39 ARG A NE  
272 C CZ  . ARG A 56  ? 0.4171 0.4768 0.5067 0.0392  -0.0289 -0.0443 39 ARG A CZ  
273 N NH1 . ARG A 56  ? 0.4039 0.4729 0.4918 0.0402  -0.0270 -0.0470 39 ARG A NH1 
274 N NH2 . ARG A 56  ? 0.3348 0.3908 0.4273 0.0406  -0.0319 -0.0447 39 ARG A NH2 
275 N N   . ILE A 57  ? 0.3280 0.3848 0.4029 0.0278  -0.0172 -0.0290 40 ILE A N   
276 C CA  . ILE A 57  ? 0.3354 0.3889 0.4110 0.0275  -0.0179 -0.0276 40 ILE A CA  
277 C C   . ILE A 57  ? 0.4023 0.4560 0.4808 0.0297  -0.0201 -0.0298 40 ILE A C   
278 O O   . ILE A 57  ? 0.3935 0.4522 0.4729 0.0308  -0.0201 -0.0324 40 ILE A O   
279 C CB  . ILE A 57  ? 0.3689 0.4242 0.4434 0.0259  -0.0164 -0.0263 40 ILE A CB  
280 C CG1 . ILE A 57  ? 0.4077 0.4617 0.4802 0.0241  -0.0153 -0.0243 40 ILE A CG1 
281 C CG2 . ILE A 57  ? 0.4058 0.4590 0.4808 0.0262  -0.0174 -0.0254 40 ILE A CG2 
282 C CD1 . ILE A 57  ? 0.4141 0.4642 0.4858 0.0240  -0.0158 -0.0231 40 ILE A CD1 
283 N N   . ASN A 58  ? 0.3366 0.3856 0.4167 0.0298  -0.0221 -0.0284 41 ASN A N   
284 C CA  . ASN A 58  ? 0.3993 0.4466 0.4828 0.0320  -0.0255 -0.0300 41 ASN A CA  
285 C C   . ASN A 58  ? 0.3820 0.4309 0.4647 0.0320  -0.0249 -0.0292 41 ASN A C   
286 O O   . ASN A 58  ? 0.3646 0.4124 0.4453 0.0305  -0.0241 -0.0259 41 ASN A O   
287 C CB  . ASN A 58  ? 0.4138 0.4551 0.4995 0.0315  -0.0282 -0.0273 41 ASN A CB  
288 C CG  . ASN A 58  ? 0.4609 0.4993 0.5515 0.0337  -0.0328 -0.0293 41 ASN A CG  
289 O OD1 . ASN A 58  ? 0.5329 0.5746 0.6252 0.0365  -0.0339 -0.0343 41 ASN A OD1 
290 N ND2 . ASN A 58  ? 0.5142 0.5477 0.6063 0.0328  -0.0353 -0.0253 41 ASN A ND2 
291 N N   . PRO A 59  ? 0.4125 0.4657 0.4968 0.0340  -0.0257 -0.0328 42 PRO A N   
292 C CA  . PRO A 59  ? 0.4096 0.4652 0.4932 0.0340  -0.0250 -0.0325 42 PRO A CA  
293 C C   . PRO A 59  ? 0.3825 0.4339 0.4665 0.0342  -0.0272 -0.0295 42 PRO A C   
294 O O   . PRO A 59  ? 0.4002 0.4469 0.4863 0.0352  -0.0304 -0.0284 42 PRO A O   
295 C CB  . PRO A 59  ? 0.4126 0.4741 0.4991 0.0367  -0.0263 -0.0376 42 PRO A CB  
296 C CG  . PRO A 59  ? 0.4833 0.5482 0.5697 0.0368  -0.0252 -0.0397 42 PRO A CG  
297 C CD  . PRO A 59  ? 0.4724 0.5304 0.5587 0.0362  -0.0264 -0.0375 42 PRO A CD  
298 N N   . GLU A 60  ? 0.3728 0.4255 0.4546 0.0331  -0.0256 -0.0275 43 GLU A N   
299 C CA  . GLU A 60  ? 0.4756 0.5269 0.5567 0.0332  -0.0270 -0.0245 43 GLU A CA  
300 C C   . GLU A 60  ? 0.4315 0.4798 0.5114 0.0315  -0.0275 -0.0199 43 GLU A C   
301 O O   . GLU A 60  ? 0.4573 0.5057 0.5365 0.0314  -0.0288 -0.0165 43 GLU A O   
302 C CB  . GLU A 60  ? 0.4843 0.5346 0.5681 0.0359  -0.0307 -0.0256 43 GLU A CB  
303 C CG  . GLU A 60  ? 0.5826 0.6373 0.6682 0.0378  -0.0306 -0.0307 43 GLU A CG  
304 C CD  . GLU A 60  ? 0.6384 0.6988 0.7227 0.0369  -0.0277 -0.0322 43 GLU A CD  
305 O OE1 . GLU A 60  ? 0.8343 0.8997 0.9201 0.0373  -0.0267 -0.0359 43 GLU A OE1 
306 O OE2 . GLU A 60  ? 0.6626 0.7233 0.7448 0.0356  -0.0267 -0.0297 43 GLU A OE2 
307 N N   . SER A 61  ? 0.4267 0.4733 0.5062 0.0301  -0.0263 -0.0196 44 SER A N   
308 C CA  . SER A 61  ? 0.4096 0.4547 0.4883 0.0282  -0.0263 -0.0156 44 SER A CA  
309 C C   . SER A 61  ? 0.4116 0.4612 0.4871 0.0271  -0.0239 -0.0142 44 SER A C   
310 O O   . SER A 61  ? 0.3760 0.4284 0.4507 0.0278  -0.0225 -0.0169 44 SER A O   
311 C CB  . SER A 61  ? 0.4103 0.4535 0.4899 0.0275  -0.0257 -0.0170 44 SER A CB  
312 O OG  . SER A 61  ? 0.3938 0.4397 0.4711 0.0271  -0.0226 -0.0192 44 SER A OG  
313 N N   . PRO A 62  ? 0.4330 0.4842 0.5073 0.0255  -0.0236 -0.0106 45 PRO A N   
314 C CA  . PRO A 62  ? 0.4539 0.5109 0.5257 0.0251  -0.0217 -0.0106 45 PRO A CA  
315 C C   . PRO A 62  ? 0.3711 0.4281 0.4422 0.0254  -0.0198 -0.0147 45 PRO A C   
316 O O   . PRO A 62  ? 0.3949 0.4550 0.4652 0.0264  -0.0193 -0.0170 45 PRO A O   
317 C CB  . PRO A 62  ? 0.4646 0.5237 0.5360 0.0232  -0.0218 -0.0063 45 PRO A CB  
318 C CG  . PRO A 62  ? 0.5058 0.5607 0.5798 0.0225  -0.0247 -0.0024 45 PRO A CG  
319 C CD  . PRO A 62  ? 0.4640 0.5126 0.5402 0.0239  -0.0255 -0.0065 45 PRO A CD  
320 N N   . ALA A 63  ? 0.3656 0.4186 0.4375 0.0249  -0.0195 -0.0158 46 ALA A N   
321 C CA  . ALA A 63  ? 0.3519 0.4043 0.4233 0.0248  -0.0181 -0.0185 46 ALA A CA  
322 C C   . ALA A 63  ? 0.3835 0.4364 0.4555 0.0254  -0.0179 -0.0208 46 ALA A C   
323 O O   . ALA A 63  ? 0.3524 0.4057 0.4245 0.0251  -0.0175 -0.0221 46 ALA A O   
324 C CB  . ALA A 63  ? 0.4075 0.4568 0.4795 0.0243  -0.0179 -0.0188 46 ALA A CB  
325 N N   . ASP A 64  ? 0.3720 0.4247 0.4453 0.0261  -0.0186 -0.0212 47 ASP A N   
326 C CA  . ASP A 64  ? 0.3884 0.4428 0.4628 0.0266  -0.0185 -0.0232 47 ASP A CA  
327 C C   . ASP A 64  ? 0.4115 0.4686 0.4860 0.0273  -0.0190 -0.0237 47 ASP A C   
328 O O   . ASP A 64  ? 0.4678 0.5267 0.5436 0.0271  -0.0188 -0.0256 47 ASP A O   
329 C CB  . ASP A 64  ? 0.3868 0.4412 0.4630 0.0278  -0.0195 -0.0243 47 ASP A CB  
330 C CG  . ASP A 64  ? 0.4047 0.4623 0.4822 0.0279  -0.0189 -0.0268 47 ASP A CG  
331 O OD1 . ASP A 64  ? 0.4093 0.4686 0.4866 0.0261  -0.0173 -0.0270 47 ASP A OD1 
332 O OD2 . ASP A 64  ? 0.4381 0.4973 0.5172 0.0295  -0.0202 -0.0284 47 ASP A OD2 
333 N N   . THR A 65  ? 0.4206 0.4794 0.4939 0.0278  -0.0196 -0.0221 48 THR A N   
334 C CA  . THR A 65  ? 0.4825 0.5451 0.5556 0.0292  -0.0206 -0.0225 48 THR A CA  
335 C C   . THR A 65  ? 0.4976 0.5648 0.5695 0.0296  -0.0205 -0.0231 48 THR A C   
336 O O   . THR A 65  ? 0.4716 0.5429 0.5440 0.0311  -0.0213 -0.0249 48 THR A O   
337 C CB  . THR A 65  ? 0.4687 0.5312 0.5416 0.0301  -0.0221 -0.0198 48 THR A CB  
338 O OG1 . THR A 65  ? 0.4965 0.5589 0.5681 0.0292  -0.0225 -0.0159 48 THR A OG1 
339 C CG2 . THR A 65  ? 0.4836 0.5430 0.5586 0.0309  -0.0232 -0.0209 48 THR A CG2 
340 N N   . CYS A 66  ? 0.4311 0.4977 0.5022 0.0289  -0.0199 -0.0229 49 CYS A N   
341 C CA  . CYS A 66  ? 0.4094 0.4805 0.4804 0.0298  -0.0203 -0.0251 49 CYS A CA  
342 C C   . CYS A 66  ? 0.4000 0.4695 0.4738 0.0300  -0.0211 -0.0292 49 CYS A C   
343 O O   . CYS A 66  ? 0.3905 0.4555 0.4661 0.0285  -0.0207 -0.0292 49 CYS A O   
344 C CB  . CYS A 66  ? 0.4101 0.4814 0.4799 0.0291  -0.0196 -0.0240 49 CYS A CB  
345 S SG  . CYS A 66  ? 0.4095 0.4730 0.4799 0.0273  -0.0187 -0.0236 49 CYS A SG  
346 N N   . ILE A 67  ? 0.3893 0.4636 0.4641 0.0318  -0.0225 -0.0326 50 ILE A N   
347 C CA  . ILE A 67  ? 0.3742 0.4468 0.4528 0.0321  -0.0244 -0.0365 50 ILE A CA  
348 C C   . ILE A 67  ? 0.4611 0.5346 0.5406 0.0334  -0.0260 -0.0394 50 ILE A C   
349 O O   . ILE A 67  ? 0.4491 0.5303 0.5282 0.0361  -0.0271 -0.0424 50 ILE A O   
350 C CB  . ILE A 67  ? 0.4432 0.5204 0.5239 0.0339  -0.0258 -0.0395 50 ILE A CB  
351 C CG1 . ILE A 67  ? 0.4846 0.5612 0.5640 0.0331  -0.0244 -0.0367 50 ILE A CG1 
352 C CG2 . ILE A 67  ? 0.5405 0.6154 0.6266 0.0339  -0.0285 -0.0437 50 ILE A CG2 
353 C CD1 . ILE A 67  ? 0.4575 0.5394 0.5385 0.0352  -0.0258 -0.0397 50 ILE A CD1 
354 N N   . PRO A 68  ? 0.3903 0.4576 0.4713 0.0320  -0.0267 -0.0393 51 PRO A N   
355 C CA  . PRO A 68  ? 0.3943 0.4547 0.4762 0.0290  -0.0257 -0.0363 51 PRO A CA  
356 C C   . PRO A 68  ? 0.4061 0.4652 0.4842 0.0277  -0.0227 -0.0321 51 PRO A C   
357 O O   . PRO A 68  ? 0.3871 0.4490 0.4628 0.0285  -0.0220 -0.0314 51 PRO A O   
358 C CB  . PRO A 68  ? 0.4238 0.4792 0.5088 0.0282  -0.0280 -0.0373 51 PRO A CB  
359 C CG  . PRO A 68  ? 0.4885 0.5471 0.5728 0.0310  -0.0294 -0.0404 51 PRO A CG  
360 C CD  . PRO A 68  ? 0.4196 0.4873 0.5025 0.0336  -0.0290 -0.0427 51 PRO A CD  
361 N N   . LYS A 69  ? 0.3565 0.4126 0.4349 0.0256  -0.0216 -0.0300 52 LYS A N   
362 C CA  . LYS A 69  ? 0.3651 0.4204 0.4411 0.0249  -0.0196 -0.0272 52 LYS A CA  
363 C C   . LYS A 69  ? 0.3284 0.3799 0.4034 0.0236  -0.0190 -0.0257 52 LYS A C   
364 O O   . LYS A 69  ? 0.3687 0.4178 0.4456 0.0225  -0.0203 -0.0259 52 LYS A O   
365 C CB  . LYS A 69  ? 0.3690 0.4251 0.4457 0.0244  -0.0189 -0.0268 52 LYS A CB  
366 C CG  . LYS A 69  ? 0.3608 0.4159 0.4393 0.0223  -0.0184 -0.0261 52 LYS A CG  
367 C CD  . LYS A 69  ? 0.3932 0.4515 0.4731 0.0223  -0.0179 -0.0268 52 LYS A CD  
368 C CE  . LYS A 69  ? 0.3770 0.4367 0.4595 0.0197  -0.0176 -0.0261 52 LYS A CE  
369 N NZ  . LYS A 69  ? 0.3817 0.4414 0.4627 0.0183  -0.0163 -0.0241 52 LYS A NZ  
370 N N   . LEU A 70  ? 0.3304 0.3815 0.4034 0.0236  -0.0178 -0.0242 53 LEU A N   
371 C CA  . LEU A 70  ? 0.3653 0.4140 0.4372 0.0228  -0.0172 -0.0231 53 LEU A CA  
372 C C   . LEU A 70  ? 0.3505 0.3997 0.4231 0.0216  -0.0164 -0.0223 53 LEU A C   
373 O O   . LEU A 70  ? 0.3875 0.4388 0.4607 0.0221  -0.0159 -0.0228 53 LEU A O   
374 C CB  . LEU A 70  ? 0.3890 0.4376 0.4595 0.0234  -0.0167 -0.0223 53 LEU A CB  
375 C CG  . LEU A 70  ? 0.3579 0.4047 0.4274 0.0231  -0.0164 -0.0219 53 LEU A CG  
376 C CD1 . LEU A 70  ? 0.3430 0.3890 0.4123 0.0233  -0.0174 -0.0227 53 LEU A CD1 
377 C CD2 . LEU A 70  ? 0.3479 0.3948 0.4171 0.0234  -0.0162 -0.0214 53 LEU A CD2 
378 N N   . ASN A 71  ? 0.3712 0.4194 0.4434 0.0204  -0.0163 -0.0212 54 ASN A N   
379 C CA  . ASN A 71  ? 0.3507 0.4020 0.4232 0.0189  -0.0153 -0.0200 54 ASN A CA  
380 C C   . ASN A 71  ? 0.3738 0.4259 0.4444 0.0193  -0.0146 -0.0193 54 ASN A C   
381 O O   . ASN A 71  ? 0.3567 0.4059 0.4260 0.0195  -0.0151 -0.0188 54 ASN A O   
382 C CB  . ASN A 71  ? 0.3391 0.3901 0.4136 0.0163  -0.0161 -0.0179 54 ASN A CB  
383 C CG  . ASN A 71  ? 0.3959 0.4474 0.4735 0.0159  -0.0170 -0.0190 54 ASN A CG  
384 O OD1 . ASN A 71  ? 0.4263 0.4787 0.5040 0.0177  -0.0169 -0.0213 54 ASN A OD1 
385 N ND2 . ASN A 71  ? 0.4377 0.4879 0.5182 0.0135  -0.0185 -0.0174 54 ASN A ND2 
386 N N   . GLU A 72  ? 0.3850 0.4423 0.4557 0.0196  -0.0135 -0.0200 55 GLU A N   
387 C CA  . GLU A 72  ? 0.3556 0.4157 0.4246 0.0200  -0.0130 -0.0198 55 GLU A CA  
388 C C   . GLU A 72  ? 0.3936 0.4532 0.4616 0.0177  -0.0132 -0.0162 55 GLU A C   
389 O O   . GLU A 72  ? 0.4054 0.4650 0.4750 0.0151  -0.0135 -0.0136 55 GLU A O   
390 C CB  . GLU A 72  ? 0.3977 0.4654 0.4672 0.0210  -0.0122 -0.0217 55 GLU A CB  
391 C CG  . GLU A 72  ? 0.5287 0.6022 0.5966 0.0217  -0.0116 -0.0219 55 GLU A CG  
392 C CD  . GLU A 72  ? 0.7306 0.8130 0.7996 0.0239  -0.0115 -0.0256 55 GLU A CD  
393 O OE1 . GLU A 72  ? 0.6798 0.7624 0.7514 0.0251  -0.0121 -0.0284 55 GLU A OE1 
394 O OE2 . GLU A 72  ? 0.7201 0.8102 0.7877 0.0244  -0.0108 -0.0260 55 GLU A OE2 
395 N N   . GLY A 73  ? 0.3913 0.4492 0.4573 0.0185  -0.0135 -0.0159 56 GLY A N   
396 C CA  . GLY A 73  ? 0.4006 0.4579 0.4653 0.0168  -0.0142 -0.0123 56 GLY A CA  
397 C C   . GLY A 73  ? 0.4438 0.4934 0.5090 0.0167  -0.0162 -0.0118 56 GLY A C   
398 O O   . GLY A 73  ? 0.3868 0.4342 0.4512 0.0158  -0.0175 -0.0091 56 GLY A O   
399 N N   . ASP A 74  ? 0.3519 0.3983 0.4188 0.0176  -0.0167 -0.0143 57 ASP A N   
400 C CA  . ASP A 74  ? 0.3594 0.4005 0.4271 0.0186  -0.0187 -0.0154 57 ASP A CA  
401 C C   . ASP A 74  ? 0.3667 0.4065 0.4323 0.0201  -0.0191 -0.0161 57 ASP A C   
402 O O   . ASP A 74  ? 0.3509 0.3931 0.4153 0.0212  -0.0177 -0.0174 57 ASP A O   
403 C CB  . ASP A 74  ? 0.3494 0.3902 0.4182 0.0199  -0.0186 -0.0183 57 ASP A CB  
404 C CG  . ASP A 74  ? 0.3253 0.3665 0.3968 0.0188  -0.0191 -0.0183 57 ASP A CG  
405 O OD1 . ASP A 74  ? 0.3592 0.4001 0.4324 0.0167  -0.0199 -0.0161 57 ASP A OD1 
406 O OD2 . ASP A 74  ? 0.3566 0.3993 0.4285 0.0201  -0.0186 -0.0204 57 ASP A OD2 
407 N N   . GLN A 75  ? 0.3389 0.3749 0.4051 0.0201  -0.0215 -0.0152 58 GLN A N   
408 C CA  . GLN A 75  ? 0.3471 0.3817 0.4117 0.0218  -0.0224 -0.0164 58 GLN A CA  
409 C C   . GLN A 75  ? 0.3679 0.4020 0.4335 0.0239  -0.0232 -0.0202 58 GLN A C   
410 O O   . GLN A 75  ? 0.3800 0.4123 0.4480 0.0243  -0.0253 -0.0215 58 GLN A O   
411 C CB  . GLN A 75  ? 0.4129 0.4446 0.4771 0.0211  -0.0249 -0.0134 58 GLN A CB  
412 C CG  . GLN A 75  ? 0.6049 0.6359 0.6671 0.0232  -0.0258 -0.0144 58 GLN A CG  
413 C CD  . GLN A 75  ? 0.7381 0.7639 0.8014 0.0235  -0.0299 -0.0131 58 GLN A CD  
414 O OE1 . GLN A 75  ? 0.8588 0.8804 0.9249 0.0221  -0.0326 -0.0110 58 GLN A OE1 
415 N NE2 . GLN A 75  ? 0.5634 0.5888 0.6250 0.0257  -0.0309 -0.0144 58 GLN A NE2 
416 N N   . ILE A 76  ? 0.3425 0.3790 0.4070 0.0251  -0.0218 -0.0219 59 ILE A N   
417 C CA  . ILE A 76  ? 0.3458 0.3843 0.4114 0.0265  -0.0222 -0.0250 59 ILE A CA  
418 C C   . ILE A 76  ? 0.3510 0.3880 0.4169 0.0283  -0.0250 -0.0269 59 ILE A C   
419 O O   . ILE A 76  ? 0.4068 0.4426 0.4714 0.0286  -0.0254 -0.0262 59 ILE A O   
420 C CB  . ILE A 76  ? 0.3393 0.3815 0.4046 0.0264  -0.0202 -0.0256 59 ILE A CB  
421 C CG1 . ILE A 76  ? 0.4793 0.5218 0.5447 0.0251  -0.0185 -0.0239 59 ILE A CG1 
422 C CG2 . ILE A 76  ? 0.3344 0.3806 0.4006 0.0274  -0.0207 -0.0279 59 ILE A CG2 
423 C CD1 . ILE A 76  ? 0.5134 0.5574 0.5797 0.0248  -0.0182 -0.0240 59 ILE A CD1 
424 N N   . VAL A 77  ? 0.3749 0.4122 0.4429 0.0296  -0.0271 -0.0295 60 VAL A N   
425 C CA  . VAL A 77  ? 0.3648 0.4017 0.4342 0.0322  -0.0306 -0.0330 60 VAL A CA  
426 C C   . VAL A 77  ? 0.3643 0.4086 0.4339 0.0341  -0.0299 -0.0368 60 VAL A C   
427 O O   . VAL A 77  ? 0.3810 0.4265 0.4502 0.0356  -0.0308 -0.0385 60 VAL A O   
428 C CB  . VAL A 77  ? 0.3506 0.3829 0.4233 0.0331  -0.0349 -0.0341 60 VAL A CB  
429 C CG1 . VAL A 77  ? 0.4046 0.4352 0.4796 0.0362  -0.0394 -0.0379 60 VAL A CG1 
430 C CG2 . VAL A 77  ? 0.4284 0.4544 0.5011 0.0304  -0.0352 -0.0291 60 VAL A CG2 
431 N N   . LEU A 78  ? 0.3558 0.4057 0.4261 0.0343  -0.0287 -0.0382 61 LEU A N   
432 C CA  . LEU A 78  ? 0.3512 0.4106 0.4217 0.0354  -0.0278 -0.0408 61 LEU A CA  
433 C C   . LEU A 78  ? 0.3984 0.4614 0.4677 0.0329  -0.0243 -0.0374 61 LEU A C   
434 O O   . LEU A 78  ? 0.3451 0.4050 0.4142 0.0314  -0.0234 -0.0352 61 LEU A O   
435 C CB  . LEU A 78  ? 0.3488 0.4126 0.4218 0.0385  -0.0307 -0.0459 61 LEU A CB  
436 C CG  . LEU A 78  ? 0.3852 0.4449 0.4609 0.0417  -0.0358 -0.0502 61 LEU A CG  
437 C CD1 . LEU A 78  ? 0.3982 0.4652 0.4769 0.0454  -0.0388 -0.0567 61 LEU A CD1 
438 C CD2 . LEU A 78  ? 0.3892 0.4486 0.4642 0.0428  -0.0367 -0.0512 61 LEU A CD2 
439 N N   . ILE A 79  ? 0.3263 0.3966 0.3954 0.0324  -0.0227 -0.0373 62 ILE A N   
440 C CA  . ILE A 79  ? 0.3423 0.4173 0.4111 0.0300  -0.0203 -0.0339 62 ILE A CA  
441 C C   . ILE A 79  ? 0.3672 0.4546 0.4366 0.0309  -0.0201 -0.0359 62 ILE A C   
442 O O   . ILE A 79  ? 0.3441 0.4376 0.4140 0.0314  -0.0202 -0.0377 62 ILE A O   
443 C CB  . ILE A 79  ? 0.3545 0.4271 0.4233 0.0273  -0.0186 -0.0305 62 ILE A CB  
444 C CG1 . ILE A 79  ? 0.3187 0.3815 0.3869 0.0270  -0.0187 -0.0293 62 ILE A CG1 
445 C CG2 . ILE A 79  ? 0.3636 0.4410 0.4330 0.0247  -0.0170 -0.0267 62 ILE A CG2 
446 C CD1 . ILE A 79  ? 0.4080 0.4684 0.4767 0.0252  -0.0178 -0.0271 62 ILE A CD1 
447 N N   . ASN A 80  ? 0.3530 0.4459 0.4221 0.0311  -0.0198 -0.0357 63 ASN A N   
448 C CA  . ASN A 80  ? 0.3641 0.4718 0.4336 0.0326  -0.0199 -0.0381 63 ASN A CA  
449 C C   . ASN A 80  ? 0.3904 0.5017 0.4612 0.0365  -0.0224 -0.0449 63 ASN A C   
450 O O   . ASN A 80  ? 0.3739 0.4974 0.4451 0.0373  -0.0222 -0.0470 63 ASN A O   
451 C CB  . ASN A 80  ? 0.3818 0.4980 0.4511 0.0291  -0.0174 -0.0330 63 ASN A CB  
452 C CG  . ASN A 80  ? 0.4182 0.5292 0.4868 0.0259  -0.0160 -0.0267 63 ASN A CG  
453 O OD1 . ASN A 80  ? 0.4184 0.5269 0.4863 0.0269  -0.0164 -0.0269 63 ASN A OD1 
454 N ND2 . ASN A 80  ? 0.4441 0.5533 0.5138 0.0222  -0.0148 -0.0218 63 ASN A ND2 
455 N N   . GLY A 81  ? 0.3927 0.4948 0.4646 0.0391  -0.0254 -0.0485 64 GLY A N   
456 C CA  . GLY A 81  ? 0.4127 0.5160 0.4866 0.0432  -0.0292 -0.0552 64 GLY A CA  
457 C C   . GLY A 81  ? 0.3677 0.4671 0.4415 0.0432  -0.0296 -0.0554 64 GLY A C   
458 O O   . GLY A 81  ? 0.3726 0.4704 0.4483 0.0468  -0.0334 -0.0607 64 GLY A O   
459 N N   . ARG A 82  ? 0.3206 0.4176 0.3928 0.0393  -0.0263 -0.0499 65 ARG A N   
460 C CA  . ARG A 82  ? 0.3150 0.4082 0.3871 0.0388  -0.0263 -0.0496 65 ARG A CA  
461 C C   . ARG A 82  ? 0.3257 0.4050 0.3972 0.0392  -0.0282 -0.0485 65 ARG A C   
462 O O   . ARG A 82  ? 0.3603 0.4315 0.4305 0.0368  -0.0268 -0.0442 65 ARG A O   
463 C CB  . ARG A 82  ? 0.3410 0.4378 0.4128 0.0350  -0.0229 -0.0451 65 ARG A CB  
464 C CG  . ARG A 82  ? 0.3529 0.4494 0.4253 0.0351  -0.0232 -0.0462 65 ARG A CG  
465 C CD  . ARG A 82  ? 0.3719 0.4681 0.4449 0.0310  -0.0206 -0.0414 65 ARG A CD  
466 N NE  . ARG A 82  ? 0.3459 0.4525 0.4203 0.0279  -0.0185 -0.0384 65 ARG A NE  
467 C CZ  . ARG A 82  ? 0.3724 0.4898 0.4489 0.0260  -0.0175 -0.0380 65 ARG A CZ  
468 N NH1 . ARG A 82  ? 0.4103 0.5318 0.4879 0.0280  -0.0185 -0.0423 65 ARG A NH1 
469 N NH2 . ARG A 82  ? 0.5260 0.6491 0.6036 0.0221  -0.0156 -0.0328 65 ARG A NH2 
470 N N   . ASP A 83  ? 0.3493 0.4261 0.4217 0.0421  -0.0313 -0.0522 66 ASP A N   
471 C CA  . ASP A 83  ? 0.3904 0.4549 0.4617 0.0420  -0.0330 -0.0500 66 ASP A CA  
472 C C   . ASP A 83  ? 0.3264 0.3903 0.3960 0.0393  -0.0298 -0.0462 66 ASP A C   
473 O O   . ASP A 83  ? 0.4078 0.4780 0.4779 0.0399  -0.0294 -0.0486 66 ASP A O   
474 C CB  . ASP A 83  ? 0.4842 0.5465 0.5572 0.0459  -0.0380 -0.0545 66 ASP A CB  
475 C CG  . ASP A 83  ? 0.5510 0.6031 0.6227 0.0457  -0.0398 -0.0516 66 ASP A CG  
476 O OD1 . ASP A 83  ? 0.4520 0.4989 0.5214 0.0427  -0.0374 -0.0463 66 ASP A OD1 
477 O OD2 . ASP A 83  ? 0.5828 0.6327 0.6559 0.0490  -0.0442 -0.0549 66 ASP A OD2 
478 N N   . ILE A 84  ? 0.3556 0.4136 0.4235 0.0366  -0.0279 -0.0417 67 ILE A N   
479 C CA  . ILE A 84  ? 0.3747 0.4321 0.4418 0.0345  -0.0255 -0.0391 67 ILE A CA  
480 C C   . ILE A 84  ? 0.3582 0.4093 0.4236 0.0351  -0.0268 -0.0380 67 ILE A C   
481 O O   . ILE A 84  ? 0.3804 0.4306 0.4450 0.0339  -0.0252 -0.0363 67 ILE A O   
482 C CB  . ILE A 84  ? 0.3743 0.4320 0.4415 0.0315  -0.0227 -0.0357 67 ILE A CB  
483 C CG1 . ILE A 84  ? 0.3940 0.4464 0.4603 0.0311  -0.0229 -0.0337 67 ILE A CG1 
484 C CG2 . ILE A 84  ? 0.3684 0.4343 0.4371 0.0307  -0.0215 -0.0361 67 ILE A CG2 
485 C CD1 . ILE A 84  ? 0.4112 0.4573 0.4762 0.0317  -0.0245 -0.0328 67 ILE A CD1 
486 N N   . SER A 85  ? 0.4290 0.4762 0.4940 0.0375  -0.0301 -0.0392 68 SER A N   
487 C CA  . SER A 85  ? 0.4319 0.4738 0.4949 0.0375  -0.0311 -0.0366 68 SER A CA  
488 C C   . SER A 85  ? 0.4269 0.4717 0.4891 0.0383  -0.0306 -0.0379 68 SER A C   
489 O O   . SER A 85  ? 0.4762 0.5187 0.5361 0.0380  -0.0304 -0.0354 68 SER A O   
490 C CB  . SER A 85  ? 0.4570 0.4935 0.5201 0.0393  -0.0352 -0.0366 68 SER A CB  
491 O OG  . SER A 85  ? 0.5267 0.5655 0.5920 0.0424  -0.0381 -0.0415 68 SER A OG  
492 N N   . GLU A 86  ? 0.3779 0.4282 0.4418 0.0394  -0.0304 -0.0415 69 GLU A N   
493 C CA  . GLU A 86  ? 0.4575 0.5109 0.5214 0.0403  -0.0302 -0.0433 69 GLU A CA  
494 C C   . GLU A 86  ? 0.4259 0.4841 0.4918 0.0377  -0.0273 -0.0432 69 GLU A C   
495 O O   . GLU A 86  ? 0.3987 0.4609 0.4663 0.0380  -0.0272 -0.0454 69 GLU A O   
496 C CB  . GLU A 86  ? 0.5728 0.6299 0.6382 0.0432  -0.0329 -0.0479 69 GLU A CB  
497 C CG  . GLU A 86  ? 0.6263 0.6774 0.6905 0.0461  -0.0372 -0.0483 69 GLU A CG  
498 C CD  . GLU A 86  ? 0.7194 0.7643 0.7807 0.0464  -0.0386 -0.0448 69 GLU A CD  
499 O OE1 . GLU A 86  ? 0.6619 0.7086 0.7216 0.0457  -0.0366 -0.0438 69 GLU A OE1 
500 O OE2 . GLU A 86  ? 0.8958 0.9345 0.9565 0.0474  -0.0419 -0.0429 69 GLU A OE2 
501 N N   . HIS A 87  ? 0.3789 0.4363 0.4454 0.0351  -0.0252 -0.0405 70 HIS A N   
502 C CA  . HIS A 87  ? 0.3557 0.4161 0.4247 0.0328  -0.0233 -0.0398 70 HIS A CA  
503 C C   . HIS A 87  ? 0.3389 0.3954 0.4076 0.0318  -0.0225 -0.0379 70 HIS A C   
504 O O   . HIS A 87  ? 0.3439 0.3970 0.4101 0.0324  -0.0226 -0.0365 70 HIS A O   
505 C CB  . HIS A 87  ? 0.4277 0.4913 0.4983 0.0307  -0.0220 -0.0384 70 HIS A CB  
506 C CG  . HIS A 87  ? 0.4040 0.4745 0.4755 0.0317  -0.0225 -0.0408 70 HIS A CG  
507 N ND1 . HIS A 87  ? 0.4903 0.5610 0.5605 0.0333  -0.0235 -0.0419 70 HIS A ND1 
508 C CD2 . HIS A 87  ? 0.4316 0.5101 0.5057 0.0307  -0.0221 -0.0422 70 HIS A CD2 
509 C CE1 . HIS A 87  ? 0.5005 0.5798 0.5723 0.0346  -0.0242 -0.0452 70 HIS A CE1 
510 N NE2 . HIS A 87  ? 0.4291 0.5141 0.5031 0.0327  -0.0229 -0.0449 70 HIS A NE2 
511 N N   . THR A 88  ? 0.3445 0.4033 0.4166 0.0305  -0.0223 -0.0387 71 THR A N   
512 C CA  . THR A 88  ? 0.3301 0.3865 0.4032 0.0304  -0.0224 -0.0385 71 THR A CA  
513 C C   . THR A 88  ? 0.3386 0.3927 0.4123 0.0285  -0.0215 -0.0358 71 THR A C   
514 O O   . THR A 88  ? 0.3161 0.3711 0.3906 0.0268  -0.0206 -0.0339 71 THR A O   
515 C CB  . THR A 88  ? 0.3239 0.3826 0.4019 0.0296  -0.0233 -0.0406 71 THR A CB  
516 O OG1 . THR A 88  ? 0.3492 0.4094 0.4317 0.0262  -0.0230 -0.0387 71 THR A OG1 
517 C CG2 . THR A 88  ? 0.3794 0.4411 0.4572 0.0315  -0.0243 -0.0437 71 THR A CG2 
518 N N   . HIS A 89  ? 0.3687 0.4211 0.4422 0.0293  -0.0217 -0.0362 72 HIS A N   
519 C CA  . HIS A 89  ? 0.3385 0.3889 0.4139 0.0280  -0.0215 -0.0347 72 HIS A CA  
520 C C   . HIS A 89  ? 0.3044 0.3550 0.3845 0.0253  -0.0219 -0.0332 72 HIS A C   
521 O O   . HIS A 89  ? 0.3365 0.3863 0.4167 0.0237  -0.0212 -0.0304 72 HIS A O   
522 C CB  . HIS A 89  ? 0.3214 0.3722 0.3980 0.0297  -0.0226 -0.0370 72 HIS A CB  
523 C CG  . HIS A 89  ? 0.3125 0.3615 0.3903 0.0292  -0.0227 -0.0363 72 HIS A CG  
524 N ND1 . HIS A 89  ? 0.3489 0.3981 0.4231 0.0296  -0.0214 -0.0347 72 HIS A ND1 
525 C CD2 . HIS A 89  ? 0.3310 0.3778 0.4139 0.0281  -0.0242 -0.0362 72 HIS A CD2 
526 C CE1 . HIS A 89  ? 0.3601 0.4086 0.4370 0.0297  -0.0221 -0.0353 72 HIS A CE1 
527 N NE2 . HIS A 89  ? 0.3766 0.4228 0.4586 0.0285  -0.0239 -0.0356 72 HIS A NE2 
528 N N   . ASP A 90  ? 0.3243 0.3757 0.4089 0.0247  -0.0235 -0.0347 73 ASP A N   
529 C CA  . ASP A 90  ? 0.3415 0.3931 0.4314 0.0213  -0.0243 -0.0323 73 ASP A CA  
530 C C   . ASP A 90  ? 0.3691 0.4248 0.4575 0.0192  -0.0226 -0.0293 73 ASP A C   
531 O O   . ASP A 90  ? 0.4110 0.4678 0.5017 0.0163  -0.0224 -0.0254 73 ASP A O   
532 C CB  . ASP A 90  ? 0.3981 0.4494 0.4943 0.0207  -0.0268 -0.0345 73 ASP A CB  
533 C CG  . ASP A 90  ? 0.4446 0.4925 0.5439 0.0229  -0.0293 -0.0378 73 ASP A CG  
534 O OD1 . ASP A 90  ? 0.4622 0.5075 0.5603 0.0239  -0.0295 -0.0375 73 ASP A OD1 
535 O OD2 . ASP A 90  ? 0.5385 0.5870 0.6419 0.0236  -0.0315 -0.0411 73 ASP A OD2 
536 N N   . GLN A 91  ? 0.3567 0.4161 0.4422 0.0205  -0.0215 -0.0310 74 GLN A N   
537 C CA  . GLN A 91  ? 0.3185 0.3835 0.4027 0.0194  -0.0202 -0.0294 74 GLN A CA  
538 C C   . GLN A 91  ? 0.3159 0.3806 0.3971 0.0194  -0.0191 -0.0272 74 GLN A C   
539 O O   . GLN A 91  ? 0.3399 0.4094 0.4224 0.0171  -0.0184 -0.0242 74 GLN A O   
540 C CB  . GLN A 91  ? 0.3316 0.4003 0.4132 0.0220  -0.0201 -0.0329 74 GLN A CB  
541 C CG  . GLN A 91  ? 0.3948 0.4675 0.4799 0.0213  -0.0208 -0.0349 74 GLN A CG  
542 C CD  . GLN A 91  ? 0.3825 0.4582 0.4647 0.0246  -0.0212 -0.0386 74 GLN A CD  
543 O OE1 . GLN A 91  ? 0.3519 0.4230 0.4303 0.0279  -0.0220 -0.0406 74 GLN A OE1 
544 N NE2 . GLN A 91  ? 0.3626 0.4465 0.4469 0.0237  -0.0209 -0.0397 74 GLN A NE2 
545 N N   . VAL A 92  ? 0.3281 0.3877 0.4060 0.0216  -0.0191 -0.0281 75 VAL A N   
546 C CA  . VAL A 92  ? 0.3267 0.3855 0.4021 0.0219  -0.0183 -0.0267 75 VAL A CA  
547 C C   . VAL A 92  ? 0.3411 0.3985 0.4188 0.0197  -0.0183 -0.0235 75 VAL A C   
548 O O   . VAL A 92  ? 0.3792 0.4395 0.4563 0.0186  -0.0176 -0.0211 75 VAL A O   
549 C CB  . VAL A 92  ? 0.3935 0.4475 0.4654 0.0244  -0.0185 -0.0282 75 VAL A CB  
550 C CG1 . VAL A 92  ? 0.4549 0.5071 0.5252 0.0243  -0.0180 -0.0267 75 VAL A CG1 
551 C CG2 . VAL A 92  ? 0.3946 0.4497 0.4646 0.0264  -0.0192 -0.0306 75 VAL A CG2 
552 N N   . VAL A 93  ? 0.3663 0.4198 0.4467 0.0192  -0.0195 -0.0235 76 VAL A N   
553 C CA  . VAL A 93  ? 0.3911 0.4427 0.4748 0.0171  -0.0205 -0.0202 76 VAL A CA  
554 C C   . VAL A 93  ? 0.3917 0.4483 0.4780 0.0137  -0.0205 -0.0161 76 VAL A C   
555 O O   . VAL A 93  ? 0.3944 0.4527 0.4803 0.0123  -0.0201 -0.0125 76 VAL A O   
556 C CB  . VAL A 93  ? 0.3477 0.3947 0.4353 0.0177  -0.0227 -0.0221 76 VAL A CB  
557 C CG1 . VAL A 93  ? 0.4657 0.5101 0.5584 0.0153  -0.0250 -0.0187 76 VAL A CG1 
558 C CG2 . VAL A 93  ? 0.3811 0.4258 0.4660 0.0209  -0.0226 -0.0257 76 VAL A CG2 
559 N N   . MET A 94  ? 0.3746 0.4360 0.4626 0.0125  -0.0203 -0.0166 77 MET A N   
560 C CA  . MET A 94  ? 0.4463 0.5149 0.5368 0.0090  -0.0200 -0.0126 77 MET A CA  
561 C C   . MET A 94  ? 0.4012 0.4775 0.4874 0.0095  -0.0180 -0.0118 77 MET A C   
562 O O   . MET A 94  ? 0.4693 0.5514 0.5564 0.0068  -0.0176 -0.0071 77 MET A O   
563 C CB  . MET A 94  ? 0.4987 0.5713 0.5927 0.0075  -0.0203 -0.0138 77 MET A CB  
564 C CG  . MET A 94  ? 0.5920 0.6583 0.6927 0.0055  -0.0233 -0.0129 77 MET A CG  
565 S SD  . MET A 94  ? 0.9218 0.9871 1.0292 -0.0001 -0.0258 -0.0047 77 MET A SD  
566 C CE  . MET A 94  ? 0.7810 0.8492 0.8966 -0.0042 -0.0278 -0.0038 77 MET A CE  
567 N N   . PHE A 95  ? 0.3608 0.4375 0.4430 0.0132  -0.0170 -0.0162 78 PHE A N   
568 C CA  . PHE A 95  ? 0.3878 0.4708 0.4666 0.0149  -0.0160 -0.0174 78 PHE A CA  
569 C C   . PHE A 95  ? 0.4380 0.5189 0.5153 0.0147  -0.0158 -0.0148 78 PHE A C   
570 O O   . PHE A 95  ? 0.3636 0.4525 0.4401 0.0139  -0.0150 -0.0126 78 PHE A O   
571 C CB  . PHE A 95  ? 0.3588 0.4396 0.4345 0.0188  -0.0162 -0.0227 78 PHE A CB  
572 C CG  . PHE A 95  ? 0.3457 0.4298 0.4222 0.0199  -0.0165 -0.0262 78 PHE A CG  
573 C CD1 . PHE A 95  ? 0.4048 0.4973 0.4841 0.0177  -0.0162 -0.0252 78 PHE A CD1 
574 C CD2 . PHE A 95  ? 0.3706 0.4493 0.4451 0.0231  -0.0177 -0.0301 78 PHE A CD2 
575 C CE1 . PHE A 95  ? 0.4246 0.5201 0.5047 0.0191  -0.0167 -0.0289 78 PHE A CE1 
576 C CE2 . PHE A 95  ? 0.3976 0.4792 0.4725 0.0246  -0.0184 -0.0334 78 PHE A CE2 
577 C CZ  . PHE A 95  ? 0.3565 0.4465 0.4342 0.0228  -0.0179 -0.0332 78 PHE A CZ  
578 N N   . ILE A 96  ? 0.3904 0.4620 0.4674 0.0155  -0.0164 -0.0150 79 ILE A N   
579 C CA  . ILE A 96  ? 0.3829 0.4515 0.4594 0.0152  -0.0166 -0.0126 79 ILE A CA  
580 C C   . ILE A 96  ? 0.4217 0.4933 0.5009 0.0119  -0.0172 -0.0070 79 ILE A C   
581 O O   . ILE A 96  ? 0.4380 0.5151 0.5156 0.0116  -0.0167 -0.0048 79 ILE A O   
582 C CB  . ILE A 96  ? 0.3956 0.4553 0.4718 0.0168  -0.0174 -0.0144 79 ILE A CB  
583 C CG1 . ILE A 96  ? 0.3658 0.4242 0.4389 0.0195  -0.0168 -0.0183 79 ILE A CG1 
584 C CG2 . ILE A 96  ? 0.3654 0.4227 0.4420 0.0164  -0.0180 -0.0118 79 ILE A CG2 
585 C CD1 . ILE A 96  ? 0.3371 0.3896 0.4099 0.0208  -0.0171 -0.0202 79 ILE A CD1 
586 N N   . LYS A 97  ? 0.4728 0.5419 0.5563 0.0093  -0.0187 -0.0044 80 LYS A N   
587 C CA  . LYS A 97  ? 0.5663 0.6373 0.6532 0.0055  -0.0200 0.0019  80 LYS A CA  
588 C C   . LYS A 97  ? 0.5994 0.6833 0.6853 0.0032  -0.0184 0.0055  80 LYS A C   
589 O O   . LYS A 97  ? 0.6319 0.7199 0.7181 0.0009  -0.0188 0.0112  80 LYS A O   
590 C CB  . LYS A 97  ? 0.6805 0.7477 0.7734 0.0027  -0.0222 0.0036  80 LYS A CB  
591 C CG  . LYS A 97  ? 0.7378 0.7939 0.8341 0.0040  -0.0250 0.0013  80 LYS A CG  
592 C CD  . LYS A 97  ? 0.8888 0.9424 0.9921 0.0011  -0.0277 0.0029  80 LYS A CD  
593 C CE  . LYS A 97  ? 0.9972 1.0406 1.1058 0.0019  -0.0320 0.0020  80 LYS A CE  
594 N NZ  . LYS A 97  ? 0.9805 1.0198 1.0864 0.0067  -0.0316 -0.0054 80 LYS A NZ  
595 N N   . ALA A 98  ? 0.5799 0.6711 0.6645 0.0041  -0.0168 0.0020  81 ALA A N   
596 C CA  . ALA A 98  ? 0.5999 0.7058 0.6840 0.0023  -0.0152 0.0043  81 ALA A CA  
597 C C   . ALA A 98  ? 0.7016 0.8146 0.7817 0.0041  -0.0143 0.0047  81 ALA A C   
598 O O   . ALA A 98  ? 0.7946 0.9209 0.8742 0.0021  -0.0133 0.0086  81 ALA A O   
599 C CB  . ALA A 98  ? 0.6410 0.7529 0.7246 0.0042  -0.0142 -0.0012 81 ALA A CB  
600 N N   . SER A 99  ? 0.6596 0.7651 0.7368 0.0079  -0.0144 0.0006  82 SER A N   
601 C CA  . SER A 99  ? 0.7691 0.8807 0.8428 0.0102  -0.0138 -0.0003 82 SER A CA  
602 C C   . SER A 99  ? 0.8346 0.9451 0.9084 0.0082  -0.0146 0.0059  82 SER A C   
603 O O   . SER A 99  ? 1.0894 1.2038 1.1606 0.0101  -0.0144 0.0052  82 SER A O   
604 C CB  . SER A 99  ? 0.7001 0.8052 0.7715 0.0146  -0.0140 -0.0073 82 SER A CB  
605 O OG  . SER A 99  ? 0.7859 0.8780 0.8578 0.0148  -0.0149 -0.0068 82 SER A OG  
606 N N   . ARG A 100 ? 0.8291 0.9347 0.9064 0.0042  -0.0160 0.0121  83 ARG A N   
607 C CA  . ARG A 100 ? 0.8933 0.9990 0.9715 0.0015  -0.0175 0.0196  83 ARG A CA  
608 C C   . ARG A 100 ? 0.9345 1.0544 1.0139 -0.0029 -0.0170 0.0269  83 ARG A C   
609 O O   . ARG A 100 ? 0.8733 0.9994 0.9515 -0.0044 -0.0174 0.0329  83 ARG A O   
610 C CB  . ARG A 100 ? 0.8297 0.9210 0.9125 -0.0001 -0.0205 0.0218  83 ARG A CB  
611 C CG  . ARG A 100 ? 0.8643 0.9438 0.9467 0.0038  -0.0207 0.0146  83 ARG A CG  
612 C CD  . ARG A 100 ? 0.9075 0.9750 0.9950 0.0028  -0.0239 0.0155  83 ARG A CD  
613 N NE  . ARG A 100 ? 0.9259 0.9924 1.0187 -0.0007 -0.0255 0.0182  83 ARG A NE  
614 C CZ  . ARG A 100 ? 0.9608 1.0174 1.0592 -0.0015 -0.0290 0.0185  83 ARG A CZ  
615 N NH1 . ARG A 100 ? 0.9179 0.9656 1.0176 0.0008  -0.0316 0.0167  83 ARG A NH1 
616 N NH2 . ARG A 100 ? 0.8450 0.9014 0.9487 -0.0046 -0.0304 0.0198  83 ARG A NH2 
617 N N   . GLU A 101 ? 1.0026 1.1280 1.0843 -0.0050 -0.0161 0.0266  84 GLU A N   
618 C CA  . GLU A 101 ? 1.0862 1.2284 1.1688 -0.0090 -0.0147 0.0317  84 GLU A CA  
619 C C   . GLU A 101 ? 1.1106 1.2694 1.1883 -0.0054 -0.0121 0.0268  84 GLU A C   
620 O O   . GLU A 101 ? 1.1287 1.3048 1.2060 -0.0076 -0.0108 0.0302  84 GLU A O   
621 C CB  . GLU A 101 ? 1.0462 1.1887 1.1327 -0.0111 -0.0146 0.0301  84 GLU A CB  
622 C CG  . GLU A 101 ? 1.0501 1.1835 1.1436 -0.0165 -0.0173 0.0367  84 GLU A CG  
623 C CD  . GLU A 101 ? 1.0633 1.1771 1.1586 -0.0149 -0.0203 0.0354  84 GLU A CD  
624 O OE1 . GLU A 101 ? 1.0060 1.1111 1.0994 -0.0101 -0.0199 0.0273  84 GLU A OE1 
625 O OE2 . GLU A 101 ? 1.0334 1.1415 1.1325 -0.0183 -0.0234 0.0427  84 GLU A OE2 
626 N N   . SER A 102 ? 1.1509 1.3051 1.2252 0.0004  -0.0118 0.0183  85 SER A N   
627 C CA  . SER A 102 ? 1.1979 1.3664 1.2690 0.0044  -0.0103 0.0119  85 SER A CA  
628 C C   . SER A 102 ? 1.2041 1.3868 1.2723 0.0045  -0.0098 0.0156  85 SER A C   
629 O O   . SER A 102 ? 1.1051 1.2880 1.1740 0.0005  -0.0105 0.0245  85 SER A O   
630 C CB  . SER A 102 ? 1.1532 1.3124 1.2229 0.0102  -0.0109 0.0020  85 SER A CB  
631 O OG  . SER A 102 ? 0.9941 1.1425 1.0623 0.0123  -0.0118 0.0009  85 SER A OG  
632 N N   . HIS A 103 ? 1.2717 1.4664 1.3372 0.0094  -0.0092 0.0083  86 HIS A N   
633 C CA  . HIS A 103 ? 1.2493 1.4659 1.3124 0.0101  -0.0083 0.0094  86 HIS A CA  
634 C C   . HIS A 103 ? 1.1267 1.3431 1.1872 0.0107  -0.0089 0.0132  86 HIS A C   
635 O O   . HIS A 103 ? 1.0610 1.2700 1.1223 0.0066  -0.0096 0.0221  86 HIS A O   
636 C CB  . HIS A 103 ? 1.3642 1.5915 1.4265 0.0162  -0.0083 -0.0019 86 HIS A CB  
637 C CG  . HIS A 103 ? 1.4672 1.7208 1.5276 0.0177  -0.0073 -0.0028 86 HIS A CG  
638 N ND1 . HIS A 103 ? 1.4845 1.7485 1.5421 0.0177  -0.0071 0.0015  86 HIS A ND1 
639 C CD2 . HIS A 103 ? 1.3792 1.6523 1.4400 0.0196  -0.0066 -0.0078 86 HIS A CD2 
640 C CE1 . HIS A 103 ? 1.4498 1.7393 1.5060 0.0193  -0.0062 -0.0006 86 HIS A CE1 
641 N NE2 . HIS A 103 ? 1.4424 1.7382 1.5007 0.0206  -0.0059 -0.0067 86 HIS A NE2 
642 N N   . SER A 104 ? 0.8969 1.0878 0.9574 0.0189  -0.0111 -0.0017 87 SER A N   
643 C CA  . SER A 104 ? 0.8562 1.0419 0.9151 0.0198  -0.0120 0.0004  87 SER A CA  
644 C C   . SER A 104 ? 0.8288 0.9961 0.8893 0.0162  -0.0127 0.0065  87 SER A C   
645 O O   . SER A 104 ? 0.7983 0.9579 0.8581 0.0172  -0.0138 0.0074  87 SER A O   
646 C CB  . SER A 104 ? 0.8710 1.0535 0.9294 0.0256  -0.0133 -0.0091 87 SER A CB  
647 O OG  . SER A 104 ? 0.8945 1.0663 0.9548 0.0274  -0.0141 -0.0156 87 SER A OG  
648 N N   . ARG A 105 ? 0.6820 0.8426 0.7452 0.0125  -0.0125 0.0097  88 ARG A N   
649 C CA  . ARG A 105 ? 0.7744 0.9173 0.8402 0.0098  -0.0137 0.0140  88 ARG A CA  
650 C C   . ARG A 105 ? 0.6957 0.8238 0.7615 0.0134  -0.0145 0.0072  88 ARG A C   
651 O O   . ARG A 105 ? 0.7979 0.9123 0.8655 0.0123  -0.0156 0.0087  88 ARG A O   
652 C CB  . ARG A 105 ? 0.9108 1.0547 0.9766 0.0068  -0.0150 0.0228  88 ARG A CB  
653 C CG  . ARG A 105 ? 1.0037 1.1403 1.0738 0.0015  -0.0166 0.0310  88 ARG A CG  
654 C CD  . ARG A 105 ? 1.0660 1.1881 1.1379 0.0009  -0.0195 0.0345  88 ARG A CD  
655 N NE  . ARG A 105 ? 1.1584 1.2847 1.2268 0.0033  -0.0198 0.0353  88 ARG A NE  
656 C CZ  . ARG A 105 ? 1.0903 1.2059 1.1590 0.0055  -0.0217 0.0338  88 ARG A CZ  
657 N NH1 . ARG A 105 ? 1.0109 1.1315 1.0759 0.0089  -0.0213 0.0313  88 ARG A NH1 
658 N NH2 . ARG A 105 ? 0.9977 1.0982 1.0700 0.0048  -0.0240 0.0340  88 ARG A NH2 
659 N N   . GLU A 106 ? 0.5892 0.7204 0.6533 0.0175  -0.0141 -0.0006 89 GLU A N   
660 C CA  . GLU A 106 ? 0.5122 0.6325 0.5763 0.0208  -0.0149 -0.0068 89 GLU A CA  
661 C C   . GLU A 106 ? 0.4231 0.5362 0.4886 0.0214  -0.0148 -0.0112 89 GLU A C   
662 O O   . GLU A 106 ? 0.5449 0.6649 0.6108 0.0213  -0.0143 -0.0127 89 GLU A O   
663 C CB  . GLU A 106 ? 0.5470 0.6765 0.6097 0.0248  -0.0153 -0.0126 89 GLU A CB  
664 C CG  . GLU A 106 ? 0.6320 0.7521 0.6950 0.0276  -0.0164 -0.0174 89 GLU A CG  
665 C CD  . GLU A 106 ? 0.6996 0.8287 0.7625 0.0316  -0.0176 -0.0236 89 GLU A CD  
666 O OE1 . GLU A 106 ? 0.5616 0.6962 0.6253 0.0342  -0.0185 -0.0293 89 GLU A OE1 
667 O OE2 . GLU A 106 ? 0.6791 0.8092 0.7412 0.0326  -0.0182 -0.0231 89 GLU A OE2 
668 N N   . LEU A 107 ? 0.4131 0.5130 0.4792 0.0221  -0.0154 -0.0129 90 LEU A N   
669 C CA  . LEU A 107 ? 0.3806 0.4733 0.4475 0.0228  -0.0156 -0.0166 90 LEU A CA  
670 C C   . LEU A 107 ? 0.4413 0.5325 0.5079 0.0262  -0.0167 -0.0224 90 LEU A C   
671 O O   . LEU A 107 ? 0.4410 0.5294 0.5075 0.0268  -0.0172 -0.0226 90 LEU A O   
672 C CB  . LEU A 107 ? 0.3752 0.4565 0.4433 0.0210  -0.0158 -0.0141 90 LEU A CB  
673 C CG  . LEU A 107 ? 0.3685 0.4424 0.4370 0.0219  -0.0160 -0.0173 90 LEU A CG  
674 C CD1 . LEU A 107 ? 0.4189 0.4962 0.4882 0.0210  -0.0157 -0.0174 90 LEU A CD1 
675 C CD2 . LEU A 107 ? 0.4263 0.4909 0.4957 0.0213  -0.0162 -0.0164 90 LEU A CD2 
676 N N   . ALA A 108 ? 0.3319 0.4244 0.3991 0.0280  -0.0176 -0.0269 91 ALA A N   
677 C CA  . ALA A 108 ? 0.3769 0.4668 0.4450 0.0309  -0.0196 -0.0320 91 ALA A CA  
678 C C   . ALA A 108 ? 0.4139 0.4941 0.4825 0.0306  -0.0202 -0.0326 91 ALA A C   
679 O O   . ALA A 108 ? 0.4057 0.4863 0.4743 0.0304  -0.0201 -0.0329 91 ALA A O   
680 C CB  . ALA A 108 ? 0.3984 0.4998 0.4670 0.0340  -0.0210 -0.0368 91 ALA A CB  
681 N N   . LEU A 109 ? 0.4015 0.4728 0.4705 0.0301  -0.0207 -0.0321 92 LEU A N   
682 C CA  . LEU A 109 ? 0.3606 0.4237 0.4299 0.0297  -0.0215 -0.0321 92 LEU A CA  
683 C C   . LEU A 109 ? 0.3967 0.4561 0.4681 0.0314  -0.0243 -0.0353 92 LEU A C   
684 O O   . LEU A 109 ? 0.4175 0.4762 0.4902 0.0316  -0.0251 -0.0359 92 LEU A O   
685 C CB  . LEU A 109 ? 0.3499 0.4069 0.4184 0.0276  -0.0198 -0.0284 92 LEU A CB  
686 C CG  . LEU A 109 ? 0.3645 0.4227 0.4324 0.0258  -0.0180 -0.0253 92 LEU A CG  
687 C CD1 . LEU A 109 ? 0.4314 0.4847 0.4992 0.0246  -0.0172 -0.0233 92 LEU A CD1 
688 C CD2 . LEU A 109 ? 0.4049 0.4638 0.4727 0.0256  -0.0178 -0.0255 92 LEU A CD2 
689 N N   . VAL A 110 ? 0.3763 0.4330 0.4485 0.0327  -0.0264 -0.0373 93 VAL A N   
690 C CA  . VAL A 110 ? 0.3265 0.3765 0.4014 0.0334  -0.0299 -0.0388 93 VAL A CA  
691 C C   . VAL A 110 ? 0.3787 0.4218 0.4522 0.0308  -0.0287 -0.0342 93 VAL A C   
692 O O   . VAL A 110 ? 0.3723 0.4149 0.4438 0.0306  -0.0277 -0.0332 93 VAL A O   
693 C CB  . VAL A 110 ? 0.3292 0.3797 0.4066 0.0366  -0.0340 -0.0437 93 VAL A CB  
694 C CG1 . VAL A 110 ? 0.4141 0.4553 0.4946 0.0363  -0.0380 -0.0433 93 VAL A CG1 
695 C CG2 . VAL A 110 ? 0.3864 0.4466 0.4654 0.0396  -0.0351 -0.0489 93 VAL A CG2 
696 N N   . ILE A 111 ? 0.3390 0.3781 0.4138 0.0289  -0.0289 -0.0320 94 ILE A N   
697 C CA  . ILE A 111 ? 0.3653 0.4001 0.4385 0.0264  -0.0278 -0.0276 94 ILE A CA  
698 C C   . ILE A 111 ? 0.3336 0.3628 0.4097 0.0254  -0.0313 -0.0263 94 ILE A C   
699 O O   . ILE A 111 ? 0.3646 0.3921 0.4447 0.0261  -0.0344 -0.0286 94 ILE A O   
700 C CB  . ILE A 111 ? 0.3562 0.3936 0.4279 0.0246  -0.0242 -0.0253 94 ILE A CB  
701 C CG1 . ILE A 111 ? 0.4208 0.4585 0.4948 0.0238  -0.0246 -0.0255 94 ILE A CG1 
702 C CG2 . ILE A 111 ? 0.3331 0.3743 0.4027 0.0253  -0.0220 -0.0258 94 ILE A CG2 
703 C CD1 . ILE A 111 ? 0.4092 0.4436 0.4851 0.0215  -0.0258 -0.0228 94 ILE A CD1 
704 N N   . ARG A 112 ? 0.3605 0.3866 0.4354 0.0233  -0.0310 -0.0220 95 ARG A N   
705 C CA  . ARG A 112 ? 0.4315 0.4527 0.5092 0.0212  -0.0339 -0.0188 95 ARG A CA  
706 C C   . ARG A 112 ? 0.3484 0.3721 0.4253 0.0177  -0.0312 -0.0144 95 ARG A C   
707 O O   . ARG A 112 ? 0.3990 0.4270 0.4721 0.0172  -0.0275 -0.0127 95 ARG A O   
708 C CB  . ARG A 112 ? 0.4470 0.4644 0.5237 0.0215  -0.0363 -0.0167 95 ARG A CB  
709 C CG  . ARG A 112 ? 0.5664 0.5790 0.6453 0.0182  -0.0391 -0.0109 95 ARG A CG  
710 C CD  . ARG A 112 ? 0.6620 0.6698 0.7408 0.0199  -0.0431 -0.0104 95 ARG A CD  
711 N NE  . ARG A 112 ? 0.6900 0.6946 0.7721 0.0238  -0.0473 -0.0167 95 ARG A NE  
712 C CZ  . ARG A 112 ? 0.8230 0.8221 0.9112 0.0245  -0.0528 -0.0191 95 ARG A CZ  
713 N NH1 . ARG A 112 ? 0.7572 0.7532 0.8498 0.0213  -0.0548 -0.0161 95 ARG A NH1 
714 N NH2 . ARG A 112 ? 0.6742 0.6721 0.7649 0.0289  -0.0569 -0.0254 95 ARG A NH2 
715 N N   . ARG A 113 ? 0.4373 0.4593 0.5184 0.0155  -0.0330 -0.0129 96 ARG A N   
716 C CA  . ARG A 113 ? 0.4937 0.5197 0.5748 0.0120  -0.0303 -0.0088 96 ARG A CA  
717 C C   . ARG A 113 ? 0.5653 0.5877 0.6499 0.0081  -0.0336 -0.0033 96 ARG A C   
718 O O   . ARG A 113 ? 0.4949 0.5109 0.5834 0.0085  -0.0382 -0.0040 96 ARG A O   
719 C CB  . ARG A 113 ? 0.4435 0.4722 0.5260 0.0131  -0.0292 -0.0127 96 ARG A CB  
720 C CG  . ARG A 113 ? 0.4848 0.5177 0.5688 0.0104  -0.0273 -0.0109 96 ARG A CG  
721 C CD  . ARG A 113 ? 0.5046 0.5395 0.5897 0.0126  -0.0268 -0.0157 96 ARG A CD  
722 N NE  . ARG A 113 ? 0.4008 0.4386 0.4817 0.0154  -0.0240 -0.0182 96 ARG A NE  
723 C CZ  . ARG A 113 ? 0.4051 0.4457 0.4860 0.0174  -0.0233 -0.0214 96 ARG A CZ  
724 N NH1 . ARG A 113 ? 0.3915 0.4325 0.4758 0.0173  -0.0249 -0.0232 96 ARG A NH1 
725 N NH2 . ARG A 113 ? 0.4026 0.4452 0.4800 0.0192  -0.0213 -0.0224 96 ARG A NH2 
726 N N   . ARG A 114 ? 0.6343 0.6617 0.7175 0.0046  -0.0313 0.0023  97 ARG A N   
727 C CA  . ARG A 114 ? 0.8475 0.8731 0.9347 -0.0004 -0.0341 0.0091  97 ARG A CA  
728 C C   . ARG A 114 ? 0.9088 0.9400 0.9992 -0.0037 -0.0324 0.0103  97 ARG A C   
729 O O   . ARG A 114 ? 0.9148 0.9422 1.0117 -0.0067 -0.0359 0.0123  97 ARG A O   
730 C CB  . ARG A 114 ? 0.7945 0.8230 0.8784 -0.0026 -0.0337 0.0158  97 ARG A CB  
731 C CG  . ARG A 114 ? 0.9143 0.9490 0.9913 0.0004  -0.0296 0.0138  97 ARG A CG  
732 C CD  . ARG A 114 ? 0.9823 1.0168 1.0559 0.0002  -0.0308 0.0184  97 ARG A CD  
733 N NE  . ARG A 114 ? 0.9721 1.0005 1.0439 0.0046  -0.0325 0.0139  97 ARG A NE  
734 C CZ  . ARG A 114 ? 0.9549 0.9738 1.0302 0.0056  -0.0375 0.0130  97 ARG A CZ  
735 N NH1 . ARG A 114 ? 0.8633 0.8767 0.9427 0.0021  -0.0420 0.0188  97 ARG A NH1 
736 N NH2 . ARG A 114 ? 0.7892 0.8047 0.8641 0.0100  -0.0381 0.0062  97 ARG A NH2 
737 O OXT . ARG A 114 ? 1.0499 1.0896 1.1372 -0.0032 -0.0279 0.0090  97 ARG A OXT 
738 N N   . SER B 7   ? 0.6863 0.8607 0.7746 0.0498  -0.0188 -0.0429 1  SER B N   
739 C CA  . SER B 7   ? 0.5898 0.7492 0.6819 0.0475  -0.0141 -0.0324 1  SER B CA  
740 C C   . SER B 7   ? 0.5006 0.6338 0.5916 0.0421  -0.0165 -0.0395 1  SER B C   
741 O O   . SER B 7   ? 0.5230 0.6545 0.6127 0.0430  -0.0184 -0.0445 1  SER B O   
742 C CB  . SER B 7   ? 0.6639 0.8420 0.7570 0.0516  -0.0119 -0.0273 1  SER B CB  
743 O OG  . SER B 7   ? 0.6364 0.8038 0.7354 0.0483  -0.0066 -0.0162 1  SER B OG  
744 N N   . LYS B 8   ? 0.3986 0.5146 0.4910 0.0373  -0.0159 -0.0385 2  LYS B N   
745 C CA  . LYS B 8   ? 0.3843 0.4825 0.4751 0.0330  -0.0188 -0.0444 2  LYS B CA  
746 C C   . LYS B 8   ? 0.4122 0.5016 0.5052 0.0313  -0.0166 -0.0423 2  LYS B C   
747 O O   . LYS B 8   ? 0.3481 0.4402 0.4461 0.0309  -0.0119 -0.0357 2  LYS B O   
748 C CB  . LYS B 8   ? 0.4140 0.5042 0.5056 0.0288  -0.0184 -0.0431 2  LYS B CB  
749 C CG  . LYS B 8   ? 0.4711 0.5698 0.5608 0.0284  -0.0214 -0.0475 2  LYS B CG  
750 C CD  . LYS B 8   ? 0.4963 0.5919 0.5870 0.0244  -0.0208 -0.0457 2  LYS B CD  
751 C CE  . LYS B 8   ? 0.5753 0.6828 0.6653 0.0227  -0.0237 -0.0510 2  LYS B CE  
752 N NZ  . LYS B 8   ? 0.6712 0.7716 0.7617 0.0159  -0.0246 -0.0515 2  LYS B NZ  
753 N N   . GLU B 9   ? 0.3630 0.4429 0.4532 0.0303  -0.0199 -0.0480 3  GLU B N   
754 C CA  . GLU B 9   ? 0.3552 0.4307 0.4469 0.0288  -0.0185 -0.0479 3  GLU B CA  
755 C C   . GLU B 9   ? 0.3078 0.3721 0.3960 0.0275  -0.0222 -0.0511 3  GLU B C   
756 O O   . GLU B 9   ? 0.3558 0.4160 0.4409 0.0302  -0.0264 -0.0551 3  GLU B O   
757 C CB  . GLU B 9   ? 0.3935 0.4800 0.4852 0.0323  -0.0181 -0.0489 3  GLU B CB  
758 C CG  . GLU B 9   ? 0.3922 0.4782 0.4859 0.0303  -0.0170 -0.0501 3  GLU B CG  
759 C CD  . GLU B 9   ? 0.4214 0.5212 0.5152 0.0332  -0.0167 -0.0516 3  GLU B CD  
760 O OE1 . GLU B 9   ? 0.3836 0.4937 0.4750 0.0381  -0.0180 -0.0523 3  GLU B OE1 
761 O OE2 . GLU B 9   ? 0.3922 0.4965 0.4889 0.0307  -0.0150 -0.0532 3  GLU B OE2 
762 N N   . THR B 10  ? 0.3114 0.3719 0.4016 0.0235  -0.0206 -0.0495 4  THR B N   
763 C CA  . THR B 10  ? 0.3046 0.3591 0.3925 0.0218  -0.0229 -0.0492 4  THR B CA  
764 C C   . THR B 10  ? 0.3566 0.4159 0.4448 0.0221  -0.0223 -0.0498 4  THR B C   
765 O O   . THR B 10  ? 0.3669 0.4329 0.4597 0.0195  -0.0188 -0.0514 4  THR B O   
766 C CB  . THR B 10  ? 0.3293 0.3824 0.4185 0.0174  -0.0220 -0.0470 4  THR B CB  
767 O OG1 . THR B 10  ? 0.3773 0.4293 0.4657 0.0175  -0.0232 -0.0473 4  THR B OG1 
768 C CG2 . THR B 10  ? 0.4313 0.4808 0.5182 0.0150  -0.0244 -0.0445 4  THR B CG2 
769 N N   . GLU B 11  ? 0.3780 0.4339 0.4624 0.0249  -0.0255 -0.0484 5  GLU B N   
770 C CA  . GLU B 11  ? 0.3799 0.4449 0.4638 0.0265  -0.0253 -0.0478 5  GLU B CA  
771 C C   . GLU B 11  ? 0.4052 0.4755 0.4899 0.0221  -0.0243 -0.0451 5  GLU B C   
772 O O   . GLU B 11  ? 0.3994 0.4627 0.4828 0.0199  -0.0260 -0.0396 5  GLU B O   
773 C CB  . GLU B 11  ? 0.3840 0.4434 0.4639 0.0330  -0.0291 -0.0451 5  GLU B CB  
774 C CG  . GLU B 11  ? 0.4934 0.5540 0.5728 0.0386  -0.0302 -0.0500 5  GLU B CG  
775 C CD  . GLU B 11  ? 0.5710 0.6244 0.6478 0.0471  -0.0342 -0.0495 5  GLU B CD  
776 O OE1 . GLU B 11  ? 0.5372 0.5819 0.6132 0.0485  -0.0359 -0.0430 5  GLU B OE1 
777 O OE2 . GLU B 11  ? 0.4172 0.4727 0.4933 0.0524  -0.0354 -0.0552 5  GLU B OE2 
778 N N   . CYS B 12  ? 0.4503 0.5350 0.5387 0.0203  -0.0216 -0.0496 6  CYS B N   
779 C CA  . CYS B 12  ? 0.3743 0.4716 0.4647 0.0172  -0.0204 -0.0506 6  CYS B CA  
780 C C   . CYS B 12  ? 0.3648 0.4836 0.4545 0.0194  -0.0207 -0.0516 6  CYS B C   
781 O O   . CYS B 12  ? 0.4361 0.5617 0.5251 0.0231  -0.0210 -0.0542 6  CYS B O   
782 C CB  . CYS B 12  ? 0.4384 0.5359 0.5360 0.0131  -0.0168 -0.0578 6  CYS B CB  
783 S SG  . CYS B 12  ? 0.4897 0.5697 0.5875 0.0120  -0.0163 -0.0539 6  CYS B SG  
784 O OXT . CYS B 12  ? 0.4828 0.6161 0.5725 0.0179  -0.0205 -0.0502 6  CYS B OXT 
# 
